data_7LKC
# 
_entry.id   7LKC 
# 
_audit_conform.dict_name       mmcif_pdbx.dic 
_audit_conform.dict_version    5.395 
_audit_conform.dict_location   http://mmcif.pdb.org/dictionaries/ascii/mmcif_pdbx.dic 
# 
loop_
_database_2.database_id 
_database_2.database_code 
_database_2.pdbx_database_accession 
_database_2.pdbx_DOI 
PDB   7LKC         pdb_00007lkc 10.2210/pdb7lkc/pdb 
WWPDB D_1000254242 ?            ?                   
# 
loop_
_pdbx_audit_revision_history.ordinal 
_pdbx_audit_revision_history.data_content_type 
_pdbx_audit_revision_history.major_revision 
_pdbx_audit_revision_history.minor_revision 
_pdbx_audit_revision_history.revision_date 
1 'Structure model' 1 0 2022-12-07 
2 'Structure model' 2 0 2023-11-15 
3 'Structure model' 2 1 2024-07-24 
# 
_pdbx_audit_revision_details.ordinal             1 
_pdbx_audit_revision_details.revision_ordinal    1 
_pdbx_audit_revision_details.data_content_type   'Structure model' 
_pdbx_audit_revision_details.provider            repository 
_pdbx_audit_revision_details.type                'Initial release' 
_pdbx_audit_revision_details.description         ? 
_pdbx_audit_revision_details.details             ? 
# 
loop_
_pdbx_audit_revision_group.ordinal 
_pdbx_audit_revision_group.revision_ordinal 
_pdbx_audit_revision_group.data_content_type 
_pdbx_audit_revision_group.group 
1 2 'Structure model' 'Atomic model'         
2 2 'Structure model' 'Data collection'      
3 2 'Structure model' 'Derived calculations' 
4 3 'Structure model' 'Database references'  
# 
loop_
_pdbx_audit_revision_category.ordinal 
_pdbx_audit_revision_category.revision_ordinal 
_pdbx_audit_revision_category.data_content_type 
_pdbx_audit_revision_category.category 
1 2 'Structure model' atom_site       
2 2 'Structure model' chem_comp_atom  
3 2 'Structure model' chem_comp_bond  
4 2 'Structure model' struct_conn     
5 3 'Structure model' citation        
6 3 'Structure model' citation_author 
# 
loop_
_pdbx_audit_revision_item.ordinal 
_pdbx_audit_revision_item.revision_ordinal 
_pdbx_audit_revision_item.data_content_type 
_pdbx_audit_revision_item.item 
1  2 'Structure model' '_atom_site.auth_atom_id'             
2  2 'Structure model' '_atom_site.label_atom_id'            
3  2 'Structure model' '_struct_conn.pdbx_leaving_atom_flag' 
4  3 'Structure model' '_citation.country'                   
5  3 'Structure model' '_citation.journal_abbrev'            
6  3 'Structure model' '_citation.journal_id_CSD'            
7  3 'Structure model' '_citation.journal_id_ISSN'           
8  3 'Structure model' '_citation.journal_volume'            
9  3 'Structure model' '_citation.page_first'                
10 3 'Structure model' '_citation.page_last'                 
11 3 'Structure model' '_citation.pdbx_database_id_DOI'      
12 3 'Structure model' '_citation.pdbx_database_id_PubMed'   
13 3 'Structure model' '_citation.title'                     
14 3 'Structure model' '_citation.year'                      
# 
_pdbx_database_status.status_code                     REL 
_pdbx_database_status.status_code_sf                  REL 
_pdbx_database_status.status_code_mr                  ? 
_pdbx_database_status.entry_id                        7LKC 
_pdbx_database_status.recvd_initial_deposition_date   2021-02-02 
_pdbx_database_status.SG_entry                        N 
_pdbx_database_status.deposit_site                    RCSB 
_pdbx_database_status.process_site                    RCSB 
_pdbx_database_status.status_code_cs                  ? 
_pdbx_database_status.status_code_nmr_data            ? 
_pdbx_database_status.methods_development_category    ? 
_pdbx_database_status.pdb_format_compatible           Y 
# 
loop_
_audit_author.name 
_audit_author.pdbx_ordinal 
_audit_author.identifier_ORCID 
'Davis, K.M.'          1 0000-0002-4351-5341 
'Jeffrey, P.D.'        2 0000-0002-0258-8907 
'Seyedsayamdost, M.R.' 3 0000-0003-2707-4854 
# 
_citation.abstract                  ? 
_citation.abstract_id_CAS           ? 
_citation.book_id_ISBN              ? 
_citation.book_publisher            ? 
_citation.book_publisher_city       ? 
_citation.book_title                ? 
_citation.coordinate_linkage        ? 
_citation.country                   US 
_citation.database_id_Medline       ? 
_citation.details                   ? 
_citation.id                        primary 
_citation.journal_abbrev            Nat.Chem.Biol. 
_citation.journal_id_ASTM           ? 
_citation.journal_id_CSD            ? 
_citation.journal_id_ISSN           1552-4469 
_citation.journal_full              ? 
_citation.journal_issue             ? 
_citation.journal_volume            20 
_citation.language                  ? 
_citation.page_first                924 
_citation.page_last                 933 
_citation.title                     'Potent and specific antibiotic combination therapy against Clostridioides difficile.' 
_citation.year                      2024 
_citation.database_id_CSD           ? 
_citation.pdbx_database_id_DOI      10.1038/s41589-024-01651-z 
_citation.pdbx_database_id_PubMed   38942968 
_citation.unpublished_flag          ? 
# 
loop_
_citation_author.citation_id 
_citation_author.name 
_citation_author.ordinal 
_citation_author.identifier_ORCID 
primary 'Chioti, V.T.'         1 ?                   
primary 'McWhorter, K.L.'      2 ?                   
primary 'Blue, T.C.'           3 ?                   
primary 'Li, Y.'               4 ?                   
primary 'Xu, F.'               5 0000-0002-0372-5643 
primary 'Jeffrey, P.D.'        6 ?                   
primary 'Davis, K.M.'          7 0000-0002-0258-8907 
primary 'Seyedsayamdost, M.R.' 8 0000-0003-2707-4854 
# 
loop_
_entity.id 
_entity.type 
_entity.src_method 
_entity.pdbx_description 
_entity.formula_weight 
_entity.pdbx_number_of_molecules 
_entity.pdbx_ec 
_entity.pdbx_mutation 
_entity.pdbx_fragment 
_entity.details 
1 polymer     nat 'Keratinimicin A peptide moiety'                                  1205.011 2  ? ? ? ? 
2 branched    nat 'alpha-L-rhamnopyranose-(1-2)-beta-D-glucopyranose'               326.297  2  ? ? ? ? 
3 non-polymer nat alpha-D-mannopyranose                                             180.156  2  ? ? ? ? 
4 non-polymer nat '(2~{S},4~{S},5~{R},6~{S})-4-azanyl-5-methoxy-6-methyl-oxan-2-ol' 161.199  2  ? ? ? ? 
5 non-polymer syn 'FORMIC ACID'                                                     46.025   2  ? ? ? ? 
6 non-polymer syn 'CHLORIDE ION'                                                    35.453   1  ? ? ? ? 
7 water       nat water                                                             18.015   54 ? ? ? ? 
# 
_entity_poly.entity_id                      1 
_entity_poly.type                           'polypeptide(L)' 
_entity_poly.nstd_linkage                   no 
_entity_poly.nstd_monomer                   yes 
_entity_poly.pdbx_seq_one_letter_code       '(0UZ)(HTY)F(GHP)(GHP)(OMY)(3FG)' 
_entity_poly.pdbx_seq_one_letter_code_can   XXFGGYX 
_entity_poly.pdbx_strand_id                 A,B 
_entity_poly.pdbx_target_identifier         ? 
# 
loop_
_pdbx_entity_nonpoly.entity_id 
_pdbx_entity_nonpoly.name 
_pdbx_entity_nonpoly.comp_id 
3 alpha-D-mannopyranose                                             MAN 
4 '(2~{S},4~{S},5~{R},6~{S})-4-azanyl-5-methoxy-6-methyl-oxan-2-ol' YBJ 
5 'FORMIC ACID'                                                     FMT 
6 'CHLORIDE ION'                                                    CL  
7 water                                                             HOH 
# 
loop_
_entity_poly_seq.entity_id 
_entity_poly_seq.num 
_entity_poly_seq.mon_id 
_entity_poly_seq.hetero 
1 1 0UZ n 
1 2 HTY n 
1 3 PHE n 
1 4 GHP n 
1 5 GHP n 
1 6 OMY n 
1 7 3FG n 
# 
_entity_src_nat.entity_id                  1 
_entity_src_nat.pdbx_src_id                1 
_entity_src_nat.pdbx_alt_source_flag       sample 
_entity_src_nat.pdbx_beg_seq_num           1 
_entity_src_nat.pdbx_end_seq_num           7 
_entity_src_nat.common_name                ? 
_entity_src_nat.pdbx_organism_scientific   'Amycolatopsis keratiniphila' 
_entity_src_nat.pdbx_ncbi_taxonomy_id      129921 
_entity_src_nat.genus                      ? 
_entity_src_nat.species                    ? 
_entity_src_nat.strain                     ? 
_entity_src_nat.tissue                     ? 
_entity_src_nat.tissue_fraction            ? 
_entity_src_nat.pdbx_secretion             ? 
_entity_src_nat.pdbx_fragment              ? 
_entity_src_nat.pdbx_variant               ? 
_entity_src_nat.pdbx_cell_line             ? 
_entity_src_nat.pdbx_atcc                  ? 
_entity_src_nat.pdbx_cellular_location     ? 
_entity_src_nat.pdbx_organ                 ? 
_entity_src_nat.pdbx_organelle             ? 
_entity_src_nat.pdbx_cell                  ? 
_entity_src_nat.pdbx_plasmid_name          ? 
_entity_src_nat.pdbx_plasmid_details       ? 
_entity_src_nat.details                    ? 
# 
_pdbx_entity_branch.entity_id   2 
_pdbx_entity_branch.type        oligosaccharide 
# 
loop_
_pdbx_entity_branch_descriptor.ordinal 
_pdbx_entity_branch_descriptor.entity_id 
_pdbx_entity_branch_descriptor.descriptor 
_pdbx_entity_branch_descriptor.type 
_pdbx_entity_branch_descriptor.program 
_pdbx_entity_branch_descriptor.program_version 
1 2 LRhapa1-2DGlcpb1-ROH                                       'Glycam Condensed Sequence' GMML       1.0   
2 2 'WURCS=2.0/2,2,1/[a2122h-1b_1-5][a2211m-1a_1-5]/1-2/a2-b1' WURCS                       PDB2Glycan 1.1.0 
3 2 '[][D-1-deoxy-Glcp]{[(2+1)][a-L-Rhap]{}}'                  LINUCS                      PDB-CARE   ?     
# 
_pdbx_entity_branch_link.link_id                    1 
_pdbx_entity_branch_link.entity_id                  2 
_pdbx_entity_branch_link.entity_branch_list_num_1   2 
_pdbx_entity_branch_link.comp_id_1                  RAM 
_pdbx_entity_branch_link.atom_id_1                  C1 
_pdbx_entity_branch_link.leaving_atom_id_1          O1 
_pdbx_entity_branch_link.entity_branch_list_num_2   1 
_pdbx_entity_branch_link.comp_id_2                  BGC 
_pdbx_entity_branch_link.atom_id_2                  O2 
_pdbx_entity_branch_link.leaving_atom_id_2          HO2 
_pdbx_entity_branch_link.value_order                sing 
_pdbx_entity_branch_link.details                    ? 
# 
loop_
_chem_comp.id 
_chem_comp.type 
_chem_comp.mon_nstd_flag 
_chem_comp.name 
_chem_comp.pdbx_synonyms 
_chem_comp.formula 
_chem_comp.formula_weight 
0UZ 'D-peptide linking'           . '(2R)-amino(3-chloro-4-hydroxyphenyl)ethanoic acid'               ? 'C8 H8 Cl N O3'  201.607 
3FG 'L-peptide linking'           . '(2S)-amino(3,5-dihydroxyphenyl)ethanoic acid'                    ? 'C8 H9 N O4'     183.161 
BGC 'D-saccharide, beta linking'  . beta-D-glucopyranose                                              
'beta-D-glucose; D-glucose; glucose'                                    'C6 H12 O6'      180.156 
CL  non-polymer                   . 'CHLORIDE ION'                                                    ? 'Cl -1'          35.453  
FMT non-polymer                   . 'FORMIC ACID'                                                     ? 'C H2 O2'        46.025  
GHP 'D-peptide linking'           . '(2R)-amino(4-hydroxyphenyl)ethanoic acid'                        ? 'C8 H9 N O3'     167.162 
HOH non-polymer                   . WATER                                                             ? 'H2 O'           18.015  
HTY 'D-peptide linking'           . '(betaR)-beta-hydroxy-D-tyrosine'                                 ? 'C9 H11 N O4'    197.188 
MAN 'D-saccharide, alpha linking' . alpha-D-mannopyranose                                             
'alpha-D-mannose; D-mannose; mannose'                                   'C6 H12 O6'      180.156 
OMY 'L-peptide linking'           n '(betaR)-3-chloro-beta-hydroxy-L-tyrosine'                        ? 'C9 H10 Cl N O4' 231.633 
PHE 'L-peptide linking'           y PHENYLALANINE                                                     ? 'C9 H11 N O2'    165.189 
RAM 'L-saccharide, alpha linking' . alpha-L-rhamnopyranose                                            
'alpha-L-rhamnose; 6-deoxy-alpha-L-mannopyranose; L-rhamnose; rhamnose' 'C6 H12 O5'      164.156 
YBJ non-polymer                   . '(2~{S},4~{S},5~{R},6~{S})-4-azanyl-5-methoxy-6-methyl-oxan-2-ol' L-actinosamine 'C7 H15 N O3' 
161.199 
# 
loop_
_pdbx_chem_comp_identifier.comp_id 
_pdbx_chem_comp_identifier.type 
_pdbx_chem_comp_identifier.program 
_pdbx_chem_comp_identifier.program_version 
_pdbx_chem_comp_identifier.identifier 
BGC 'CONDENSED IUPAC CARBOHYDRATE SYMBOL' GMML     1.0 DGlcpb             
BGC 'COMMON NAME'                         GMML     1.0 b-D-glucopyranose  
BGC 'IUPAC CARBOHYDRATE SYMBOL'           PDB-CARE 1.0 b-D-Glcp           
BGC 'SNFG CARBOHYDRATE SYMBOL'            GMML     1.0 Glc                
MAN 'CONDENSED IUPAC CARBOHYDRATE SYMBOL' GMML     1.0 DManpa             
MAN 'COMMON NAME'                         GMML     1.0 a-D-mannopyranose  
MAN 'IUPAC CARBOHYDRATE SYMBOL'           PDB-CARE 1.0 a-D-Manp           
MAN 'SNFG CARBOHYDRATE SYMBOL'            GMML     1.0 Man                
RAM 'CONDENSED IUPAC CARBOHYDRATE SYMBOL' GMML     1.0 LRhapa             
RAM 'COMMON NAME'                         GMML     1.0 a-L-rhamnopyranose 
RAM 'IUPAC CARBOHYDRATE SYMBOL'           PDB-CARE 1.0 a-L-Rhap           
RAM 'SNFG CARBOHYDRATE SYMBOL'            GMML     1.0 Rha                
# 
loop_
_pdbx_poly_seq_scheme.asym_id 
_pdbx_poly_seq_scheme.entity_id 
_pdbx_poly_seq_scheme.seq_id 
_pdbx_poly_seq_scheme.mon_id 
_pdbx_poly_seq_scheme.ndb_seq_num 
_pdbx_poly_seq_scheme.pdb_seq_num 
_pdbx_poly_seq_scheme.auth_seq_num 
_pdbx_poly_seq_scheme.pdb_mon_id 
_pdbx_poly_seq_scheme.auth_mon_id 
_pdbx_poly_seq_scheme.pdb_strand_id 
_pdbx_poly_seq_scheme.pdb_ins_code 
_pdbx_poly_seq_scheme.hetero 
A 1 1 0UZ 1 1 1 0UZ 0UZ A . n 
A 1 2 HTY 2 2 2 HTY HTY A . n 
A 1 3 PHE 3 3 3 PHE PHE A . n 
A 1 4 GHP 4 4 4 GHP GHP A . n 
A 1 5 GHP 5 5 5 GHP GHP A . n 
A 1 6 OMY 6 6 6 OMY OMY A . n 
A 1 7 3FG 7 7 7 3FG 3FG A . n 
B 1 1 0UZ 1 1 1 0UZ 0UZ B . n 
B 1 2 HTY 2 2 2 HTY HTY B . n 
B 1 3 PHE 3 3 3 PHE PHE B . n 
B 1 4 GHP 4 4 4 GHP GHP B . n 
B 1 5 GHP 5 5 5 GHP GHP B . n 
B 1 6 OMY 6 6 6 OMY OMY B . n 
B 1 7 3FG 7 7 7 3FG 3FG B . n 
# 
loop_
_pdbx_branch_scheme.asym_id 
_pdbx_branch_scheme.entity_id 
_pdbx_branch_scheme.mon_id 
_pdbx_branch_scheme.num 
_pdbx_branch_scheme.pdb_asym_id 
_pdbx_branch_scheme.pdb_mon_id 
_pdbx_branch_scheme.pdb_seq_num 
_pdbx_branch_scheme.auth_asym_id 
_pdbx_branch_scheme.auth_mon_id 
_pdbx_branch_scheme.auth_seq_num 
_pdbx_branch_scheme.hetero 
C 2 BGC 1 G BGC 1 A BGC 10 n 
C 2 RAM 2 G RAM 2 A RAM 11 n 
D 2 BGC 1 K BGC 1 B BGC 10 n 
D 2 RAM 2 K RAM 2 B RAM 11 n 
# 
loop_
_pdbx_nonpoly_scheme.asym_id 
_pdbx_nonpoly_scheme.entity_id 
_pdbx_nonpoly_scheme.mon_id 
_pdbx_nonpoly_scheme.ndb_seq_num 
_pdbx_nonpoly_scheme.pdb_seq_num 
_pdbx_nonpoly_scheme.auth_seq_num 
_pdbx_nonpoly_scheme.pdb_mon_id 
_pdbx_nonpoly_scheme.auth_mon_id 
_pdbx_nonpoly_scheme.pdb_strand_id 
_pdbx_nonpoly_scheme.pdb_ins_code 
E 3 MAN 1  101 9  MAN MAN A . 
F 4 YBJ 1  102 8  YBJ CIM A . 
G 5 FMT 1  103 1  FMT FMT A . 
H 6 CL  1  104 3  CL  CL  A . 
I 3 MAN 1  101 9  MAN MAN B . 
J 4 YBJ 1  102 8  YBJ CIM B . 
K 5 FMT 1  103 2  FMT FMT B . 
L 7 HOH 1  201 1  HOH HOH A . 
L 7 HOH 2  202 50 HOH HOH A . 
L 7 HOH 3  203 21 HOH HOH A . 
L 7 HOH 4  204 30 HOH HOH A . 
L 7 HOH 5  205 29 HOH HOH A . 
L 7 HOH 6  206 53 HOH HOH A . 
L 7 HOH 7  207 20 HOH HOH A . 
L 7 HOH 8  208 39 HOH HOH A . 
L 7 HOH 9  209 45 HOH HOH A . 
L 7 HOH 10 210 48 HOH HOH A . 
L 7 HOH 11 211 49 HOH HOH A . 
L 7 HOH 12 212 28 HOH HOH A . 
L 7 HOH 13 213 8  HOH HOH A . 
L 7 HOH 14 214 6  HOH HOH A . 
L 7 HOH 15 215 16 HOH HOH A . 
L 7 HOH 16 216 43 HOH HOH A . 
L 7 HOH 17 217 51 HOH HOH A . 
L 7 HOH 18 218 41 HOH HOH A . 
M 7 HOH 1  201 9  HOH HOH B . 
M 7 HOH 2  202 17 HOH HOH B . 
M 7 HOH 3  203 46 HOH HOH B . 
M 7 HOH 4  204 40 HOH HOH B . 
M 7 HOH 5  205 13 HOH HOH B . 
M 7 HOH 6  206 7  HOH HOH B . 
M 7 HOH 7  207 12 HOH HOH B . 
M 7 HOH 8  208 42 HOH HOH B . 
M 7 HOH 9  209 37 HOH HOH B . 
M 7 HOH 10 210 19 HOH HOH B . 
M 7 HOH 11 211 22 HOH HOH B . 
M 7 HOH 12 212 38 HOH HOH B . 
M 7 HOH 13 213 3  HOH HOH B . 
M 7 HOH 14 214 18 HOH HOH B . 
M 7 HOH 15 215 52 HOH HOH B . 
M 7 HOH 16 216 54 HOH HOH B . 
M 7 HOH 17 217 5  HOH HOH B . 
M 7 HOH 18 218 24 HOH HOH B . 
M 7 HOH 19 219 27 HOH HOH B . 
M 7 HOH 20 220 14 HOH HOH B . 
M 7 HOH 21 221 36 HOH HOH B . 
M 7 HOH 22 222 34 HOH HOH B . 
M 7 HOH 23 223 11 HOH HOH B . 
M 7 HOH 24 224 25 HOH HOH B . 
M 7 HOH 25 225 35 HOH HOH B . 
M 7 HOH 26 226 2  HOH HOH B . 
M 7 HOH 27 227 47 HOH HOH B . 
M 7 HOH 28 228 26 HOH HOH B . 
M 7 HOH 29 229 4  HOH HOH B . 
M 7 HOH 30 230 31 HOH HOH B . 
M 7 HOH 31 231 10 HOH HOH B . 
M 7 HOH 32 232 15 HOH HOH B . 
M 7 HOH 33 233 44 HOH HOH B . 
M 7 HOH 34 234 32 HOH HOH B . 
M 7 HOH 35 235 23 HOH HOH B . 
M 7 HOH 36 236 33 HOH HOH B . 
# 
loop_
_software.citation_id 
_software.classification 
_software.compiler_name 
_software.compiler_version 
_software.contact_author 
_software.contact_author_email 
_software.date 
_software.description 
_software.dependencies 
_software.hardware 
_software.language 
_software.location 
_software.mods 
_software.name 
_software.os 
_software.os_version 
_software.type 
_software.version 
_software.pdbx_ordinal 
? 'data reduction'  ? ? ? ? ? ? ? ? ? ? ? XDS         ? ? ? .         1 
? 'data scaling'    ? ? ? ? ? ? ? ? ? ? ? Aimless     ? ? ? 0.6.2     2 
? phasing           ? ? ? ? ? ? ? ? ? ? ? SHELX       ? ? ? .         3 
? refinement        ? ? ? ? ? ? ? ? ? ? ? PHENIX      ? ? ? 1.17-3644 4 
? 'data extraction' ? ? ? ? ? ? ? ? ? ? ? PDB_EXTRACT ? ? ? 3.27      5 
# 
_cell.angle_alpha                  90.000 
_cell.angle_alpha_esd              ? 
_cell.angle_beta                   90.000 
_cell.angle_beta_esd               ? 
_cell.angle_gamma                  90.000 
_cell.angle_gamma_esd              ? 
_cell.entry_id                     7LKC 
_cell.details                      ? 
_cell.formula_units_Z              ? 
_cell.length_a                     20.720 
_cell.length_a_esd                 ? 
_cell.length_b                     32.251 
_cell.length_b_esd                 ? 
_cell.length_c                     37.941 
_cell.length_c_esd                 ? 
_cell.volume                       25353.721 
_cell.volume_esd                   ? 
_cell.Z_PDB                        8 
_cell.reciprocal_angle_alpha       ? 
_cell.reciprocal_angle_beta        ? 
_cell.reciprocal_angle_gamma       ? 
_cell.reciprocal_angle_alpha_esd   ? 
_cell.reciprocal_angle_beta_esd    ? 
_cell.reciprocal_angle_gamma_esd   ? 
_cell.reciprocal_length_a          ? 
_cell.reciprocal_length_b          ? 
_cell.reciprocal_length_c          ? 
_cell.reciprocal_length_a_esd      ? 
_cell.reciprocal_length_b_esd      ? 
_cell.reciprocal_length_c_esd      ? 
_cell.pdbx_unique_axis             ? 
# 
_symmetry.entry_id                         7LKC 
_symmetry.cell_setting                     ? 
_symmetry.Int_Tables_number                19 
_symmetry.space_group_name_Hall            'P 2ac 2ab' 
_symmetry.space_group_name_H-M             'P 21 21 21' 
_symmetry.pdbx_full_space_group_name_H-M   ? 
# 
_exptl.absorpt_coefficient_mu     ? 
_exptl.absorpt_correction_T_max   ? 
_exptl.absorpt_correction_T_min   ? 
_exptl.absorpt_correction_type    ? 
_exptl.absorpt_process_details    ? 
_exptl.entry_id                   7LKC 
_exptl.crystals_number            1 
_exptl.details                    ? 
_exptl.method                     'X-RAY DIFFRACTION' 
_exptl.method_details             ? 
# 
_exptl_crystal.colour                      ? 
_exptl_crystal.density_diffrn              ? 
_exptl_crystal.density_Matthews            2.63 
_exptl_crystal.density_method              ? 
_exptl_crystal.density_percent_sol         53.23 
_exptl_crystal.description                 ? 
_exptl_crystal.F_000                       ? 
_exptl_crystal.id                          1 
_exptl_crystal.preparation                 ? 
_exptl_crystal.size_max                    ? 
_exptl_crystal.size_mid                    ? 
_exptl_crystal.size_min                    ? 
_exptl_crystal.size_rad                    ? 
_exptl_crystal.colour_lustre               ? 
_exptl_crystal.colour_modifier             ? 
_exptl_crystal.colour_primary              ? 
_exptl_crystal.density_meas                ? 
_exptl_crystal.density_meas_esd            ? 
_exptl_crystal.density_meas_gt             ? 
_exptl_crystal.density_meas_lt             ? 
_exptl_crystal.density_meas_temp           ? 
_exptl_crystal.density_meas_temp_esd       ? 
_exptl_crystal.density_meas_temp_gt        ? 
_exptl_crystal.density_meas_temp_lt        ? 
_exptl_crystal.pdbx_crystal_image_url      ? 
_exptl_crystal.pdbx_crystal_image_format   ? 
_exptl_crystal.pdbx_mosaicity              ? 
_exptl_crystal.pdbx_mosaicity_esd          ? 
# 
_exptl_crystal_grow.apparatus       ? 
_exptl_crystal_grow.atmosphere      ? 
_exptl_crystal_grow.crystal_id      1 
_exptl_crystal_grow.details         ? 
_exptl_crystal_grow.method          'VAPOR DIFFUSION, SITTING DROP' 
_exptl_crystal_grow.method_ref      ? 
_exptl_crystal_grow.pH              4.5 
_exptl_crystal_grow.pressure        ? 
_exptl_crystal_grow.pressure_esd    ? 
_exptl_crystal_grow.seeding         ? 
_exptl_crystal_grow.seeding_ref     ? 
_exptl_crystal_grow.temp            295 
_exptl_crystal_grow.temp_details    ? 
_exptl_crystal_grow.temp_esd        ? 
_exptl_crystal_grow.time            ? 
_exptl_crystal_grow.pdbx_details    '0.1 M sodium acetate (pH 4.5), 2 M sodium formate, and 10 mM L-proline' 
_exptl_crystal_grow.pdbx_pH_range   ? 
# 
_diffrn.ambient_environment              ? 
_diffrn.ambient_temp                     100 
_diffrn.ambient_temp_details             ? 
_diffrn.ambient_temp_esd                 ? 
_diffrn.crystal_id                       1 
_diffrn.crystal_support                  ? 
_diffrn.crystal_treatment                ? 
_diffrn.details                          ? 
_diffrn.id                               1 
_diffrn.ambient_pressure                 ? 
_diffrn.ambient_pressure_esd             ? 
_diffrn.ambient_pressure_gt              ? 
_diffrn.ambient_pressure_lt              ? 
_diffrn.ambient_temp_gt                  ? 
_diffrn.ambient_temp_lt                  ? 
_diffrn.pdbx_serial_crystal_experiment   N 
# 
_diffrn_detector.details                      ? 
_diffrn_detector.detector                     PIXEL 
_diffrn_detector.diffrn_id                    1 
_diffrn_detector.type                         'DECTRIS EIGER X 16M' 
_diffrn_detector.area_resol_mean              ? 
_diffrn_detector.dtime                        ? 
_diffrn_detector.pdbx_frames_total            ? 
_diffrn_detector.pdbx_collection_time_total   ? 
_diffrn_detector.pdbx_collection_date         2018-02-22 
_diffrn_detector.pdbx_frequency               ? 
# 
_diffrn_radiation.collimation                      ? 
_diffrn_radiation.diffrn_id                        1 
_diffrn_radiation.filter_edge                      ? 
_diffrn_radiation.inhomogeneity                    ? 
_diffrn_radiation.monochromator                    ? 
_diffrn_radiation.polarisn_norm                    ? 
_diffrn_radiation.polarisn_ratio                   ? 
_diffrn_radiation.probe                            ? 
_diffrn_radiation.type                             ? 
_diffrn_radiation.xray_symbol                      ? 
_diffrn_radiation.wavelength_id                    1 
_diffrn_radiation.pdbx_monochromatic_or_laue_m_l   M 
_diffrn_radiation.pdbx_wavelength_list             ? 
_diffrn_radiation.pdbx_wavelength                  ? 
_diffrn_radiation.pdbx_diffrn_protocol             'SINGLE WAVELENGTH' 
_diffrn_radiation.pdbx_analyzer                    ? 
_diffrn_radiation.pdbx_scattering_type             x-ray 
# 
_diffrn_radiation_wavelength.id           1 
_diffrn_radiation_wavelength.wavelength   0.61992 
_diffrn_radiation_wavelength.wt           1.0 
# 
_diffrn_source.current                     ? 
_diffrn_source.details                     ? 
_diffrn_source.diffrn_id                   1 
_diffrn_source.power                       ? 
_diffrn_source.size                        ? 
_diffrn_source.source                      SYNCHROTRON 
_diffrn_source.target                      ? 
_diffrn_source.type                        'APS BEAMLINE 23-ID-B' 
_diffrn_source.voltage                     ? 
_diffrn_source.take-off_angle              ? 
_diffrn_source.pdbx_wavelength_list        0.61992 
_diffrn_source.pdbx_wavelength             ? 
_diffrn_source.pdbx_synchrotron_beamline   23-ID-B 
_diffrn_source.pdbx_synchrotron_site       APS 
# 
_reflns.B_iso_Wilson_estimate            ? 
_reflns.entry_id                         7LKC 
_reflns.data_reduction_details           ? 
_reflns.data_reduction_method            ? 
_reflns.d_resolution_high                0.900 
_reflns.d_resolution_low                 20.720 
_reflns.details                          ? 
_reflns.limit_h_max                      ? 
_reflns.limit_h_min                      ? 
_reflns.limit_k_max                      ? 
_reflns.limit_k_min                      ? 
_reflns.limit_l_max                      ? 
_reflns.limit_l_min                      ? 
_reflns.number_all                       ? 
_reflns.number_obs                       19493 
_reflns.observed_criterion               ? 
_reflns.observed_criterion_F_max         ? 
_reflns.observed_criterion_F_min         ? 
_reflns.observed_criterion_I_max         ? 
_reflns.observed_criterion_I_min         ? 
_reflns.observed_criterion_sigma_F       ? 
_reflns.observed_criterion_sigma_I       ? 
_reflns.percent_possible_obs             99.900 
_reflns.R_free_details                   ? 
_reflns.Rmerge_F_all                     ? 
_reflns.Rmerge_F_obs                     ? 
_reflns.Friedel_coverage                 ? 
_reflns.number_gt                        ? 
_reflns.threshold_expression             ? 
_reflns.pdbx_redundancy                  8.100 
_reflns.pdbx_Rmerge_I_obs                0.051 
_reflns.pdbx_Rmerge_I_all                ? 
_reflns.pdbx_Rsym_value                  ? 
_reflns.pdbx_netI_over_av_sigmaI         ? 
_reflns.pdbx_netI_over_sigmaI            15.000 
_reflns.pdbx_res_netI_over_av_sigmaI_2   ? 
_reflns.pdbx_res_netI_over_sigmaI_2      ? 
_reflns.pdbx_chi_squared                 ? 
_reflns.pdbx_scaling_rejects             15 
_reflns.pdbx_d_res_high_opt              ? 
_reflns.pdbx_d_res_low_opt               ? 
_reflns.pdbx_d_res_opt_method            ? 
_reflns.phase_calculation_details        ? 
_reflns.pdbx_Rrim_I_all                  0.055 
_reflns.pdbx_Rpim_I_all                  0.019 
_reflns.pdbx_d_opt                       ? 
_reflns.pdbx_number_measured_all         157929 
_reflns.pdbx_diffrn_id                   1 
_reflns.pdbx_ordinal                     1 
_reflns.pdbx_CC_half                     0.999 
_reflns.pdbx_CC_star                     ? 
_reflns.pdbx_R_split                     ? 
# 
loop_
_reflns_shell.d_res_high 
_reflns_shell.d_res_low 
_reflns_shell.meanI_over_sigI_all 
_reflns_shell.meanI_over_sigI_obs 
_reflns_shell.number_measured_all 
_reflns_shell.number_measured_obs 
_reflns_shell.number_possible 
_reflns_shell.number_unique_all 
_reflns_shell.number_unique_obs 
_reflns_shell.percent_possible_all 
_reflns_shell.percent_possible_obs 
_reflns_shell.Rmerge_F_all 
_reflns_shell.Rmerge_F_obs 
_reflns_shell.Rmerge_I_all 
_reflns_shell.Rmerge_I_obs 
_reflns_shell.meanI_over_sigI_gt 
_reflns_shell.meanI_over_uI_all 
_reflns_shell.meanI_over_uI_gt 
_reflns_shell.number_measured_gt 
_reflns_shell.number_unique_gt 
_reflns_shell.percent_possible_gt 
_reflns_shell.Rmerge_F_gt 
_reflns_shell.Rmerge_I_gt 
_reflns_shell.pdbx_redundancy 
_reflns_shell.pdbx_Rsym_value 
_reflns_shell.pdbx_chi_squared 
_reflns_shell.pdbx_netI_over_sigmaI_all 
_reflns_shell.pdbx_netI_over_sigmaI_obs 
_reflns_shell.pdbx_Rrim_I_all 
_reflns_shell.pdbx_Rpim_I_all 
_reflns_shell.pdbx_rejects 
_reflns_shell.pdbx_ordinal 
_reflns_shell.pdbx_diffrn_id 
_reflns_shell.pdbx_CC_half 
_reflns_shell.pdbx_CC_star 
_reflns_shell.pdbx_R_split 
0.900 0.920  ? ? 5903 ? ? ? 920 98.300 ? ? ? ? 1.684 ? ? ? ? ? ? ? ? 6.400 ? ? ? 0.900  1.835 0.712 ? 1 1 0.457 ? ? 
4.930 20.720 ? ? 983  ? ? ? 154 98.400 ? ? ? ? 0.031 ? ? ? ? ? ? ? ? 6.400 ? ? ? 47.200 0.035 0.014 ? 2 1 0.998 ? ? 
# 
_refine.aniso_B[1][1]                            ? 
_refine.aniso_B[1][2]                            ? 
_refine.aniso_B[1][3]                            ? 
_refine.aniso_B[2][2]                            ? 
_refine.aniso_B[2][3]                            ? 
_refine.aniso_B[3][3]                            ? 
_refine.B_iso_max                                ? 
_refine.B_iso_mean                               12.95 
_refine.B_iso_min                                ? 
_refine.correlation_coeff_Fo_to_Fc               ? 
_refine.correlation_coeff_Fo_to_Fc_free          ? 
_refine.details                                  ? 
_refine.diff_density_max                         ? 
_refine.diff_density_max_esd                     ? 
_refine.diff_density_min                         ? 
_refine.diff_density_min_esd                     ? 
_refine.diff_density_rms                         ? 
_refine.diff_density_rms_esd                     ? 
_refine.entry_id                                 7LKC 
_refine.pdbx_refine_id                           'X-RAY DIFFRACTION' 
_refine.ls_abs_structure_details                 ? 
_refine.ls_abs_structure_Flack                   ? 
_refine.ls_abs_structure_Flack_esd               ? 
_refine.ls_abs_structure_Rogers                  ? 
_refine.ls_abs_structure_Rogers_esd              ? 
_refine.ls_d_res_high                            0.95 
_refine.ls_d_res_low                             18.97 
_refine.ls_extinction_coef                       ? 
_refine.ls_extinction_coef_esd                   ? 
_refine.ls_extinction_expression                 ? 
_refine.ls_extinction_method                     ? 
_refine.ls_goodness_of_fit_all                   ? 
_refine.ls_goodness_of_fit_all_esd               ? 
_refine.ls_goodness_of_fit_obs                   ? 
_refine.ls_goodness_of_fit_obs_esd               ? 
_refine.ls_hydrogen_treatment                    ? 
_refine.ls_matrix_type                           ? 
_refine.ls_number_constraints                    ? 
_refine.ls_number_parameters                     ? 
_refine.ls_number_reflns_all                     ? 
_refine.ls_number_reflns_obs                     16340 
_refine.ls_number_reflns_R_free                  806 
_refine.ls_number_reflns_R_work                  15534 
_refine.ls_number_restraints                     ? 
_refine.ls_percent_reflns_obs                    98.27 
_refine.ls_percent_reflns_R_free                 4.93 
_refine.ls_R_factor_all                          ? 
_refine.ls_R_factor_obs                          0.1550 
_refine.ls_R_factor_R_free                       0.1681 
_refine.ls_R_factor_R_free_error                 ? 
_refine.ls_R_factor_R_free_error_details         ? 
_refine.ls_R_factor_R_work                       0.1543 
_refine.ls_R_Fsqd_factor_obs                     ? 
_refine.ls_R_I_factor_obs                        ? 
_refine.ls_redundancy_reflns_all                 ? 
_refine.ls_redundancy_reflns_obs                 ? 
_refine.ls_restrained_S_all                      ? 
_refine.ls_restrained_S_obs                      ? 
_refine.ls_shift_over_esd_max                    ? 
_refine.ls_shift_over_esd_mean                   ? 
_refine.ls_structure_factor_coef                 ? 
_refine.ls_weighting_details                     ? 
_refine.ls_weighting_scheme                      ? 
_refine.ls_wR_factor_all                         ? 
_refine.ls_wR_factor_obs                         ? 
_refine.ls_wR_factor_R_free                      ? 
_refine.ls_wR_factor_R_work                      ? 
_refine.occupancy_max                            ? 
_refine.occupancy_min                            ? 
_refine.solvent_model_details                    'FLAT BULK SOLVENT MODEL' 
_refine.solvent_model_param_bsol                 ? 
_refine.solvent_model_param_ksol                 ? 
_refine.pdbx_R_complete                          ? 
_refine.ls_R_factor_gt                           ? 
_refine.ls_goodness_of_fit_gt                    ? 
_refine.ls_goodness_of_fit_ref                   ? 
_refine.ls_shift_over_su_max                     ? 
_refine.ls_shift_over_su_max_lt                  ? 
_refine.ls_shift_over_su_mean                    ? 
_refine.ls_shift_over_su_mean_lt                 ? 
_refine.pdbx_ls_sigma_I                          ? 
_refine.pdbx_ls_sigma_F                          0.00 
_refine.pdbx_ls_sigma_Fsqd                       ? 
_refine.pdbx_data_cutoff_high_absF               ? 
_refine.pdbx_data_cutoff_high_rms_absF           ? 
_refine.pdbx_data_cutoff_low_absF                ? 
_refine.pdbx_isotropic_thermal_model             ? 
_refine.pdbx_ls_cross_valid_method               'FREE R-VALUE' 
_refine.pdbx_method_to_determine_struct          'AB INITIO PHASING' 
_refine.pdbx_starting_model                      ? 
_refine.pdbx_stereochemistry_target_values       'GeoStd + Monomer Library + CDL v1.2' 
_refine.pdbx_R_Free_selection_details            ? 
_refine.pdbx_stereochem_target_val_spec_case     ? 
_refine.pdbx_overall_ESU_R                       ? 
_refine.pdbx_overall_ESU_R_Free                  ? 
_refine.pdbx_solvent_vdw_probe_radii             1.1100 
_refine.pdbx_solvent_ion_probe_radii             ? 
_refine.pdbx_solvent_shrinkage_radii             0.9000 
_refine.pdbx_real_space_R                        ? 
_refine.pdbx_density_correlation                 ? 
_refine.pdbx_pd_number_of_powder_patterns        ? 
_refine.pdbx_pd_number_of_points                 ? 
_refine.pdbx_pd_meas_number_of_points            ? 
_refine.pdbx_pd_proc_ls_prof_R_factor            ? 
_refine.pdbx_pd_proc_ls_prof_wR_factor           ? 
_refine.pdbx_pd_Marquardt_correlation_coeff      ? 
_refine.pdbx_pd_Fsqrd_R_factor                   ? 
_refine.pdbx_pd_ls_matrix_band_width             ? 
_refine.pdbx_overall_phase_error                 22.4574 
_refine.pdbx_overall_SU_R_free_Cruickshank_DPI   ? 
_refine.pdbx_overall_SU_R_free_Blow_DPI          ? 
_refine.pdbx_overall_SU_R_Blow_DPI               ? 
_refine.pdbx_TLS_residual_ADP_flag               ? 
_refine.pdbx_diffrn_id                           1 
_refine.overall_SU_B                             ? 
_refine.overall_SU_ML                            0.0871 
_refine.overall_SU_R_Cruickshank_DPI             ? 
_refine.overall_SU_R_free                        ? 
_refine.overall_FOM_free_R_set                   ? 
_refine.overall_FOM_work_R_set                   ? 
_refine.pdbx_average_fsc_overall                 ? 
_refine.pdbx_average_fsc_work                    ? 
_refine.pdbx_average_fsc_free                    ? 
# 
_refine_hist.pdbx_refine_id                   'X-RAY DIFFRACTION' 
_refine_hist.cycle_id                         LAST 
_refine_hist.details                          ? 
_refine_hist.d_res_high                       0.95 
_refine_hist.d_res_low                        18.97 
_refine_hist.number_atoms_solvent             54 
_refine_hist.number_atoms_total               315 
_refine_hist.number_reflns_all                ? 
_refine_hist.number_reflns_obs                ? 
_refine_hist.number_reflns_R_free             ? 
_refine_hist.number_reflns_R_work             ? 
_refine_hist.R_factor_all                     ? 
_refine_hist.R_factor_obs                     ? 
_refine_hist.R_factor_R_free                  ? 
_refine_hist.R_factor_R_work                  ? 
_refine_hist.pdbx_number_residues_total       ? 
_refine_hist.pdbx_B_iso_mean_ligand           ? 
_refine_hist.pdbx_B_iso_mean_solvent          ? 
_refine_hist.pdbx_number_atoms_protein        254 
_refine_hist.pdbx_number_atoms_nucleic_acid   0 
_refine_hist.pdbx_number_atoms_ligand         7 
_refine_hist.pdbx_number_atoms_lipid          ? 
_refine_hist.pdbx_number_atoms_carb           ? 
_refine_hist.pdbx_pseudo_atom_details         ? 
# 
loop_
_refine_ls_restr.pdbx_refine_id 
_refine_ls_restr.criterion 
_refine_ls_restr.dev_ideal 
_refine_ls_restr.dev_ideal_target 
_refine_ls_restr.number 
_refine_ls_restr.rejects 
_refine_ls_restr.type 
_refine_ls_restr.weight 
_refine_ls_restr.pdbx_restraint_function 
'X-RAY DIFFRACTION' ? 0.0109  ? 284 ? f_bond_d           ? ? 
'X-RAY DIFFRACTION' ? 1.8459  ? 394 ? f_angle_d          ? ? 
'X-RAY DIFFRACTION' ? 0.0836  ? 49  ? f_chiral_restr     ? ? 
'X-RAY DIFFRACTION' ? 0.0155  ? 30  ? f_plane_restr      ? ? 
'X-RAY DIFFRACTION' ? 14.8117 ? 23  ? f_dihedral_angle_d ? ? 
# 
loop_
_refine_ls_shell.pdbx_refine_id 
_refine_ls_shell.d_res_high 
_refine_ls_shell.d_res_low 
_refine_ls_shell.number_reflns_all 
_refine_ls_shell.number_reflns_obs 
_refine_ls_shell.number_reflns_R_free 
_refine_ls_shell.number_reflns_R_work 
_refine_ls_shell.percent_reflns_obs 
_refine_ls_shell.percent_reflns_R_free 
_refine_ls_shell.R_factor_all 
_refine_ls_shell.R_factor_obs 
_refine_ls_shell.R_factor_R_free 
_refine_ls_shell.R_factor_R_free_error 
_refine_ls_shell.R_factor_R_work 
_refine_ls_shell.redundancy_reflns_all 
_refine_ls_shell.redundancy_reflns_obs 
_refine_ls_shell.wR_factor_all 
_refine_ls_shell.wR_factor_obs 
_refine_ls_shell.wR_factor_R_free 
_refine_ls_shell.wR_factor_R_work 
_refine_ls_shell.pdbx_R_complete 
_refine_ls_shell.pdbx_total_number_of_bins_used 
_refine_ls_shell.pdbx_phase_error 
_refine_ls_shell.pdbx_fsc_work 
_refine_ls_shell.pdbx_fsc_free 
'X-RAY DIFFRACTION' 0.95 1.01  . . 133 2429 94.43 . . . 0.2488 . 0.2457 . . . . . . . . . . . 
'X-RAY DIFFRACTION' 1.01 1.09  . . 129 2518 97.10 . . . 0.1846 . 0.1678 . . . . . . . . . . . 
'X-RAY DIFFRACTION' 1.09 1.20  . . 109 2607 99.02 . . . 0.1305 . 0.1346 . . . . . . . . . . . 
'X-RAY DIFFRACTION' 1.20 1.37  . . 143 2586 99.60 . . . 0.1771 . 0.1321 . . . . . . . . . . . 
'X-RAY DIFFRACTION' 1.37 1.73  . . 146 2645 99.82 . . . 0.1685 . 0.1631 . . . . . . . . . . . 
'X-RAY DIFFRACTION' 1.73 18.97 . . 146 2749 99.52 . . . 0.1642 . 0.1521 . . . . . . . . . . . 
# 
_struct.entry_id                     7LKC 
_struct.title                        'Crystal Structure of Keratinimicin A' 
_struct.pdbx_model_details           ? 
_struct.pdbx_formula_weight          ? 
_struct.pdbx_formula_weight_method   ? 
_struct.pdbx_model_type_details      ? 
_struct.pdbx_CASP_flag               N 
# 
_struct_keywords.entry_id        7LKC 
_struct_keywords.text            'Glycopeptide, Antibiotic, ACTINOMYCETE, BIOSYNTHESIS' 
_struct_keywords.pdbx_keywords   ANTIBIOTIC 
# 
loop_
_struct_asym.id 
_struct_asym.pdbx_blank_PDB_chainid_flag 
_struct_asym.pdbx_modified 
_struct_asym.entity_id 
_struct_asym.details 
A N N 1 ? 
B N N 1 ? 
C N N 2 ? 
D N N 2 ? 
E N N 3 ? 
F N N 4 ? 
G N N 5 ? 
H N N 6 ? 
I N N 3 ? 
J N N 4 ? 
K N N 5 ? 
L N N 7 ? 
M N N 7 ? 
# 
_struct_ref.id                         1 
_struct_ref.db_name                    PDB 
_struct_ref.db_code                    7LKC 
_struct_ref.pdbx_db_accession          7LKC 
_struct_ref.pdbx_db_isoform            ? 
_struct_ref.entity_id                  1 
_struct_ref.pdbx_seq_one_letter_code   ? 
_struct_ref.pdbx_align_begin           1 
# 
loop_
_struct_ref_seq.align_id 
_struct_ref_seq.ref_id 
_struct_ref_seq.pdbx_PDB_id_code 
_struct_ref_seq.pdbx_strand_id 
_struct_ref_seq.seq_align_beg 
_struct_ref_seq.pdbx_seq_align_beg_ins_code 
_struct_ref_seq.seq_align_end 
_struct_ref_seq.pdbx_seq_align_end_ins_code 
_struct_ref_seq.pdbx_db_accession 
_struct_ref_seq.db_align_beg 
_struct_ref_seq.pdbx_db_align_beg_ins_code 
_struct_ref_seq.db_align_end 
_struct_ref_seq.pdbx_db_align_end_ins_code 
_struct_ref_seq.pdbx_auth_seq_align_beg 
_struct_ref_seq.pdbx_auth_seq_align_end 
1 1 7LKC A 1 ? 7 ? 7LKC 1 ? 7 ? 1 7 
2 1 7LKC B 1 ? 7 ? 7LKC 1 ? 7 ? 1 7 
# 
loop_
_pdbx_struct_assembly.id 
_pdbx_struct_assembly.details 
_pdbx_struct_assembly.method_details 
_pdbx_struct_assembly.oligomeric_details 
_pdbx_struct_assembly.oligomeric_count 
1 author_defined_assembly ? monomeric 1 
2 author_defined_assembly ? monomeric 1 
# 
loop_
_pdbx_struct_assembly_gen.assembly_id 
_pdbx_struct_assembly_gen.oper_expression 
_pdbx_struct_assembly_gen.asym_id_list 
1 1 A,C,E,F,G,H,L 
2 1 B,D,I,J,K,M   
# 
loop_
_pdbx_struct_assembly_auth_evidence.id 
_pdbx_struct_assembly_auth_evidence.assembly_id 
_pdbx_struct_assembly_auth_evidence.experimental_support 
_pdbx_struct_assembly_auth_evidence.details 
1 1 none 'CD indicates molecule is a monomer at physiological concentrations' 
2 2 none 'CD indicates molecule is a monomer at physiological concentrations' 
# 
_pdbx_struct_oper_list.id                   1 
_pdbx_struct_oper_list.type                 'identity operation' 
_pdbx_struct_oper_list.name                 1_555 
_pdbx_struct_oper_list.symmetry_operation   x,y,z 
_pdbx_struct_oper_list.matrix[1][1]         1.0000000000 
_pdbx_struct_oper_list.matrix[1][2]         0.0000000000 
_pdbx_struct_oper_list.matrix[1][3]         0.0000000000 
_pdbx_struct_oper_list.vector[1]            0.0000000000 
_pdbx_struct_oper_list.matrix[2][1]         0.0000000000 
_pdbx_struct_oper_list.matrix[2][2]         1.0000000000 
_pdbx_struct_oper_list.matrix[2][3]         0.0000000000 
_pdbx_struct_oper_list.vector[2]            0.0000000000 
_pdbx_struct_oper_list.matrix[3][1]         0.0000000000 
_pdbx_struct_oper_list.matrix[3][2]         0.0000000000 
_pdbx_struct_oper_list.matrix[3][3]         1.0000000000 
_pdbx_struct_oper_list.vector[3]            0.0000000000 
# 
loop_
_struct_conn.id 
_struct_conn.conn_type_id 
_struct_conn.pdbx_leaving_atom_flag 
_struct_conn.pdbx_PDB_id 
_struct_conn.ptnr1_label_asym_id 
_struct_conn.ptnr1_label_comp_id 
_struct_conn.ptnr1_label_seq_id 
_struct_conn.ptnr1_label_atom_id 
_struct_conn.pdbx_ptnr1_label_alt_id 
_struct_conn.pdbx_ptnr1_PDB_ins_code 
_struct_conn.pdbx_ptnr1_standard_comp_id 
_struct_conn.ptnr1_symmetry 
_struct_conn.ptnr2_label_asym_id 
_struct_conn.ptnr2_label_comp_id 
_struct_conn.ptnr2_label_seq_id 
_struct_conn.ptnr2_label_atom_id 
_struct_conn.pdbx_ptnr2_label_alt_id 
_struct_conn.pdbx_ptnr2_PDB_ins_code 
_struct_conn.ptnr1_auth_asym_id 
_struct_conn.ptnr1_auth_comp_id 
_struct_conn.ptnr1_auth_seq_id 
_struct_conn.ptnr2_auth_asym_id 
_struct_conn.ptnr2_auth_comp_id 
_struct_conn.ptnr2_auth_seq_id 
_struct_conn.ptnr2_symmetry 
_struct_conn.pdbx_ptnr3_label_atom_id 
_struct_conn.pdbx_ptnr3_label_seq_id 
_struct_conn.pdbx_ptnr3_label_comp_id 
_struct_conn.pdbx_ptnr3_label_asym_id 
_struct_conn.pdbx_ptnr3_label_alt_id 
_struct_conn.pdbx_ptnr3_PDB_ins_code 
_struct_conn.details 
_struct_conn.pdbx_dist_value 
_struct_conn.pdbx_value_order 
_struct_conn.pdbx_role 
covale1  covale both ? A 0UZ 1 C   A ? ? 1_555 A HTY 2 N   ? ? A 0UZ 1 A HTY 2   1_555 ? ? ? ? ? ? ? 1.324 ?    ? 
covale2  covale both ? A 0UZ 1 C   B ? ? 1_555 A HTY 2 N   ? ? A 0UZ 1 A HTY 2   1_555 ? ? ? ? ? ? ? 1.328 ?    ? 
covale3  covale both ? A HTY 2 C   ? ? ? 1_555 A PHE 3 N   ? ? A HTY 2 A PHE 3   1_555 ? ? ? ? ? ? ? 1.327 ?    ? 
covale4  covale none ? A HTY 2 OH  ? ? ? 1_555 A GHP 4 C3  ? ? A HTY 2 A GHP 4   1_555 ? ? ? ? ? ? ? 1.412 ?    ? 
covale5  covale both ? A PHE 3 C   ? ? ? 1_555 A GHP 4 N   ? ? A PHE 3 A GHP 4   1_555 ? ? ? ? ? ? ? 1.325 ?    ? 
covale6  covale both ? A GHP 4 C   ? ? ? 1_555 A GHP 5 N   ? ? A GHP 4 A GHP 5   1_555 ? ? ? ? ? ? ? 1.321 ?    ? 
covale7  covale none ? A GHP 4 C5  ? ? ? 1_555 A OMY 6 OCZ ? ? A GHP 4 A OMY 6   1_555 ? ? ? ? ? ? ? 1.426 ?    ? 
covale8  covale one  ? A GHP 4 O4  ? ? ? 1_555 C BGC . C1  ? ? A GHP 4 G BGC 1   1_555 ? ? ? ? ? ? ? 1.423 sing ? 
covale9  covale both ? A GHP 5 C   ? ? ? 1_555 A OMY 6 N   ? ? A GHP 5 A OMY 6   1_555 ? ? ? ? ? ? ? 1.335 ?    ? 
covale10 covale one  ? A GHP 5 C3  ? ? ? 1_555 A 3FG 7 CG1 ? ? A GHP 5 A 3FG 7   1_555 ? ? ? ? ? ? ? 1.499 ?    ? 
covale11 covale both ? A OMY 6 C   ? ? ? 1_555 A 3FG 7 N   ? ? A OMY 6 A 3FG 7   1_555 ? ? ? ? ? ? ? 1.326 ?    ? 
covale12 covale one  ? A OMY 6 ODE ? ? ? 1_555 F YBJ . C1  ? ? A OMY 6 A YBJ 102 1_555 ? ? ? ? ? ? ? 1.378 ?    ? 
covale13 covale one  ? A 3FG 7 OD1 ? ? ? 1_555 E MAN . C1  ? ? A 3FG 7 A MAN 101 1_555 ? ? ? ? ? ? ? 1.380 sing ? 
covale14 covale both ? B 0UZ 1 C   ? ? ? 1_555 B HTY 2 N   ? ? B 0UZ 1 B HTY 2   1_555 ? ? ? ? ? ? ? 1.325 ?    ? 
covale15 covale both ? B HTY 2 C   ? ? ? 1_555 B PHE 3 N   ? ? B HTY 2 B PHE 3   1_555 ? ? ? ? ? ? ? 1.329 ?    ? 
covale16 covale none ? B HTY 2 OH  ? ? ? 1_555 B GHP 4 C3  ? ? B HTY 2 B GHP 4   1_555 ? ? ? ? ? ? ? 1.410 ?    ? 
covale17 covale both ? B PHE 3 C   ? ? ? 1_555 B GHP 4 N   ? ? B PHE 3 B GHP 4   1_555 ? ? ? ? ? ? ? 1.331 ?    ? 
covale18 covale both ? B GHP 4 C   ? ? ? 1_555 B GHP 5 N   ? ? B GHP 4 B GHP 5   1_555 ? ? ? ? ? ? ? 1.328 ?    ? 
covale19 covale none ? B GHP 4 C5  ? ? ? 1_555 B OMY 6 OCZ ? ? B GHP 4 B OMY 6   1_555 ? ? ? ? ? ? ? 1.425 ?    ? 
covale20 covale one  ? B GHP 4 O4  ? ? ? 1_555 D BGC . C1  ? ? B GHP 4 K BGC 1   1_555 ? ? ? ? ? ? ? 1.379 sing ? 
covale21 covale both ? B GHP 5 C   ? ? ? 1_555 B OMY 6 N   ? ? B GHP 5 B OMY 6   1_555 ? ? ? ? ? ? ? 1.332 ?    ? 
covale22 covale one  ? B GHP 5 C3  ? ? ? 1_555 B 3FG 7 CG1 ? ? B GHP 5 B 3FG 7   1_555 ? ? ? ? ? ? ? 1.504 ?    ? 
covale23 covale both ? B OMY 6 C   ? ? ? 1_555 B 3FG 7 N   ? ? B OMY 6 B 3FG 7   1_555 ? ? ? ? ? ? ? 1.329 ?    ? 
covale24 covale one  ? B OMY 6 ODE ? ? ? 1_555 J YBJ . C1  ? ? B OMY 6 B YBJ 102 1_555 ? ? ? ? ? ? ? 1.425 ?    ? 
covale25 covale one  ? B 3FG 7 OD1 ? ? ? 1_555 I MAN . C1  ? ? B 3FG 7 B MAN 101 1_555 ? ? ? ? ? ? ? 1.381 sing ? 
covale26 covale both ? C BGC . O2  ? ? ? 1_555 C RAM . C1  ? ? G BGC 1 G RAM 2   1_555 ? ? ? ? ? ? ? 1.401 ?    ? 
covale27 covale both ? D BGC . O2  ? ? ? 1_555 D RAM . C1  ? ? K BGC 1 K RAM 2   1_555 ? ? ? ? ? ? ? 1.387 ?    ? 
# 
_struct_conn_type.id          covale 
_struct_conn_type.criteria    ? 
_struct_conn_type.reference   ? 
# 
loop_
_struct_mon_prot_cis.pdbx_id 
_struct_mon_prot_cis.label_comp_id 
_struct_mon_prot_cis.label_seq_id 
_struct_mon_prot_cis.label_asym_id 
_struct_mon_prot_cis.label_alt_id 
_struct_mon_prot_cis.pdbx_PDB_ins_code 
_struct_mon_prot_cis.auth_comp_id 
_struct_mon_prot_cis.auth_seq_id 
_struct_mon_prot_cis.auth_asym_id 
_struct_mon_prot_cis.pdbx_label_comp_id_2 
_struct_mon_prot_cis.pdbx_label_seq_id_2 
_struct_mon_prot_cis.pdbx_label_asym_id_2 
_struct_mon_prot_cis.pdbx_PDB_ins_code_2 
_struct_mon_prot_cis.pdbx_auth_comp_id_2 
_struct_mon_prot_cis.pdbx_auth_seq_id_2 
_struct_mon_prot_cis.pdbx_auth_asym_id_2 
_struct_mon_prot_cis.pdbx_PDB_model_num 
_struct_mon_prot_cis.pdbx_omega_angle 
1 GHP 5 A . ? GHP 5 A OMY 6 A ? OMY 6 A 1 4.32 
2 GHP 5 B . ? GHP 5 B OMY 6 B ? OMY 6 B 1 2.46 
# 
_pdbx_validate_torsion.id              1 
_pdbx_validate_torsion.PDB_model_num   1 
_pdbx_validate_torsion.auth_comp_id    PHE 
_pdbx_validate_torsion.auth_asym_id    B 
_pdbx_validate_torsion.auth_seq_id     3 
_pdbx_validate_torsion.PDB_ins_code    ? 
_pdbx_validate_torsion.label_alt_id    ? 
_pdbx_validate_torsion.phi             -107.67 
_pdbx_validate_torsion.psi             -66.96 
# 
loop_
_space_group_symop.id 
_space_group_symop.operation_xyz 
1 x,y,z           
2 x+1/2,-y+1/2,-z 
3 -x,y+1/2,-z+1/2 
4 -x+1/2,-y,z+1/2 
# 
_phasing.method   AB_INITIO 
# 
_pdbx_entry_details.entry_id                 7LKC 
_pdbx_entry_details.has_ligand_of_interest   Y 
_pdbx_entry_details.compound_details         ? 
_pdbx_entry_details.source_details           ? 
_pdbx_entry_details.nonpolymer_details       ? 
_pdbx_entry_details.sequence_details         ? 
# 
loop_
_chem_comp_atom.comp_id 
_chem_comp_atom.atom_id 
_chem_comp_atom.type_symbol 
_chem_comp_atom.pdbx_aromatic_flag 
_chem_comp_atom.pdbx_stereo_config 
_chem_comp_atom.pdbx_ordinal 
0UZ N   N  N N 1   
0UZ CA  C  N R 2   
0UZ C   C  N N 3   
0UZ O   O  N N 4   
0UZ C1  C  Y N 5   
0UZ C2  C  Y N 6   
0UZ C3  C  Y N 7   
0UZ CL3 CL N N 8   
0UZ C4  C  Y N 9   
0UZ O4  O  N N 10  
0UZ C5  C  Y N 11  
0UZ C6  C  Y N 12  
0UZ H   H  N N 13  
0UZ H2  H  N N 14  
0UZ HA  H  N N 15  
0UZ H6  H  N N 16  
0UZ H7  H  N N 17  
0UZ H8  H  N N 18  
0UZ H9  H  N N 19  
0UZ OXT O  N N 20  
0UZ HXT H  N N 21  
3FG N   N  N N 22  
3FG OD1 O  N N 23  
3FG CD1 C  Y N 24  
3FG CG1 C  Y N 25  
3FG CZ  C  Y N 26  
3FG CD2 C  Y N 27  
3FG OD2 O  N N 28  
3FG CG2 C  Y N 29  
3FG CB  C  Y N 30  
3FG CA  C  N S 31  
3FG C   C  N N 32  
3FG O   O  N N 33  
3FG OXT O  N N 34  
3FG H   H  N N 35  
3FG H2  H  N N 36  
3FG HA  H  N N 37  
3FG HD1 H  N N 38  
3FG HG1 H  N N 39  
3FG HZ  H  N N 40  
3FG HD2 H  N N 41  
3FG HG2 H  N N 42  
3FG HXT H  N N 43  
BGC C2  C  N R 44  
BGC C3  C  N S 45  
BGC C4  C  N S 46  
BGC C5  C  N R 47  
BGC C6  C  N N 48  
BGC C1  C  N R 49  
BGC O1  O  N N 50  
BGC O2  O  N N 51  
BGC O3  O  N N 52  
BGC O4  O  N N 53  
BGC O5  O  N N 54  
BGC O6  O  N N 55  
BGC H2  H  N N 56  
BGC H3  H  N N 57  
BGC H4  H  N N 58  
BGC H5  H  N N 59  
BGC H61 H  N N 60  
BGC H62 H  N N 61  
BGC H1  H  N N 62  
BGC HO1 H  N N 63  
BGC HO2 H  N N 64  
BGC HO3 H  N N 65  
BGC HO4 H  N N 66  
BGC HO6 H  N N 67  
CL  CL  CL N N 68  
FMT C   C  N N 69  
FMT O1  O  N N 70  
FMT O2  O  N N 71  
FMT H   H  N N 72  
FMT HO2 H  N N 73  
GHP N   N  N N 74  
GHP CA  C  N R 75  
GHP C   C  N N 76  
GHP O   O  N N 77  
GHP OXT O  N N 78  
GHP C1  C  Y N 79  
GHP C2  C  Y N 80  
GHP C3  C  Y N 81  
GHP C4  C  Y N 82  
GHP O4  O  N N 83  
GHP C5  C  Y N 84  
GHP C6  C  Y N 85  
GHP H   H  N N 86  
GHP H2  H  N N 87  
GHP HA  H  N N 88  
GHP HXT H  N N 89  
GHP HC2 H  N N 90  
GHP H3  H  N N 91  
GHP HO4 H  N N 92  
GHP H5  H  N N 93  
GHP H6  H  N N 94  
HOH O   O  N N 95  
HOH H1  H  N N 96  
HOH H2  H  N N 97  
HTY C   C  N N 98  
HTY N   N  N N 99  
HTY O   O  N N 100 
HTY CA  C  N R 101 
HTY CB  C  N R 102 
HTY OB  O  N N 103 
HTY CG  C  Y N 104 
HTY OH  O  N N 105 
HTY CZ  C  Y N 106 
HTY CD1 C  Y N 107 
HTY CD2 C  Y N 108 
HTY CE1 C  Y N 109 
HTY CE2 C  Y N 110 
HTY OXT O  N N 111 
HTY H2  H  N N 112 
HTY H   H  N N 113 
HTY HA  H  N N 114 
HTY HB  H  N N 115 
HTY HOB H  N N 116 
HTY HOH H  N N 117 
HTY HD1 H  N N 118 
HTY HD2 H  N N 119 
HTY HE1 H  N N 120 
HTY HE2 H  N N 121 
HTY HXT H  N N 122 
MAN C1  C  N S 123 
MAN C2  C  N S 124 
MAN C3  C  N S 125 
MAN C4  C  N S 126 
MAN C5  C  N R 127 
MAN C6  C  N N 128 
MAN O1  O  N N 129 
MAN O2  O  N N 130 
MAN O3  O  N N 131 
MAN O4  O  N N 132 
MAN O5  O  N N 133 
MAN O6  O  N N 134 
MAN H1  H  N N 135 
MAN H2  H  N N 136 
MAN H3  H  N N 137 
MAN H4  H  N N 138 
MAN H5  H  N N 139 
MAN H61 H  N N 140 
MAN H62 H  N N 141 
MAN HO1 H  N N 142 
MAN HO2 H  N N 143 
MAN HO3 H  N N 144 
MAN HO4 H  N N 145 
MAN HO6 H  N N 146 
OMY N   N  N N 147 
OMY CA  C  N S 148 
OMY OCZ O  N N 149 
OMY CE2 C  Y N 150 
OMY CE1 C  Y N 151 
OMY CZ  C  Y N 152 
OMY CG  C  Y N 153 
OMY CD2 C  Y N 154 
OMY CD1 C  Y N 155 
OMY CB  C  N R 156 
OMY CL  CL N N 157 
OMY O   O  N N 158 
OMY C   C  N N 159 
OMY ODE O  N N 160 
OMY OXT O  N N 161 
OMY H   H  N N 162 
OMY H2  H  N N 163 
OMY HA  H  N N 164 
OMY HCZ H  N N 165 
OMY HE2 H  N N 166 
OMY HD2 H  N N 167 
OMY HD1 H  N N 168 
OMY HB  H  N N 169 
OMY HXT H  N N 170 
OMY HDE H  N N 171 
PHE N   N  N N 172 
PHE CA  C  N S 173 
PHE C   C  N N 174 
PHE O   O  N N 175 
PHE CB  C  N N 176 
PHE CG  C  Y N 177 
PHE CD1 C  Y N 178 
PHE CD2 C  Y N 179 
PHE CE1 C  Y N 180 
PHE CE2 C  Y N 181 
PHE CZ  C  Y N 182 
PHE OXT O  N N 183 
PHE H   H  N N 184 
PHE H2  H  N N 185 
PHE HA  H  N N 186 
PHE HB2 H  N N 187 
PHE HB3 H  N N 188 
PHE HD1 H  N N 189 
PHE HD2 H  N N 190 
PHE HE1 H  N N 191 
PHE HE2 H  N N 192 
PHE HZ  H  N N 193 
PHE HXT H  N N 194 
RAM C1  C  N R 195 
RAM C2  C  N R 196 
RAM C3  C  N R 197 
RAM C4  C  N R 198 
RAM C5  C  N S 199 
RAM C6  C  N N 200 
RAM O1  O  N N 201 
RAM O2  O  N N 202 
RAM O3  O  N N 203 
RAM O4  O  N N 204 
RAM O5  O  N N 205 
RAM H1  H  N N 206 
RAM H2  H  N N 207 
RAM H3  H  N N 208 
RAM H4  H  N N 209 
RAM H5  H  N N 210 
RAM H61 H  N N 211 
RAM H62 H  N N 212 
RAM H63 H  N N 213 
RAM HO1 H  N N 214 
RAM HO2 H  N N 215 
RAM HO3 H  N N 216 
RAM HO4 H  N N 217 
YBJ C1  C  N R 218 
YBJ C2  C  N N 219 
YBJ C3  C  N S 220 
YBJ C4  C  N R 221 
YBJ C5  C  N S 222 
YBJ N   N  N N 223 
YBJ C   C  N N 224 
YBJ O   O  N N 225 
YBJ C6  C  N N 226 
YBJ O2  O  N N 227 
YBJ H9  H  N N 228 
YBJ H8  H  N N 229 
YBJ H7  H  N N 230 
YBJ H2  H  N N 231 
YBJ H1  H  N N 232 
YBJ H   H  N N 233 
YBJ H10 H  N N 234 
YBJ H11 H  N N 235 
YBJ H4  H  N N 236 
YBJ H6  H  N N 237 
YBJ H5  H  N N 238 
YBJ H13 H  N N 239 
YBJ H12 H  N N 240 
YBJ H14 H  N N 241 
YBJ O1  O  N N 242 
YBJ H3  H  N N 243 
# 
loop_
_chem_comp_bond.comp_id 
_chem_comp_bond.atom_id_1 
_chem_comp_bond.atom_id_2 
_chem_comp_bond.value_order 
_chem_comp_bond.pdbx_aromatic_flag 
_chem_comp_bond.pdbx_stereo_config 
_chem_comp_bond.pdbx_ordinal 
0UZ CL3 C3  sing N N 1   
0UZ O4  C4  sing N N 2   
0UZ C3  C4  doub Y N 3   
0UZ C3  C2  sing Y N 4   
0UZ C4  C5  sing Y N 5   
0UZ C2  C1  doub Y N 6   
0UZ C5  C6  doub Y N 7   
0UZ C1  C6  sing Y N 8   
0UZ C1  CA  sing N N 9   
0UZ N   CA  sing N N 10  
0UZ O   C   doub N N 11  
0UZ CA  C   sing N N 12  
0UZ N   H   sing N N 13  
0UZ N   H2  sing N N 14  
0UZ CA  HA  sing N N 15  
0UZ C2  H6  sing N N 16  
0UZ O4  H7  sing N N 17  
0UZ C5  H8  sing N N 18  
0UZ C6  H9  sing N N 19  
0UZ C   OXT sing N N 20  
0UZ OXT HXT sing N N 21  
3FG N   CA  sing N N 22  
3FG OD1 CD1 sing N N 23  
3FG CD1 CG1 sing Y N 24  
3FG CD1 CZ  doub Y N 25  
3FG CG1 CB  doub Y N 26  
3FG CZ  CD2 sing Y N 27  
3FG CD2 OD2 sing N N 28  
3FG CD2 CG2 doub Y N 29  
3FG CG2 CB  sing Y N 30  
3FG CB  CA  sing N N 31  
3FG CA  C   sing N N 32  
3FG C   O   doub N N 33  
3FG C   OXT sing N N 34  
3FG N   H   sing N N 35  
3FG N   H2  sing N N 36  
3FG CA  HA  sing N N 37  
3FG OD1 HD1 sing N N 38  
3FG CG1 HG1 sing N N 39  
3FG CZ  HZ  sing N N 40  
3FG OD2 HD2 sing N N 41  
3FG CG2 HG2 sing N N 42  
3FG OXT HXT sing N N 43  
BGC C2  C3  sing N N 44  
BGC C2  C1  sing N N 45  
BGC C2  O2  sing N N 46  
BGC C2  H2  sing N N 47  
BGC C3  C4  sing N N 48  
BGC C3  O3  sing N N 49  
BGC C3  H3  sing N N 50  
BGC C4  C5  sing N N 51  
BGC C4  O4  sing N N 52  
BGC C4  H4  sing N N 53  
BGC C5  C6  sing N N 54  
BGC C5  O5  sing N N 55  
BGC C5  H5  sing N N 56  
BGC C6  O6  sing N N 57  
BGC C6  H61 sing N N 58  
BGC C6  H62 sing N N 59  
BGC C1  O1  sing N N 60  
BGC C1  O5  sing N N 61  
BGC C1  H1  sing N N 62  
BGC O1  HO1 sing N N 63  
BGC O2  HO2 sing N N 64  
BGC O3  HO3 sing N N 65  
BGC O4  HO4 sing N N 66  
BGC O6  HO6 sing N N 67  
FMT C   O1  doub N N 68  
FMT C   O2  sing N N 69  
FMT C   H   sing N N 70  
FMT O2  HO2 sing N N 71  
GHP N   CA  sing N N 72  
GHP N   H   sing N N 73  
GHP N   H2  sing N N 74  
GHP CA  C   sing N N 75  
GHP CA  C1  sing N N 76  
GHP CA  HA  sing N N 77  
GHP C   O   doub N N 78  
GHP C   OXT sing N N 79  
GHP OXT HXT sing N N 80  
GHP C1  C2  doub Y N 81  
GHP C1  C6  sing Y N 82  
GHP C2  C3  sing Y N 83  
GHP C2  HC2 sing N N 84  
GHP C3  C4  doub Y N 85  
GHP C3  H3  sing N N 86  
GHP C4  O4  sing N N 87  
GHP C4  C5  sing Y N 88  
GHP O4  HO4 sing N N 89  
GHP C5  C6  doub Y N 90  
GHP C5  H5  sing N N 91  
GHP C6  H6  sing N N 92  
HOH O   H1  sing N N 93  
HOH O   H2  sing N N 94  
HTY C   O   doub N N 95  
HTY C   CA  sing N N 96  
HTY C   OXT sing N N 97  
HTY N   CA  sing N N 98  
HTY N   H2  sing N N 99  
HTY N   H   sing N N 100 
HTY CA  CB  sing N N 101 
HTY CA  HA  sing N N 102 
HTY CB  OB  sing N N 103 
HTY CB  CG  sing N N 104 
HTY CB  HB  sing N N 105 
HTY OB  HOB sing N N 106 
HTY CG  CD1 doub Y N 107 
HTY CG  CD2 sing Y N 108 
HTY OH  CZ  sing N N 109 
HTY OH  HOH sing N N 110 
HTY CZ  CE1 doub Y N 111 
HTY CZ  CE2 sing Y N 112 
HTY CD1 CE1 sing Y N 113 
HTY CD1 HD1 sing N N 114 
HTY CD2 CE2 doub Y N 115 
HTY CD2 HD2 sing N N 116 
HTY CE1 HE1 sing N N 117 
HTY CE2 HE2 sing N N 118 
HTY OXT HXT sing N N 119 
MAN C1  C2  sing N N 120 
MAN C1  O1  sing N N 121 
MAN C1  O5  sing N N 122 
MAN C1  H1  sing N N 123 
MAN C2  C3  sing N N 124 
MAN C2  O2  sing N N 125 
MAN C2  H2  sing N N 126 
MAN C3  C4  sing N N 127 
MAN C3  O3  sing N N 128 
MAN C3  H3  sing N N 129 
MAN C4  C5  sing N N 130 
MAN C4  O4  sing N N 131 
MAN C4  H4  sing N N 132 
MAN C5  C6  sing N N 133 
MAN C5  O5  sing N N 134 
MAN C5  H5  sing N N 135 
MAN C6  O6  sing N N 136 
MAN C6  H61 sing N N 137 
MAN C6  H62 sing N N 138 
MAN O1  HO1 sing N N 139 
MAN O2  HO2 sing N N 140 
MAN O3  HO3 sing N N 141 
MAN O4  HO4 sing N N 142 
MAN O6  HO6 sing N N 143 
OMY N   CA  sing N N 144 
OMY OCZ CZ  sing N N 145 
OMY CZ  CE2 sing Y N 146 
OMY CZ  CE1 doub Y N 147 
OMY CE2 CD2 doub Y N 148 
OMY CD2 CG  sing Y N 149 
OMY CG  CD1 doub Y N 150 
OMY CG  CB  sing N N 151 
OMY CD1 CE1 sing Y N 152 
OMY CE1 CL  sing N N 153 
OMY C   O   doub N N 154 
OMY C   CA  sing N N 155 
OMY C   OXT sing N N 156 
OMY CA  CB  sing N N 157 
OMY CB  ODE sing N N 158 
OMY N   H   sing N N 159 
OMY N   H2  sing N N 160 
OMY CA  HA  sing N N 161 
OMY OCZ HCZ sing N N 162 
OMY CE2 HE2 sing N N 163 
OMY CD2 HD2 sing N N 164 
OMY CD1 HD1 sing N N 165 
OMY CB  HB  sing N N 166 
OMY OXT HXT sing N N 167 
OMY ODE HDE sing N N 168 
PHE N   CA  sing N N 169 
PHE N   H   sing N N 170 
PHE N   H2  sing N N 171 
PHE CA  C   sing N N 172 
PHE CA  CB  sing N N 173 
PHE CA  HA  sing N N 174 
PHE C   O   doub N N 175 
PHE C   OXT sing N N 176 
PHE CB  CG  sing N N 177 
PHE CB  HB2 sing N N 178 
PHE CB  HB3 sing N N 179 
PHE CG  CD1 doub Y N 180 
PHE CG  CD2 sing Y N 181 
PHE CD1 CE1 sing Y N 182 
PHE CD1 HD1 sing N N 183 
PHE CD2 CE2 doub Y N 184 
PHE CD2 HD2 sing N N 185 
PHE CE1 CZ  doub Y N 186 
PHE CE1 HE1 sing N N 187 
PHE CE2 CZ  sing Y N 188 
PHE CE2 HE2 sing N N 189 
PHE CZ  HZ  sing N N 190 
PHE OXT HXT sing N N 191 
RAM C1  C2  sing N N 192 
RAM C1  O1  sing N N 193 
RAM C1  O5  sing N N 194 
RAM C1  H1  sing N N 195 
RAM C2  C3  sing N N 196 
RAM C2  O2  sing N N 197 
RAM C2  H2  sing N N 198 
RAM C3  C4  sing N N 199 
RAM C3  O3  sing N N 200 
RAM C3  H3  sing N N 201 
RAM C4  C5  sing N N 202 
RAM C4  O4  sing N N 203 
RAM C4  H4  sing N N 204 
RAM C5  C6  sing N N 205 
RAM C5  O5  sing N N 206 
RAM C5  H5  sing N N 207 
RAM C6  H61 sing N N 208 
RAM C6  H62 sing N N 209 
RAM C6  H63 sing N N 210 
RAM O1  HO1 sing N N 211 
RAM O2  HO2 sing N N 212 
RAM O3  HO3 sing N N 213 
RAM O4  HO4 sing N N 214 
YBJ C   C5  sing N N 215 
YBJ O   C5  sing N N 216 
YBJ O   C1  sing N N 217 
YBJ C5  C4  sing N N 218 
YBJ C6  O2  sing N N 219 
YBJ C4  O2  sing N N 220 
YBJ C4  C3  sing N N 221 
YBJ C1  C2  sing N N 222 
YBJ C2  C3  sing N N 223 
YBJ C3  N   sing N N 224 
YBJ C1  H9  sing N N 225 
YBJ C2  H8  sing N N 226 
YBJ C2  H7  sing N N 227 
YBJ C3  H2  sing N N 228 
YBJ C4  H1  sing N N 229 
YBJ C5  H   sing N N 230 
YBJ N   H10 sing N N 231 
YBJ N   H11 sing N N 232 
YBJ C   H4  sing N N 233 
YBJ C   H6  sing N N 234 
YBJ C   H5  sing N N 235 
YBJ C6  H13 sing N N 236 
YBJ C6  H12 sing N N 237 
YBJ C6  H14 sing N N 238 
YBJ C1  O1  sing N N 239 
YBJ O1  H3  sing N N 240 
# 
loop_
_pdbx_audit_support.funding_organization 
_pdbx_audit_support.country 
_pdbx_audit_support.grant_number 
_pdbx_audit_support.ordinal 
'National Institutes of Health/National Institute of General Medical Sciences (NIH/NIGMS)' 'United States' R01GM129496  1 
'National Institutes of Health/National Institute of General Medical Sciences (NIH/NIGMS)' 'United States' 4R00GM129460 2 
# 
loop_
_pdbx_entity_branch_list.entity_id 
_pdbx_entity_branch_list.comp_id 
_pdbx_entity_branch_list.num 
_pdbx_entity_branch_list.hetero 
2 BGC 1 n 
2 RAM 2 n 
# 
loop_
_pdbx_entity_instance_feature.ordinal 
_pdbx_entity_instance_feature.comp_id 
_pdbx_entity_instance_feature.asym_id 
_pdbx_entity_instance_feature.seq_num 
_pdbx_entity_instance_feature.auth_comp_id 
_pdbx_entity_instance_feature.auth_asym_id 
_pdbx_entity_instance_feature.auth_seq_num 
_pdbx_entity_instance_feature.feature_type 
_pdbx_entity_instance_feature.details 
1  0UZ ? ? 0UZ ? ? 'SUBJECT OF INVESTIGATION' ? 
2  3FG ? ? 3FG ? ? 'SUBJECT OF INVESTIGATION' ? 
3  BGC ? ? BGC ? ? 'SUBJECT OF INVESTIGATION' ? 
4  YBJ ? ? YBJ ? ? 'SUBJECT OF INVESTIGATION' ? 
5  CL  ? ? CL  ? ? 'SUBJECT OF INVESTIGATION' ? 
6  FMT ? ? FMT ? ? 'SUBJECT OF INVESTIGATION' ? 
7  GHP ? ? GHP ? ? 'SUBJECT OF INVESTIGATION' ? 
8  HTY ? ? HTY ? ? 'SUBJECT OF INVESTIGATION' ? 
9  MAN ? ? MAN ? ? 'SUBJECT OF INVESTIGATION' ? 
10 OMY ? ? OMY ? ? 'SUBJECT OF INVESTIGATION' ? 
11 RAM ? ? RAM ? ? 'SUBJECT OF INVESTIGATION' ? 
# 
_space_group.name_H-M_alt     'P 21 21 21' 
_space_group.name_Hall        'P 2ac 2ab' 
_space_group.IT_number        19 
_space_group.crystal_system   orthorhombic 
_space_group.id               1 
# 
_atom_sites.entry_id                    7LKC 
_atom_sites.Cartn_transf_matrix[1][1]   ? 
_atom_sites.Cartn_transf_matrix[1][2]   ? 
_atom_sites.Cartn_transf_matrix[1][3]   ? 
_atom_sites.Cartn_transf_matrix[2][1]   ? 
_atom_sites.Cartn_transf_matrix[2][2]   ? 
_atom_sites.Cartn_transf_matrix[2][3]   ? 
_atom_sites.Cartn_transf_matrix[3][1]   ? 
_atom_sites.Cartn_transf_matrix[3][2]   ? 
_atom_sites.Cartn_transf_matrix[3][3]   ? 
_atom_sites.Cartn_transf_vector[1]      ? 
_atom_sites.Cartn_transf_vector[2]      ? 
_atom_sites.Cartn_transf_vector[3]      ? 
_atom_sites.fract_transf_matrix[1][1]   0.00178047 
_atom_sites.fract_transf_matrix[1][2]   0.04814923 
_atom_sites.fract_transf_matrix[1][3]   0.00279268 
_atom_sites.fract_transf_matrix[2][1]   0.03065169 
_atom_sites.fract_transf_matrix[2][2]   -0.00086666 
_atom_sites.fract_transf_matrix[2][3]   -0.00459968 
_atom_sites.fract_transf_matrix[3][1]   -0.00385804 
_atom_sites.fract_transf_matrix[3][2]   0.00165188 
_atom_sites.fract_transf_matrix[3][3]   -0.02602073 
_atom_sites.fract_transf_vector[1]      0.884213 
_atom_sites.fract_transf_vector[2]      0.553011 
_atom_sites.fract_transf_vector[3]      0.211242 
_atom_sites.solution_primary            ? 
_atom_sites.solution_secondary          ? 
_atom_sites.solution_hydrogens          ? 
_atom_sites.special_details             ? 
# 
loop_
_atom_type.symbol 
_atom_type.scat_dispersion_real 
_atom_type.scat_dispersion_imag 
_atom_type.scat_Cromer_Mann_a1 
_atom_type.scat_Cromer_Mann_a2 
_atom_type.scat_Cromer_Mann_a3 
_atom_type.scat_Cromer_Mann_a4 
_atom_type.scat_Cromer_Mann_b1 
_atom_type.scat_Cromer_Mann_b2 
_atom_type.scat_Cromer_Mann_b3 
_atom_type.scat_Cromer_Mann_b4 
_atom_type.scat_Cromer_Mann_c 
_atom_type.scat_source 
_atom_type.scat_dispersion_source 
C  ? ? 2.51340 1.74867 1.72398 ? 31.80534 0.44561  10.58317 ? 0.0 
;3-Gaussian fit: Grosse-Kunstleve RW, Sauter NK, Adams PD: Newsletter of the IUCr Commission on Crystallographic Computing 2004, 3, 22-31.
;
? 
CL ? ? 9.50761 7.44341 ?       ? 1.04373  23.83732 ?        ? 0.0 
;2-Gaussian fit: Grosse-Kunstleve RW, Sauter NK, Adams PD: Newsletter of the IUCr Commission on Crystallographic Computing 2004, 3, 22-31.
;
? 
H  ? ? 0.53795 0.34799 0.11320 ? 10.08003 29.74760 2.57510  ? 0.0 
;3-Gaussian fit: Grosse-Kunstleve RW, Sauter NK, Adams PD: Newsletter of the IUCr Commission on Crystallographic Computing 2004, 3, 22-31.
;
? 
N  ? ? 2.99955 2.25584 1.72788 ? 23.27268 7.45433  0.31622  ? 0.0 
;3-Gaussian fit: Grosse-Kunstleve RW, Sauter NK, Adams PD: Newsletter of the IUCr Commission on Crystallographic Computing 2004, 3, 22-31.
;
? 
O  ? ? 4.49882 3.47563 ?       ? 15.80542 1.70748  ?        ? 0.0 
;2-Gaussian fit: Grosse-Kunstleve RW, Sauter NK, Adams PD: Newsletter of the IUCr Commission on Crystallographic Computing 2004, 3, 22-31.
;
? 
# 
loop_
_atom_site.group_PDB 
_atom_site.id 
_atom_site.type_symbol 
_atom_site.label_atom_id 
_atom_site.label_alt_id 
_atom_site.label_comp_id 
_atom_site.label_asym_id 
_atom_site.label_entity_id 
_atom_site.label_seq_id 
_atom_site.pdbx_PDB_ins_code 
_atom_site.Cartn_x 
_atom_site.Cartn_y 
_atom_site.Cartn_z 
_atom_site.occupancy 
_atom_site.B_iso_or_equiv 
_atom_site.pdbx_formal_charge 
_atom_site.auth_seq_id 
_atom_site.auth_comp_id 
_atom_site.auth_asym_id 
_atom_site.auth_atom_id 
_atom_site.pdbx_PDB_model_num 
HETATM 1   N  N   A 0UZ A 1 1 ? 8.59075   6.82814   3.74652   0.640 11.38928 ? 1   0UZ A N   1 
HETATM 2   N  N   B 0UZ A 1 1 ? 8.54053   7.15211   4.01441   0.360 11.64398 ? 1   0UZ A N   1 
HETATM 3   C  CA  A 0UZ A 1 1 ? 7.74946   6.02093   2.86077   0.640 10.58197 ? 1   0UZ A CA  1 
HETATM 4   C  CA  B 0UZ A 1 1 ? 7.52711   6.33371   3.34513   0.360 11.57206 ? 1   0UZ A CA  1 
HETATM 5   C  C   A 0UZ A 1 1 ? 7.01484   6.97248   1.87270   0.640 10.82026 ? 1   0UZ A C   1 
HETATM 6   C  C   B 0UZ A 1 1 ? 6.96185   7.07499   2.07928   0.360 11.02979 ? 1   0UZ A C   1 
HETATM 7   O  O   A 0UZ A 1 1 ? 7.67383   7.85450   1.25607   0.640 11.67431 ? 1   0UZ A O   1 
HETATM 8   O  O   B 0UZ A 1 1 ? 7.69920   7.89510   1.46761   0.360 11.44574 ? 1   0UZ A O   1 
HETATM 9   C  C1  A 0UZ A 1 1 ? 8.53375   4.94708   2.14862   0.640 9.63431  ? 1   0UZ A C1  1 
HETATM 10  C  C1  B 0UZ A 1 1 ? 8.04545   4.96797   2.99646   0.360 11.56939 ? 1   0UZ A C1  1 
HETATM 11  C  C2  A 0UZ A 1 1 ? 8.50394   3.63834   2.65103   0.640 9.35436  ? 1   0UZ A C2  1 
HETATM 12  C  C2  B 0UZ A 1 1 ? 8.66207   4.76767   1.76089   0.360 11.33566 ? 1   0UZ A C2  1 
HETATM 13  C  C3  A 0UZ A 1 1 ? 9.23851   2.62581   2.03584   0.640 9.83486  ? 1   0UZ A C3  1 
HETATM 14  C  C3  B 0UZ A 1 1 ? 9.15779   3.51007   1.43353   0.360 11.37378 ? 1   0UZ A C3  1 
HETATM 15  CL CL3 A 0UZ A 1 1 ? 9.16057   1.03253   2.66474   0.640 10.89366 ? 1   0UZ A CL3 1 
HETATM 16  CL CL3 B 0UZ A 1 1 ? 9.92024   3.27645   -0.07694  0.360 11.16020 ? 1   0UZ A CL3 1 
HETATM 17  C  C4  A 0UZ A 1 1 ? 10.02594  2.90457   0.90497   0.640 9.85077  ? 1   0UZ A C4  1 
HETATM 18  C  C4  B 0UZ A 1 1 ? 9.03193   2.44352   2.33796   0.360 11.82071 ? 1   0UZ A C4  1 
HETATM 19  O  O4  A 0UZ A 1 1 ? 10.78122  1.96572   0.23026   0.640 10.45030 ? 1   0UZ A O4  1 
HETATM 20  O  O4  B 0UZ A 1 1 ? 9.48048   1.16486   2.09298   0.360 12.08321 ? 1   0UZ A O4  1 
HETATM 21  C  C5  A 0UZ A 1 1 ? 10.06059  4.21104   0.40370   0.640 9.82103  ? 1   0UZ A C5  1 
HETATM 22  C  C5  B 0UZ A 1 1 ? 8.40545   2.63847   3.57336   0.360 12.01428 ? 1   0UZ A C5  1 
HETATM 23  C  C6  A 0UZ A 1 1 ? 9.31902   5.21969   1.02194   0.640 9.52371  ? 1   0UZ A C6  1 
HETATM 24  C  C6  B 0UZ A 1 1 ? 7.91778   3.89882   3.89160   0.360 11.91322 ? 1   0UZ A C6  1 
HETATM 25  H  H   A 0UZ A 1 1 ? 8.87366   7.53960   3.29383   0.640 13.66713 ? 1   0UZ A H   1 
HETATM 26  H  H2  A 0UZ A 1 1 ? 9.31247   6.34672   3.94406   0.640 13.66713 ? 1   0UZ A H2  1 
HETATM 27  H  H   B 0UZ A 1 1 ? 8.93183   7.66555   3.40300   0.360 13.97278 ? 1   0UZ A H   1 
HETATM 28  H  H2  B 0UZ A 1 1 ? 9.16692   6.60147   4.32507   0.360 13.97278 ? 1   0UZ A H2  1 
HETATM 29  H  HA  A 0UZ A 1 1 ? 7.08192   5.53837   3.37305   0.640 12.69836 ? 1   0UZ A HA  1 
HETATM 30  H  HA  B 0UZ A 1 1 ? 6.78497   6.19420   3.95396   0.360 13.88647 ? 1   0UZ A HA  1 
HETATM 31  H  H6  A 0UZ A 1 1 ? 7.98246   3.46847   3.40209   0.640 11.22524 ? 1   0UZ A H6  1 
HETATM 32  H  H6  B 0UZ A 1 1 ? 8.72971   5.48693   1.17523   0.360 13.60279 ? 1   0UZ A H6  1 
HETATM 33  H  H7  A 0UZ A 1 1 ? 10.65265  1.21412   0.60429   0.640 12.54036 ? 1   0UZ A H7  1 
HETATM 34  H  H7  B 0UZ A 1 1 ? 9.68299   1.11533   1.26851   0.360 14.49985 ? 1   0UZ A H7  1 
HETATM 35  H  H8  A 0UZ A 1 1 ? 10.58389  4.39099   -0.34375  0.640 11.78524 ? 1   0UZ A H8  1 
HETATM 36  H  H8  B 0UZ A 1 1 ? 8.32474   1.92317   4.16220   0.360 14.41713 ? 1   0UZ A H8  1 
HETATM 37  H  H9  A 0UZ A 1 1 ? 9.34746   6.08417   0.68024   0.640 11.42845 ? 1   0UZ A H9  1 
HETATM 38  H  H9  B 0UZ A 1 1 ? 7.50031   4.03434   4.71150   0.360 14.29586 ? 1   0UZ A H9  1 
HETATM 39  C  C   . HTY A 1 2 ? 4.13426   6.82604   -0.20265  1.000 9.61514  ? 2   HTY A C   1 
HETATM 40  N  N   . HTY A 1 2 ? 5.70930   6.80435   1.73265   1.000 10.32601 ? 2   HTY A N   1 
HETATM 41  O  O   . HTY A 1 2 ? 3.52382   7.47721   -1.07547  1.000 10.40819 ? 2   HTY A O   1 
HETATM 42  C  CA  . HTY A 1 2 ? 4.95545   7.64858   0.82357   1.000 9.97546  ? 2   HTY A CA  1 
HETATM 43  C  CB  . HTY A 1 2 ? 4.04335   8.69015   1.61279   1.000 10.34115 ? 2   HTY A CB  1 
HETATM 44  O  OB  . HTY A 1 2 ? 4.87590   9.40873   2.49277   1.000 11.19192 ? 2   HTY A OB  1 
HETATM 45  C  CG  . HTY A 1 2 ? 2.97035   7.94910   2.35014   1.000 9.89018  ? 2   HTY A CG  1 
HETATM 46  O  OH  . HTY A 1 2 ? 0.05624   5.56045   4.15749   1.000 9.33771  ? 2   HTY A OH  1 
HETATM 47  C  CZ  . HTY A 1 2 ? 1.02349   6.39113   3.57126   1.000 9.52228  ? 2   HTY A CZ  1 
HETATM 48  C  CD1 . HTY A 1 2 ? 3.25157   7.30486   3.53803   1.000 10.12068 ? 2   HTY A CD1 1 
HETATM 49  C  CD2 . HTY A 1 2 ? 1.72270   7.82292   1.76385   1.000 10.03512 ? 2   HTY A CD2 1 
HETATM 50  C  CE1 . HTY A 1 2 ? 2.27542   6.51977   4.14663   1.000 10.02998 ? 2   HTY A CE1 1 
HETATM 51  C  CE2 . HTY A 1 2 ? 0.72277   7.04869   2.37116   1.000 9.91948  ? 2   HTY A CE2 1 
HETATM 52  H  H   . HTY A 1 2 ? 5.15087   6.11253   2.21815   1.000 12.39121 ? 2   HTY A H   1 
HETATM 53  H  HA  . HTY A 1 2 ? 5.70529   8.22100   0.21986   1.000 11.97055 ? 2   HTY A HA  1 
HETATM 54  H  HB  . HTY A 1 2 ? 3.49273   9.46269   1.00441   1.000 12.40938 ? 2   HTY A HB  1 
HETATM 55  H  HOB . HTY A 1 2 ? 5.31484   8.77138   3.04216   1.000 13.43030 ? 2   HTY A HOB 1 
HETATM 56  H  HD1 . HTY A 1 2 ? 4.23977   7.41672   3.99146   1.000 12.14482 ? 2   HTY A HD1 1 
HETATM 57  H  HD2 . HTY A 1 2 ? 1.50478   8.32622   0.82073   1.000 12.04214 ? 2   HTY A HD2 1 
HETATM 58  H  HE1 . HTY A 1 2 ? 2.51218   6.00641   5.08558   1.000 12.03598 ? 2   HTY A HE1 1 
HETATM 59  H  HE2 . HTY A 1 2 ? -0.27163  6.95871   1.91916   1.000 11.90338 ? 2   HTY A HE2 1 
ATOM   60  N  N   . PHE A 1 3 ? 4.12337   5.50183   -0.11235  1.000 8.98758  ? 3   PHE A N   1 
ATOM   61  C  CA  . PHE A 1 3 ? 3.51096   4.68241   -1.15085  1.000 9.18153  ? 3   PHE A CA  1 
ATOM   62  C  C   . PHE A 1 3 ? 2.31089   3.86648   -0.67121  1.000 8.65029  ? 3   PHE A C   1 
ATOM   63  O  O   . PHE A 1 3 ? 1.22518   3.95069   -1.25372  1.000 9.90847  ? 3   PHE A O   1 
ATOM   64  C  CB  . PHE A 1 3 ? 4.56178   3.76331   -1.76290  1.000 9.65885  ? 3   PHE A CB  1 
ATOM   65  C  CG  . PHE A 1 3 ? 5.66533   4.50325   -2.44142  1.000 9.94927  ? 3   PHE A CG  1 
ATOM   66  C  CD1 . PHE A 1 3 ? 5.44004   5.13241   -3.64881  1.000 11.18408 ? 3   PHE A CD1 1 
ATOM   67  C  CD2 . PHE A 1 3 ? 6.92149   4.58905   -1.87133  1.000 10.38642 ? 3   PHE A CD2 1 
ATOM   68  C  CE1 . PHE A 1 3 ? 6.45188   5.83566   -4.27767  1.000 11.55440 ? 3   PHE A CE1 1 
ATOM   69  C  CE2 . PHE A 1 3 ? 7.93946   5.28999   -2.50703  1.000 11.07399 ? 3   PHE A CE2 1 
ATOM   70  C  CZ  . PHE A 1 3 ? 7.69964   5.88932   -3.70846  1.000 10.76979 ? 3   PHE A CZ  1 
ATOM   71  H  H   . PHE A 1 3 ? 4.46318   5.05447   0.53880   1.000 10.78509 ? 3   PHE A H   1 
ATOM   72  H  HA  . PHE A 1 3 ? 3.16324   5.28084   -1.83047  1.000 11.01783 ? 3   PHE A HA  1 
ATOM   73  H  HB2 . PHE A 1 3 ? 4.95350   3.22193   -1.05979  1.000 11.59063 ? 3   PHE A HB2 1 
ATOM   74  H  HB3 . PHE A 1 3 ? 4.13523   3.19336   -2.42178  1.000 11.59063 ? 3   PHE A HB3 1 
ATOM   75  H  HD1 . PHE A 1 3 ? 4.59951   5.08314   -4.04374  1.000 13.42089 ? 3   PHE A HD1 1 
ATOM   76  H  HD2 . PHE A 1 3 ? 7.08695   4.17429   -1.05555  1.000 12.46370 ? 3   PHE A HD2 1 
ATOM   77  H  HE1 . PHE A 1 3 ? 6.28722   6.27045   -5.08311  1.000 13.86528 ? 3   PHE A HE1 1 
ATOM   78  H  HE2 . PHE A 1 3 ? 8.78058   5.35009   -2.11484  1.000 13.28878 ? 3   PHE A HE2 1 
ATOM   79  H  HZ  . PHE A 1 3 ? 8.38711   6.33794   -4.14552  1.000 12.92374 ? 3   PHE A HZ  1 
HETATM 80  N  N   . GHP A 1 4 ? 2.51212   3.07353   0.37050   1.000 7.81140  ? 4   GHP A N   1 
HETATM 81  C  CA  . GHP A 1 4 ? 1.49879   2.14646   0.80220   1.000 7.40392  ? 4   GHP A CA  1 
HETATM 82  C  C   . GHP A 1 4 ? 2.15021   0.75073   1.00586   1.000 7.39258  ? 4   GHP A C   1 
HETATM 83  O  O   . GHP A 1 4 ? 3.18706   0.63210   1.68483   1.000 7.88064  ? 4   GHP A O   1 
HETATM 84  C  C1  . GHP A 1 4 ? 0.84464   2.53142   2.12531   1.000 7.53314  ? 4   GHP A C1  1 
HETATM 85  C  C2  . GHP A 1 4 ? 0.81597   3.85841   2.52079   1.000 8.07389  ? 4   GHP A C2  1 
HETATM 86  C  C3  . GHP A 1 4 ? 0.19134   4.22792   3.70892   1.000 8.36000  ? 4   GHP A C3  1 
HETATM 87  C  C4  . GHP A 1 4 ? -0.42192  3.27637   4.51256   1.000 8.29462  ? 4   GHP A C4  1 
HETATM 88  O  O4  . GHP A 1 4 ? -0.97714  3.67936   5.68962   1.000 8.79203  ? 4   GHP A O4  1 
HETATM 89  C  C5  . GHP A 1 4 ? -0.38526  1.92882   4.11540   1.000 7.76517  ? 4   GHP A C5  1 
HETATM 90  C  C6  . GHP A 1 4 ? 0.21623   1.57048   2.91313   1.000 7.34108  ? 4   GHP A C6  1 
HETATM 91  H  H   . GHP A 1 4 ? 3.34985   3.04245   0.93383   1.000 9.37368  ? 4   GHP A H   1 
HETATM 92  H  HA  . GHP A 1 4 ? 0.66496   2.06979   0.05090   1.000 8.88471  ? 4   GHP A HA  1 
HETATM 93  H  HC2 . GHP A 1 4 ? 1.28345   4.62709   1.90364   1.000 9.68866  ? 4   GHP A HC2 1 
HETATM 94  H  H6  . GHP A 1 4 ? 0.19940   0.52539   2.57682   1.000 8.80929  ? 4   GHP A H6  1 
HETATM 95  N  N   . GHP A 1 5 ? 1.54577   -0.25672  0.40224   1.000 7.23376  ? 5   GHP A N   1 
HETATM 96  C  CA  . GHP A 1 5 ? 1.84223   -1.61050  0.76445   1.000 7.15452  ? 5   GHP A CA  1 
HETATM 97  C  C   . GHP A 1 5 ? 0.47880   -2.39248  0.69534   1.000 7.21720  ? 5   GHP A C   1 
HETATM 98  O  O   . GHP A 1 5 ? -0.40949  -1.93743  -0.03088  1.000 8.06627  ? 5   GHP A O   1 
HETATM 99  C  C1  . GHP A 1 5 ? 2.76765   -2.37812  -0.16832  1.000 7.43715  ? 5   GHP A C1  1 
HETATM 100 C  C2  . GHP A 1 5 ? 3.82027   -3.10614  0.37179   1.000 7.40027  ? 5   GHP A C2  1 
HETATM 101 C  C3  . GHP A 1 5 ? 4.62871   -3.93378  -0.41469  1.000 8.29556  ? 5   GHP A C3  1 
HETATM 102 C  C4  . GHP A 1 5 ? 4.39107   -3.98262  -1.76775  1.000 9.59248  ? 5   GHP A C4  1 
HETATM 103 O  O4  . GHP A 1 5 ? 5.19278   -4.75703  -2.54606  1.000 11.08339 ? 5   GHP A O4  1 
HETATM 104 C  C5  . GHP A 1 5 ? 3.33765   -3.23914  -2.33638  1.000 9.75086  ? 5   GHP A C5  1 
HETATM 105 C  C6  . GHP A 1 5 ? 2.51749   -2.44635  -1.52008  1.000 8.77653  ? 5   GHP A C6  1 
HETATM 106 H  H   . GHP A 1 5 ? 0.85567   -0.17730  -0.33094  1.000 8.68052  ? 5   GHP A H   1 
HETATM 107 H  HA  . GHP A 1 5 ? 2.34627   -1.64469  1.76963   1.000 8.58543  ? 5   GHP A HA  1 
HETATM 108 H  HC2 . GHP A 1 5 ? 4.03077   -3.03710  1.44006   1.000 8.88032  ? 5   GHP A HC2 1 
HETATM 109 H  HO4 . GHP A 1 5 ? 4.63472   -5.46551  -2.86053  1.000 13.30006 ? 5   GHP A HO4 1 
HETATM 110 H  H5  . GHP A 1 5 ? 3.17726   -3.29403  -3.41209  1.000 11.70103 ? 5   GHP A H5  1 
HETATM 111 H  H6  . GHP A 1 5 ? 1.67971   -1.88114  -1.94935  1.000 10.53183 ? 5   GHP A H6  1 
HETATM 112 N  N   . OMY A 1 6 ? 0.33487   -3.52728  1.38375   1.000 7.23519  ? 6   OMY A N   1 
HETATM 113 C  CA  . OMY A 1 6 ? 1.30760   -4.10757  2.29815   1.000 7.55737  ? 6   OMY A CA  1 
HETATM 114 O  OCZ . OMY A 1 6 ? -0.92157  0.98655   5.04184   1.000 7.89771  ? 6   OMY A OCZ 1 
HETATM 115 C  CE2 . OMY A 1 6 ? -1.49369  -1.20627  4.19026   1.000 7.84902  ? 6   OMY A CE2 1 
HETATM 116 C  CE1 . OMY A 1 6 ? 0.73327   -0.78436  5.00128   1.000 8.22868  ? 6   OMY A CE1 1 
HETATM 117 C  CZ  . OMY A 1 6 ? -0.56054  -0.33839  4.74857   1.000 7.79942  ? 6   OMY A CZ  1 
HETATM 118 C  CG  . OMY A 1 6 ? 0.16966   -2.95383  4.11361   1.000 7.70761  ? 6   OMY A CG  1 
HETATM 119 C  CD2 . OMY A 1 6 ? -1.12440  -2.50836  3.86082   1.000 7.83875  ? 6   OMY A CD2 1 
HETATM 120 C  CD1 . OMY A 1 6 ? 1.09660   -2.08119  4.68439   1.000 7.83369  ? 6   OMY A CD1 1 
HETATM 121 C  CB  . OMY A 1 6 ? 0.63700   -4.35077  3.68814   1.000 7.60992  ? 6   OMY A CB  1 
HETATM 122 CL CL  . OMY A 1 6 ? 1.90914   0.29299   5.68039   1.000 10.22673 ? 6   OMY A CL  1 
HETATM 123 O  O   . OMY A 1 6 ? 1.27125   -6.02606  0.83145   1.000 9.64054  ? 6   OMY A O   1 
HETATM 124 C  C   . OMY A 1 6 ? 1.90695   -5.34779  1.62663   1.000 8.47009  ? 6   OMY A C   1 
HETATM 125 O  ODE . OMY A 1 6 ? -0.40487  -5.26377  3.47427   1.000 7.72270  ? 6   OMY A ODE 1 
HETATM 126 H  H   . OMY A 1 6 ? -0.42356  -4.04436  1.36303   1.000 8.68223  ? 6   OMY A H   1 
HETATM 127 H  HA  . OMY A 1 6 ? 2.05366   -3.50971  2.48422   1.000 9.06885  ? 6   OMY A HA  1 
HETATM 128 H  HE2 . OMY A 1 6 ? -2.38262  -0.90974  4.03412   1.000 9.41883  ? 6   OMY A HE2 1 
HETATM 129 H  HD2 . OMY A 1 6 ? -1.75364  -3.09149  3.46455   1.000 9.40650  ? 6   OMY A HD2 1 
HETATM 130 H  HD1 . OMY A 1 6 ? 2.00369   -2.38585  4.86074   1.000 9.40043  ? 6   OMY A HD1 1 
HETATM 131 H  HB  . OMY A 1 6 ? 1.23711   -4.75508  4.43234   1.000 9.13190  ? 6   OMY A HB  1 
HETATM 132 N  N   . 3FG A 1 7 ? 3.17372   -5.60982  1.91614   1.000 8.50021  ? 7   3FG A N   1 
HETATM 133 O  OD1 . 3FG A 1 7 ? 7.21136   -3.26963  -0.69975  1.000 11.47102 ? 7   3FG A OD1 1 
HETATM 134 C  CD1 . 3FG A 1 7 ? 7.02342   -4.39897  0.05302   1.000 10.02668 ? 7   3FG A CD1 1 
HETATM 135 C  CG1 . 3FG A 1 7 ? 5.68865   -4.80829  0.18369   1.000 8.94952  ? 7   3FG A CG1 1 
HETATM 136 C  CZ  . 3FG A 1 7 ? 8.07513   -5.07732  0.66861   1.000 10.50172 ? 7   3FG A CZ  1 
HETATM 137 C  CD2 . 3FG A 1 7 ? 7.75196   -6.21179  1.42141   1.000 10.62319 ? 7   3FG A CD2 1 
HETATM 138 O  OD2 . 3FG A 1 7 ? 8.79082   -6.85559  2.01906   1.000 11.72367 ? 7   3FG A OD2 1 
HETATM 139 C  CG2 . 3FG A 1 7 ? 6.43726   -6.64936  1.54667   1.000 9.89852  ? 7   3FG A CG2 1 
HETATM 140 C  CB  . 3FG A 1 7 ? 5.40298   -5.94066  0.93388   1.000 9.11583  ? 7   3FG A CB  1 
HETATM 141 C  CA  . 3FG A 1 7 ? 3.97199   -6.42390  1.03919   1.000 9.24151  ? 7   3FG A CA  1 
HETATM 142 C  C   . 3FG A 1 7 ? 3.99353   -7.90324  1.32958   1.000 10.65743 ? 7   3FG A C   1 
HETATM 143 O  O   . 3FG A 1 7 ? 3.70988   -8.24557  2.60455   1.000 11.70638 ? 7   3FG A O   1 
HETATM 144 O  OXT . 3FG A 1 7 ? 4.26785   -8.73684  0.47205   1.000 11.03425 ? 7   3FG A OXT 1 
HETATM 145 H  H   . 3FG A 1 7 ? 3.64081   -5.45060  2.78547   1.000 10.20025 ? 7   3FG A H   1 
HETATM 146 H  HA  . 3FG A 1 7 ? 3.46382   -6.34568  0.02844   1.000 11.08981 ? 7   3FG A HA  1 
HETATM 147 H  HZ  . 3FG A 1 7 ? 9.11854   -4.74810  0.57636   1.000 12.60206 ? 7   3FG A HZ  1 
HETATM 148 H  HD2 . 3FG A 1 7 ? 9.57400   -6.28892  1.95904   1.000 14.06841 ? 7   3FG A HD2 1 
HETATM 149 H  HG2 . 3FG A 1 7 ? 6.20784   -7.55437  2.12833   1.000 11.87823 ? 7   3FG A HG2 1 
HETATM 150 N  N   . 0UZ B 1 1 ? -10.92897 -7.85062  -1.11688  1.000 13.56877 ? 1   0UZ B N   1 
HETATM 151 C  CA  . 0UZ B 1 1 ? -9.71840  -7.09162  -0.85604  1.000 13.43712 ? 1   0UZ B CA  1 
HETATM 152 C  C   . 0UZ B 1 1 ? -8.82183  -7.77059  0.22079   1.000 13.31585 ? 1   0UZ B C   1 
HETATM 153 O  O   . 0UZ B 1 1 ? -8.95281  -9.00527  0.40182   1.000 14.74496 ? 1   0UZ B O   1 
HETATM 154 C  C1  . 0UZ B 1 1 ? -8.86015  -6.94241  -2.06905  1.000 13.61853 ? 1   0UZ B C1  1 
HETATM 155 C  C2  . 0UZ B 1 1 ? -7.86234  -7.88013  -2.32206  1.000 14.70106 ? 1   0UZ B C2  1 
HETATM 156 C  C3  . 0UZ B 1 1 ? -7.05375  -7.73408  -3.43361  1.000 15.71993 ? 1   0UZ B C3  1 
HETATM 157 CL CL3 . 0UZ B 1 1 ? -5.87019  -8.92594  -3.67346  1.000 18.12376 ? 1   0UZ B CL3 1 
HETATM 158 C  C4  . 0UZ B 1 1 ? -7.21175  -6.64443  -4.31010  1.000 15.46393 ? 1   0UZ B C4  1 
HETATM 159 O  O4  . 0UZ B 1 1 ? -6.43811  -6.42003  -5.43681  1.000 16.29387 ? 1   0UZ B O4  1 
HETATM 160 C  C5  . 0UZ B 1 1 ? -8.21003  -5.69718  -4.04471  1.000 14.75339 ? 1   0UZ B C5  1 
HETATM 161 C  C6  . 0UZ B 1 1 ? -9.02543  -5.85541  -2.92824  1.000 13.81534 ? 1   0UZ B C6  1 
HETATM 162 H  H   . 0UZ B 1 1 ? -11.28746 -8.08282  -0.33700  1.000 16.28253 ? 1   0UZ B H   1 
HETATM 163 H  H2  . 0UZ B 1 1 ? -11.50863 -7.30276  -1.51165  1.000 16.28253 ? 1   0UZ B H2  1 
HETATM 164 H  HA  . 0UZ B 1 1 ? -10.01763 -6.22162  -0.54865  1.000 16.12455 ? 1   0UZ B HA  1 
HETATM 165 H  H6  . 0UZ B 1 1 ? -7.75945  -8.59202  -1.73255  1.000 17.64127 ? 1   0UZ B H6  1 
HETATM 166 H  H7  . 0UZ B 1 1 ? -5.95849  -7.10939  -5.56931  1.000 19.55265 ? 1   0UZ B H7  1 
HETATM 167 H  H8  . 0UZ B 1 1 ? -8.31363  -4.97410  -4.62031  1.000 17.70407 ? 1   0UZ B H8  1 
HETATM 168 H  H9  . 0UZ B 1 1 ? -9.68918  -5.22804  -2.75290  1.000 16.57841 ? 1   0UZ B H9  1 
HETATM 169 C  C   . HTY B 1 2 ? -5.51001  -7.15983  1.30704   1.000 11.12652 ? 2   HTY B C   1 
HETATM 170 N  N   . HTY B 1 2 ? -7.95977  -7.01721  0.88689   1.000 12.14476 ? 2   HTY B N   1 
HETATM 171 O  O   . HTY B 1 2 ? -4.57195  -7.72662  1.90169   1.000 12.32862 ? 2   HTY B O   1 
HETATM 172 C  CA  . HTY B 1 2 ? -6.94691  -7.62146  1.72207   1.000 11.64503 ? 2   HTY B CA  1 
HETATM 173 C  CB  . HTY B 1 2 ? -7.18043  -7.42826  3.25794   1.000 11.61367 ? 2   HTY B CB  1 
HETATM 174 O  OB  . HTY B 1 2 ? -8.50148  -7.78079  3.59617   1.000 12.98962 ? 2   HTY B OB  1 
HETATM 175 C  CG  . HTY B 1 2 ? -6.88270  -6.01703  3.65436   1.000 10.57586 ? 2   HTY B CG  1 
HETATM 176 O  OH  . HTY B 1 2 ? -5.83298  -2.10777  4.60517   1.000 8.99110  ? 2   HTY B OH  1 
HETATM 177 C  CZ  . HTY B 1 2 ? -6.19854  -3.41097  4.29640   1.000 8.92509  ? 2   HTY B CZ  1 
HETATM 178 C  CD1 . HTY B 1 2 ? -7.76355  -4.98638  3.33927   1.000 10.70715 ? 2   HTY B CD1 1 
HETATM 179 C  CD2 . HTY B 1 2 ? -5.67178  -5.74811  4.27364   1.000 9.91103  ? 2   HTY B CD2 1 
HETATM 180 C  CE1 . HTY B 1 2 ? -7.41947  -3.67917  3.67088   1.000 9.92408  ? 2   HTY B CE1 1 
HETATM 181 C  CE2 . HTY B 1 2 ? -5.32175  -4.44285  4.61636   1.000 9.23593  ? 2   HTY B CE2 1 
HETATM 182 H  H   . HTY B 1 2 ? -7.93352  -6.00465  0.87221   1.000 14.57371 ? 2   HTY B H   1 
HETATM 183 H  HA  . HTY B 1 2 ? -7.02397  -8.72085  1.52259   1.000 13.97403 ? 2   HTY B HA  1 
HETATM 184 H  HB  . HTY B 1 2 ? -6.53311  -8.06254  3.92785   1.000 13.93641 ? 2   HTY B HB  1 
HETATM 185 H  HOB . HTY B 1 2 ? -8.82143  -8.31603  2.88466   1.000 15.58754 ? 2   HTY B HOB 1 
HETATM 186 H  HD1 . HTY B 1 2 ? -8.70903  -5.21054  2.83880   1.000 12.84858 ? 2   HTY B HD1 1 
HETATM 187 H  HD2 . HTY B 1 2 ? -4.97828  -6.55946  4.49957   1.000 11.89323 ? 2   HTY B HD2 1 
HETATM 188 H  HE1 . HTY B 1 2 ? -8.11628  -2.86655  3.43570   1.000 11.90890 ? 2   HTY B HE1 1 
HETATM 189 H  HE2 . HTY B 1 2 ? -4.37561  -4.23129  5.12751   1.000 11.08312 ? 2   HTY B HE2 1 
ATOM   190 N  N   . PHE B 1 3 ? -5.35007  -6.22527  0.37516   1.000 10.49853 ? 3   PHE B N   1 
ATOM   191 C  CA  . PHE B 1 3 ? -4.01890  -5.91440  -0.14142  1.000 10.52971 ? 3   PHE B CA  1 
ATOM   192 C  C   . PHE B 1 3 ? -3.49119  -4.55673  0.35112   1.000 9.41495  ? 3   PHE B C   1 
ATOM   193 O  O   . PHE B 1 3 ? -2.50981  -4.51191  1.10642   1.000 9.83363  ? 3   PHE B O   1 
ATOM   194 C  CB  . PHE B 1 3 ? -4.02041  -5.97757  -1.67450  1.000 12.68169 ? 3   PHE B CB  1 
ATOM   195 C  CG  . PHE B 1 3 ? -2.81262  -5.34272  -2.32610  1.000 14.26837 ? 3   PHE B CG  1 
ATOM   196 C  CD1 . PHE B 1 3 ? -1.53744  -5.51325  -1.80574  1.000 15.27712 ? 3   PHE B CD1 1 
ATOM   197 C  CD2 . PHE B 1 3 ? -2.95878  -4.59269  -3.47994  1.000 15.82876 ? 3   PHE B CD2 1 
ATOM   198 C  CE1 . PHE B 1 3 ? -0.44096  -4.92085  -2.40808  1.000 16.44541 ? 3   PHE B CE1 1 
ATOM   199 C  CE2 . PHE B 1 3 ? -1.86540  -4.00442  -4.08798  1.000 16.97399 ? 3   PHE B CE2 1 
ATOM   200 C  CZ  . PHE B 1 3 ? -0.60991  -4.16933  -3.55305  1.000 17.04647 ? 3   PHE B CZ  1 
ATOM   201 H  H   . PHE B 1 3 ? -5.98741  -5.76262  0.02968   1.000 12.59824 ? 3   PHE B H   1 
ATOM   202 H  HA  . PHE B 1 3 ? -3.39817  -6.58083  0.19246   1.000 12.63566 ? 3   PHE B HA  1 
ATOM   203 H  HB2 . PHE B 1 3 ? -4.04494  -6.90849  -1.94593  1.000 15.21803 ? 3   PHE B HB2 1 
ATOM   204 H  HB3 . PHE B 1 3 ? -4.80767  -5.51549  -2.00256  1.000 15.21803 ? 3   PHE B HB3 1 
ATOM   205 H  HD1 . PHE B 1 3 ? -1.41813  -6.03185  -1.04303  1.000 18.33255 ? 3   PHE B HD1 1 
ATOM   206 H  HD2 . PHE B 1 3 ? -3.80425  -4.48287  -3.85144  1.000 18.99452 ? 3   PHE B HD2 1 
ATOM   207 H  HE1 . PHE B 1 3 ? 0.40717   -5.02900  -2.04219  1.000 19.73449 ? 3   PHE B HE1 1 
ATOM   208 H  HE2 . PHE B 1 3 ? -1.97928  -3.49706  -4.85903  1.000 20.36879 ? 3   PHE B HE2 1 
ATOM   209 H  HZ  . PHE B 1 3 ? 0.12566   -3.77442  -3.96280  1.000 20.45577 ? 3   PHE B HZ  1 
HETATM 210 N  N   . GHP B 1 4 ? -4.11521  -3.45919  -0.07183  1.000 8.48565  ? 4   GHP B N   1 
HETATM 211 C  CA  . GHP B 1 4 ? -3.51731  -2.13342  0.16155   1.000 7.82867  ? 4   GHP B CA  1 
HETATM 212 C  C   . GHP B 1 4 ? -3.67462  -1.23035  -1.09538  1.000 7.89995  ? 4   GHP B C   1 
HETATM 213 O  O   . GHP B 1 4 ? -4.78498  -1.09007  -1.62673  1.000 8.68836  ? 4   GHP B O   1 
HETATM 214 C  C1  . GHP B 1 4 ? -4.08396  -1.40604  1.37952   1.000 7.97814  ? 4   GHP B C1  1 
HETATM 215 C  C2  . GHP B 1 4 ? -4.72777  -2.12256  2.38218   1.000 8.14641  ? 4   GHP B C2  1 
HETATM 216 C  C3  . GHP B 1 4 ? -5.20888  -1.46774  3.51526   1.000 8.33751  ? 4   GHP B C3  1 
HETATM 217 C  C4  . GHP B 1 4 ? -5.04981  -0.08188  3.64843   1.000 8.15618  ? 4   GHP B C4  1 
HETATM 218 O  O4  . GHP B 1 4 ? -5.48950  0.57339   4.75778   1.000 8.72496  ? 4   GHP B O4  1 
HETATM 219 C  C5  . GHP B 1 4 ? -4.39043  0.61727   2.63723   1.000 8.00196  ? 4   GHP B C5  1 
HETATM 220 C  C6  . GHP B 1 4 ? -3.89875  -0.04019  1.51980   1.000 8.23467  ? 4   GHP B C6  1 
HETATM 221 H  H   . GHP B 1 4 ? -4.99866  -3.42965  -0.56044  1.000 10.18277 ? 4   GHP B H   1 
HETATM 222 H  HA  . GHP B 1 4 ? -2.41403  -2.21921  0.36411   1.000 9.39440  ? 4   GHP B HA  1 
HETATM 223 H  HC2 . GHP B 1 4 ? -4.86184  -3.20146  2.29121   1.000 9.77569  ? 4   GHP B HC2 1 
HETATM 224 H  H6  . GHP B 1 4 ? -3.36075  0.51579   0.74067   1.000 9.88160  ? 4   GHP B H6  1 
HETATM 225 N  N   . GHP B 1 5 ? -2.56885  -0.63758  -1.53112  1.000 7.71824  ? 5   GHP B N   1 
HETATM 226 C  CA  . GHP B 1 5 ? -2.63544  0.52641   -2.36662  1.000 7.85219  ? 5   GHP B CA  1 
HETATM 227 C  C   . GHP B 1 5 ? -1.38539  1.42504   -1.97267  1.000 7.90823  ? 5   GHP B C   1 
HETATM 228 O  O   . GHP B 1 5 ? -0.40837  0.85355   -1.45701  1.000 8.18673  ? 5   GHP B O   1 
HETATM 229 C  C1  . GHP B 1 5 ? -2.48044  0.37975   -3.87617  1.000 8.35099  ? 5   GHP B C1  1 
HETATM 230 C  C2  . GHP B 1 5 ? -3.36380  1.05101   -4.71439  1.000 8.06625  ? 5   GHP B C2  1 
HETATM 231 C  C3  . GHP B 1 5 ? -3.21713  1.06203   -6.08987  1.000 8.74084  ? 5   GHP B C3  1 
HETATM 232 C  C4  . GHP B 1 5 ? -2.14192  0.37859   -6.64350  1.000 10.23022 ? 5   GHP B C4  1 
HETATM 233 O  O4  . GHP B 1 5 ? -1.97244  0.35395   -7.98782  1.000 11.52208 ? 5   GHP B O4  1 
HETATM 234 C  C5  . GHP B 1 5 ? -1.22249  -0.29131  -5.82222  1.000 10.34984 ? 5   GHP B C5  1 
HETATM 235 C  C6  . GHP B 1 5 ? -1.38973  -0.27934  -4.43670  1.000 9.42190  ? 5   GHP B C6  1 
HETATM 236 H  H   . GHP B 1 5 ? -1.62411  -0.93164  -1.32843  1.000 9.26188  ? 5   GHP B H   1 
HETATM 237 H  HA  . GHP B 1 5 ? -3.65276  0.98942   -2.23888  1.000 9.42262  ? 5   GHP B HA  1 
HETATM 238 H  HC2 . GHP B 1 5 ? -4.20651  1.59165   -4.28100  1.000 9.67950  ? 5   GHP B HC2 1 
HETATM 239 H  HO4 . GHP B 1 5 ? -1.53312  1.17369   -8.20636  1.000 13.82650 ? 5   GHP B HO4 1 
HETATM 240 H  H5  . GHP B 1 5 ? -0.38664  -0.81371  -6.28521  1.000 12.41981 ? 5   GHP B H5  1 
HETATM 241 H  H6  . GHP B 1 5 ? -0.66698  -0.78631  -3.78385  1.000 11.30628 ? 5   GHP B H6  1 
HETATM 242 N  N   . OMY B 1 6 ? -1.39488  2.73175   -2.23163  1.000 8.01171  ? 6   OMY B N   1 
HETATM 243 C  CA  . OMY B 1 6 ? -2.48335  3.49236   -2.81958  1.000 8.42530  ? 6   OMY B CA  1 
HETATM 244 O  OCZ . OMY B 1 6 ? -4.23291  2.01341   2.87238   1.000 8.55032  ? 6   OMY B OCZ 1 
HETATM 245 C  CE2 . OMY B 1 6 ? -2.64937  3.28892   1.59230   1.000 8.42469  ? 6   OMY B CE2 1 
HETATM 246 C  CE1 . OMY B 1 6 ? -4.82180  2.90416   0.65621   1.000 9.21557  ? 6   OMY B CE1 1 
HETATM 247 C  CZ  . OMY B 1 6 ? -3.90897  2.72685   1.69265   1.000 8.46695  ? 6   OMY B CZ  1 
HETATM 248 C  CG  . OMY B 1 6 ? -3.18382  4.12387   -0.60048  1.000 8.49801  ? 6   OMY B CG  1 
HETATM 249 C  CD2 . OMY B 1 6 ? -2.28723  3.98567   0.44576   1.000 8.24871  ? 6   OMY B CD2 1 
HETATM 250 C  CD1 . OMY B 1 6 ? -4.45885  3.57736   -0.48964  1.000 8.89578  ? 6   OMY B CD1 1 
HETATM 251 C  CB  . OMY B 1 6 ? -2.77928  4.74739   -1.92685  1.000 8.65804  ? 6   OMY B CB  1 
HETATM 252 CL CL  . OMY B 1 6 ? -6.41367  2.21760   0.79106   1.000 11.44679 ? 6   OMY B CL  1 
HETATM 253 O  O   . OMY B 1 6 ? -0.96538  3.78632   -4.67408  1.000 10.85077 ? 6   OMY B O   1 
HETATM 254 C  C   . OMY B 1 6 ? -2.12630  3.82467   -4.26035  1.000 9.30522  ? 6   OMY B C   1 
HETATM 255 O  ODE . OMY B 1 6 ? -1.59517  5.48011   -1.88277  1.000 8.89106  ? 6   OMY B ODE 1 
HETATM 256 H  H   . OMY B 1 6 ? -0.74385  3.30761   -1.93267  1.000 9.61405  ? 6   OMY B H   1 
HETATM 257 H  HA  . OMY B 1 6 ? -3.30986  2.97783   -2.84800  1.000 10.11036 ? 6   OMY B HA  1 
HETATM 258 H  HE2 . OMY B 1 6 ? -2.03185  3.19801   2.30848   1.000 10.10963 ? 6   OMY B HE2 1 
HETATM 259 H  HD2 . OMY B 1 6 ? -1.42529  4.36725   0.37892   1.000 9.89845  ? 6   OMY B HD2 1 
HETATM 260 H  HD1 . OMY B 1 6 ? -5.09403  3.67043   -1.22082  1.000 10.67493 ? 6   OMY B HD1 1 
HETATM 261 H  HB  . OMY B 1 6 ? -3.51767  5.40334   -2.24613  1.000 10.38965 ? 6   OMY B HB  1 
HETATM 262 N  N   . 3FG B 1 7 ? -3.15751  4.11371   -5.04686  1.000 9.94505  ? 7   3FG B N   1 
HETATM 263 O  OD1 . 3FG B 1 7 ? -5.16965  -0.23796  -7.36036  1.000 9.74598  ? 7   3FG B OD1 1 
HETATM 264 C  CD1 . 3FG B 1 7 ? -5.25093  1.12457   -7.48060  1.000 9.71788  ? 7   3FG B CD1 1 
HETATM 265 C  CG1 . 3FG B 1 7 ? -4.17422  1.85457   -6.93744  1.000 9.32901  ? 7   3FG B CG1 1 
HETATM 266 C  CZ  . 3FG B 1 7 ? -6.34548  1.75317   -8.08863  1.000 10.53400 ? 7   3FG B CZ  1 
HETATM 267 C  CD2 . 3FG B 1 7 ? -6.34185  3.15013   -8.16793  1.000 10.79562 ? 7   3FG B CD2 1 
HETATM 268 O  OD2 . 3FG B 1 7 ? -7.42662  3.74064   -8.76982  1.000 12.06752 ? 7   3FG B OD2 1 
HETATM 269 C  CG2 . 3FG B 1 7 ? -5.27553  3.89656   -7.66511  1.000 10.31431 ? 7   3FG B CG2 1 
HETATM 270 C  CB  . 3FG B 1 7 ? -4.19839  3.25081   -7.05418  1.000 10.00345 ? 7   3FG B CB  1 
HETATM 271 C  CA  . 3FG B 1 7 ? -3.04327  4.05199   -6.48259  1.000 10.66958 ? 7   3FG B CA  1 
HETATM 272 C  C   . 3FG B 1 7 ? -2.91362  5.38973   -7.20054  1.000 12.49079 ? 7   3FG B C   1 
HETATM 273 O  O   . 3FG B 1 7 ? -3.42759  6.45652   -6.55561  1.000 12.98814 ? 7   3FG B O   1 
HETATM 274 O  OXT . 3FG B 1 7 ? -2.37956  5.57368   -8.28755  1.000 14.37516 ? 7   3FG B OXT 1 
HETATM 275 H  H   . 3FG B 1 7 ? -4.11634  4.13921   -4.76077  1.000 11.93406 ? 7   3FG B H   1 
HETATM 276 H  HA  . 3FG B 1 7 ? -2.05679  3.55485   -6.73883  1.000 12.80350 ? 7   3FG B HA  1 
HETATM 277 H  HZ  . 3FG B 1 7 ? -7.18943  1.18099   -8.49603  1.000 12.64080 ? 7   3FG B HZ  1 
HETATM 278 H  HD2 . 3FG B 1 7 ? -8.22059  3.26048   -8.48957  1.000 14.48102 ? 7   3FG B HD2 1 
HETATM 279 H  HG2 . 3FG B 1 7 ? -5.27883  4.99347   -7.74754  1.000 12.37717 ? 7   3FG B HG2 1 
HETATM 280 C  C2  . BGC C 2 . ? -2.66995  3.91664   7.36749   1.000 10.19756 ? 1   BGC G C2  1 
HETATM 281 C  C3  . BGC C 2 . ? -4.20168  3.73780   7.58506   1.000 11.47817 ? 1   BGC G C3  1 
HETATM 282 C  C4  . BGC C 2 . ? -4.92881  4.62754   6.54065   1.000 11.33910 ? 1   BGC G C4  1 
HETATM 283 C  C5  . BGC C 2 . ? -4.48434  4.16335   5.11342   1.000 10.78202 ? 1   BGC G C5  1 
HETATM 284 C  C6  . BGC C 2 . ? -5.19787  4.98985   4.00635   1.000 12.49028 ? 1   BGC G C6  1 
HETATM 285 C  C1  . BGC C 2 . ? -2.37109  3.49362   5.90917   1.000 9.14168  ? 1   BGC G C1  1 
HETATM 286 O  O2  . BGC C 2 . ? -1.97602  3.04960   8.25147   1.000 10.85356 ? 1   BGC G O2  1 
HETATM 287 O  O3  . BGC C 2 . ? -4.50354  4.22481   8.86214   1.000 13.19084 ? 1   BGC G O3  1 
HETATM 288 O  O4  . BGC C 2 . ? -6.32004  4.39180   6.67297   1.000 12.26946 ? 1   BGC G O4  1 
HETATM 289 O  O5  . BGC C 2 . ? -3.06786  4.36082   5.02791   1.000 9.70654  ? 1   BGC G O5  1 
HETATM 290 O  O6  . BGC C 2 . ? -5.04940  6.35535   4.25197   1.000 13.36218 ? 1   BGC G O6  1 
HETATM 291 H  H2  . BGC C 2 . ? -2.35574  4.97075   7.54397   1.000 12.23707 ? 1   BGC G H2  1 
HETATM 292 H  H3  . BGC C 2 . ? -4.51676  2.67231   7.48057   1.000 13.77381 ? 1   BGC G H3  1 
HETATM 293 H  H4  . BGC C 2 . ? -4.71935  5.71194   6.69371   1.000 13.60692 ? 1   BGC G H4  1 
HETATM 294 H  H5  . BGC C 2 . ? -4.79151  3.10999   4.92673   1.000 12.93842 ? 1   BGC G H5  1 
HETATM 295 H  H61 . BGC C 2 . ? -6.26905  4.68964   3.97109   1.000 14.98833 ? 1   BGC G H61 1 
HETATM 296 H  H62 . BGC C 2 . ? -4.77829  4.69911   3.01732   1.000 14.98833 ? 1   BGC G H62 1 
HETATM 297 H  HO3 . BGC C 2 . ? -3.92191  4.95197   9.03631   1.000 15.82901 ? 1   BGC G HO3 1 
HETATM 298 H  HO4 . BGC C 2 . ? -6.76448  4.91676   6.01697   1.000 14.72335 ? 1   BGC G HO4 1 
HETATM 299 H  HO6 . BGC C 2 . ? -5.47853  6.79576   3.51868   1.000 16.03461 ? 1   BGC G HO6 1 
HETATM 300 C  C1  . RAM C 2 . ? -1.15017  3.77352   9.12125   1.000 11.91549 ? 2   RAM G C1  1 
HETATM 301 C  C2  . RAM C 2 . ? -0.95312  2.82789   10.34011  1.000 13.79339 ? 2   RAM G C2  1 
HETATM 302 C  C3  . RAM C 2 . ? -0.01364  1.64536   9.95551   1.000 13.57698 ? 2   RAM G C3  1 
HETATM 303 C  C4  . RAM C 2 . ? 1.30758   2.20779   9.35687   1.000 12.97215 ? 2   RAM G C4  1 
HETATM 304 C  C5  . RAM C 2 . ? 0.91328   3.08364   8.14713   1.000 12.39899 ? 2   RAM G C5  1 
HETATM 305 C  C6  . RAM C 2 . ? 2.12439   3.60127   7.39749   1.000 12.85905 ? 2   RAM G C6  1 
HETATM 306 O  O2  . RAM C 2 . ? -0.33147  3.57478   11.35649  1.000 15.28067 ? 2   RAM G O2  1 
HETATM 307 O  O3  . RAM C 2 . ? 0.30318   0.91126   11.09799  1.000 14.40859 ? 2   RAM G O3  1 
HETATM 308 O  O4  . RAM C 2 . ? 2.09097   1.12690   8.92335   1.000 13.26616 ? 2   RAM G O4  1 
HETATM 309 O  O5  . RAM C 2 . ? 0.08025   4.14207   8.54442   1.000 12.10305 ? 2   RAM G O5  1 
HETATM 310 H  H2  . RAM C 2 . ? -1.94972  2.41084   10.65394  1.000 16.55206 ? 2   RAM G H2  1 
HETATM 311 H  H3  . RAM C 2 . ? -0.50182  1.00666   9.18288   1.000 16.29238 ? 2   RAM G H3  1 
HETATM 312 H  H4  . RAM C 2 . ? 1.88248   2.78147   10.12082  1.000 15.56658 ? 2   RAM G H4  1 
HETATM 313 H  H5  . RAM C 2 . ? 0.28223   2.47215   7.45754   1.000 14.87879 ? 2   RAM G H5  1 
HETATM 314 H  H61 . RAM C 2 . ? 1.83639   4.16881   6.50522   1.000 15.43086 ? 2   RAM G H61 1 
HETATM 315 H  H62 . RAM C 2 . ? 2.77476   2.78411   7.06511   1.000 15.43086 ? 2   RAM G H62 1 
HETATM 316 H  H63 . RAM C 2 . ? 2.73314   4.26594   8.02107   1.000 15.43086 ? 2   RAM G H63 1 
HETATM 317 H  HO2 . RAM C 2 . ? 0.18693   2.96513   11.88372  1.000 18.33680 ? 2   RAM G HO2 1 
HETATM 318 H  HO3 . RAM C 2 . ? 1.16627   0.53724   10.95149  1.000 17.29031 ? 2   RAM G HO3 1 
HETATM 319 H  HO4 . RAM C 2 . ? 1.93027   1.03156   7.99322   1.000 15.91939 ? 2   RAM G HO4 1 
HETATM 320 C  C2  . BGC D 2 . ? -7.14076  0.85570   6.45142   1.000 10.14284 ? 1   BGC K C2  1 
HETATM 321 C  C3  . BGC D 2 . ? -8.64865  1.16911   6.64021   1.000 11.14179 ? 1   BGC K C3  1 
HETATM 322 C  C4  . BGC D 2 . ? -9.02726  2.39472   5.75601   1.000 11.31499 ? 1   BGC K C4  1 
HETATM 323 C  C5  . BGC D 2 . ? -8.68430  2.00928   4.28601   1.000 10.83999 ? 1   BGC K C5  1 
HETATM 324 C  C6  . BGC D 2 . ? -9.11496  3.09930   3.26986   1.000 12.12931 ? 1   BGC K C6  1 
HETATM 325 C  C1  . BGC D 2 . ? -6.85399  0.67913   4.92545   1.000 9.34268  ? 1   BGC K C1  1 
HETATM 326 O  O2  . BGC D 2 . ? -6.90244  -0.39920  7.04597   1.000 10.51480 ? 1   BGC K O2  1 
HETATM 327 O  O3  . BGC D 2 . ? -8.84624  1.55250   7.98221   1.000 12.12560 ? 1   BGC K O3  1 
HETATM 328 O  O4  . BGC D 2 . ? -10.42859 2.58838   5.87082   1.000 12.10761 ? 1   BGC K O4  1 
HETATM 329 O  O5  . BGC D 2 . ? -7.25198  1.84120   4.22788   1.000 9.90186  ? 1   BGC K O5  1 
HETATM 330 O  O6  . BGC D 2 . ? -8.56643  4.34407   3.62049   1.000 13.09473 ? 1   BGC K O6  1 
HETATM 331 H  H2  . BGC D 2 . ? -6.51515  1.67271   6.87814   1.000 12.17141 ? 1   BGC K H2  1 
HETATM 332 H  H3  . BGC D 2 . ? -9.26682  0.28147   6.36558   1.000 13.37015 ? 1   BGC K H3  1 
HETATM 333 H  H4  . BGC D 2 . ? -8.51261  3.33504   6.06286   1.000 13.57799 ? 1   BGC K H4  1 
HETATM 334 H  H5  . BGC D 2 . ? -9.26337  1.10948   3.97975   1.000 13.00798 ? 1   BGC K H5  1 
HETATM 335 H  H61 . BGC D 2 . ? -10.22689 3.13330   3.23495   1.000 14.55517 ? 1   BGC K H61 1 
HETATM 336 H  H62 . BGC D 2 . ? -8.79838  2.78083   2.25145   1.000 14.55517 ? 1   BGC K H62 1 
HETATM 337 H  HO3 . BGC D 2 . ? -9.34839  0.86722   8.40126   1.000 14.55072 ? 1   BGC K HO3 1 
HETATM 338 H  HO4 . BGC D 2 . ? -10.85164 1.77730   5.61448   1.000 14.52913 ? 1   BGC K HO4 1 
HETATM 339 H  HO6 . BGC D 2 . ? -8.72208  4.91536   2.86832   1.000 15.71367 ? 1   BGC K HO6 1 
HETATM 340 C  C1  . RAM D 2 . ? -6.32424  -0.40717  8.30672   1.000 11.26161 ? 2   RAM K C1  1 
HETATM 341 C  C2  . RAM D 2 . ? -6.48832  -1.85382  8.84746   1.000 12.51967 ? 2   RAM K C2  1 
HETATM 342 C  C3  . RAM D 2 . ? -5.57049  -2.81268  8.05589   1.000 11.56463 ? 2   RAM K C3  1 
HETATM 343 C  C4  . RAM D 2 . ? -4.12362  -2.29730  8.14461   1.000 10.41528 ? 2   RAM K C4  1 
HETATM 344 C  C5  . RAM D 2 . ? -4.06922  -0.82062  7.62890   1.000 10.06268 ? 2   RAM K C5  1 
HETATM 345 C  C6  . RAM D 2 . ? -2.69327  -0.26246  7.73709   1.000 10.58505 ? 2   RAM K C6  1 
HETATM 346 O  O2  . RAM D 2 . ? -6.07837  -1.85504  10.18747  1.000 14.56981 ? 2   RAM K O2  1 
HETATM 347 O  O3  . RAM D 2 . ? -5.62290  -4.08912  8.64821   1.000 12.58961 ? 2   RAM K O3  1 
HETATM 348 O  O4  . RAM D 2 . ? -3.34239  -3.12234  7.31286   1.000 10.62445 ? 2   RAM K O4  1 
HETATM 349 O  O5  . RAM D 2 . ? -4.96914  -0.00047  8.31497   1.000 10.74175 ? 2   RAM K O5  1 
HETATM 350 H  H2  . RAM D 2 . ? -7.55718  -2.18262  8.72480   1.000 15.02360 ? 2   RAM K H2  1 
HETATM 351 H  H3  . RAM D 2 . ? -5.86678  -2.84817  6.98157   1.000 13.87756 ? 2   RAM K H3  1 
HETATM 352 H  H4  . RAM D 2 . ? -3.75531  -2.34960  9.19573   1.000 12.49834 ? 2   RAM K H4  1 
HETATM 353 H  H5  . RAM D 2 . ? -4.42628  -0.80576  6.57060   1.000 12.07522 ? 2   RAM K H5  1 
HETATM 354 H  H61 . RAM D 2 . ? -2.65792  0.78984   7.43272   1.000 12.70206 ? 2   RAM K H61 1 
HETATM 355 H  H62 . RAM D 2 . ? -1.98435  -0.80665  7.10267   1.000 12.70206 ? 2   RAM K H62 1 
HETATM 356 H  H63 . RAM D 2 . ? -2.31445  -0.31497  8.76420   1.000 12.70206 ? 2   RAM K H63 1 
HETATM 357 H  HO2 . RAM D 2 . ? -5.66970  -2.69988  10.36345  1.000 17.48377 ? 2   RAM K HO2 1 
HETATM 358 H  HO3 . RAM D 2 . ? -4.91442  -4.59744  8.26910   1.000 15.10753 ? 2   RAM K HO3 1 
HETATM 359 H  HO4 . RAM D 2 . ? -2.46085  -3.10770  7.67494   1.000 12.74934 ? 2   RAM K HO4 1 
HETATM 360 C  C1  . MAN E 3 . ? 8.44742   -2.67436  -0.85335  1.000 15.39914 ? 101 MAN A C1  1 
HETATM 361 C  C2  . MAN E 3 . ? 8.15172   -1.26079  -1.42556  1.000 17.44881 ? 101 MAN A C2  1 
HETATM 362 C  C3  . MAN E 3 . ? 7.56847   -1.40697  -2.84122  1.000 18.70336 ? 101 MAN A C3  1 
HETATM 363 C  C4  . MAN E 3 . ? 8.55385   -2.21781  -3.71819  1.000 19.34707 ? 101 MAN A C4  1 
HETATM 364 C  C5  . MAN E 3 . ? 8.82253   -3.58593  -3.03240  1.000 19.06323 ? 101 MAN A C5  1 
HETATM 365 C  C6  . MAN E 3 . ? 9.87425   -4.44264  -3.80219  1.000 20.25674 ? 101 MAN A C6  1 
HETATM 366 O  O2  . MAN E 3 . ? 9.34209   -0.57311  -1.48826  1.000 18.68756 ? 101 MAN A O2  1 
HETATM 367 O  O3  . MAN E 3 . ? 7.38198   -0.15925  -3.39979  1.000 19.46221 ? 101 MAN A O3  1 
HETATM 368 O  O4  . MAN E 3 . ? 7.95896   -2.45058  -4.94913  1.000 20.44421 ? 101 MAN A O4  1 
HETATM 369 O  O5  . MAN E 3 . ? 9.28015   -3.42135  -1.71103  1.000 17.35146 ? 101 MAN A O5  1 
HETATM 370 O  O6  . MAN E 3 . ? 11.06223  -3.75905  -3.86390  1.000 20.96505 ? 101 MAN A O6  1 
HETATM 371 H  H1  . MAN E 3 . ? 8.99852   -2.56062  0.12657   1.000 18.47897 ? 101 MAN A H1  1 
HETATM 372 H  H2  . MAN E 3 . ? 7.39058   -0.75046  -0.77471  1.000 20.93857 ? 101 MAN A H2  1 
HETATM 373 H  H3  . MAN E 3 . ? 6.59625   -1.96872  -2.75701  1.000 22.44403 ? 101 MAN A H3  1 
HETATM 374 H  H4  . MAN E 3 . ? 9.51358   -1.63261  -3.84304  1.000 23.21649 ? 101 MAN A H4  1 
HETATM 375 H  H5  . MAN E 3 . ? 7.88442   -4.20842  -3.05037  1.000 22.87588 ? 101 MAN A H5  1 
HETATM 376 H  H61 . MAN E 3 . ? 9.47404   -4.69190  -4.82032  1.000 24.30809 ? 101 MAN A H61 1 
HETATM 377 H  H62 . MAN E 3 . ? 9.98250   -5.43784  -3.29548  1.000 24.30809 ? 101 MAN A H62 1 
HETATM 378 H  HO2 . MAN E 3 . ? 9.94641   -0.99648  -0.87253  1.000 22.42507 ? 101 MAN A HO2 1 
HETATM 379 H  HO3 . MAN E 3 . ? 7.89796   0.46511   -2.88492  1.000 23.35465 ? 101 MAN A HO3 1 
HETATM 380 H  HO4 . MAN E 3 . ? 7.42477   -1.69171  -5.18127  1.000 24.53306 ? 101 MAN A HO4 1 
HETATM 381 H  HO6 . MAN E 3 . ? 11.06247  -3.13314  -3.12569  1.000 25.15806 ? 101 MAN A HO6 1 
HETATM 382 C  C1  . YBJ F 4 . ? -0.93153  -5.77536  4.64092   1.000 8.60373  ? 102 YBJ A C1  1 
HETATM 383 C  C2  . YBJ F 4 . ? -2.08552  -6.69557  4.26094   1.000 8.99846  ? 102 YBJ A C2  1 
HETATM 384 C  C3  . YBJ F 4 . ? -1.55833  -7.95300  3.59814   1.000 10.13503 ? 102 YBJ A C3  1 
HETATM 385 C  C4  . YBJ F 4 . ? -0.48531  -8.61211  4.45119   1.000 10.59232 ? 102 YBJ A C4  1 
HETATM 386 C  C5  . YBJ F 4 . ? 0.60940   -7.60395  4.77385   1.000 9.59727  ? 102 YBJ A C5  1 
HETATM 387 N  N   . YBJ F 4 . ? -2.66106  -8.91927  3.40640   1.000 11.42961 ? 102 YBJ A N   1 
HETATM 388 C  C   . YBJ F 4 . ? 1.65929   -8.18081  5.70888   1.000 10.72406 ? 102 YBJ A C   1 
HETATM 389 O  O   . YBJ F 4 . ? 0.03745   -6.46891  5.42772   1.000 9.02551  ? 102 YBJ A O   1 
HETATM 390 C  C6  . YBJ F 4 . ? 0.06067   -10.92100 4.48518   1.000 14.82276 ? 102 YBJ A C6  1 
HETATM 391 O  O2  . YBJ F 4 . ? 0.04749   -9.71320  3.72214   1.000 13.14357 ? 102 YBJ A O2  1 
HETATM 392 H  H9  . YBJ F 4 . ? -1.34504  -4.94799  5.23444   1.000 10.32448 ? 102 YBJ A H9  1 
HETATM 393 H  H8  . YBJ F 4 . ? -2.76041  -6.17557  3.57787   1.000 10.79816 ? 102 YBJ A H8  1 
HETATM 394 H  H7  . YBJ F 4 . ? -2.65279  -6.96188  5.15523   1.000 10.79816 ? 102 YBJ A H7  1 
HETATM 395 H  H2  . YBJ F 4 . ? -1.12845  -7.66862  2.62751   1.000 12.16204 ? 102 YBJ A H2  1 
HETATM 396 H  H1  . YBJ F 4 . ? -0.91094  -8.97185  5.39841   1.000 12.71078 ? 102 YBJ A H1  1 
HETATM 397 H  H   . YBJ F 4 . ? 1.08202   -7.32503  3.82168   1.000 11.51673 ? 102 YBJ A H   1 
HETATM 398 H  H10 . YBJ F 4 . ? -3.53446  -8.53158  3.79519   1.000 13.71554 ? 102 YBJ A H10 1 
HETATM 399 H  H11 . YBJ F 4 . ? -2.77621  -9.11492  2.39917   1.000 13.71554 ? 102 YBJ A H11 1 
HETATM 400 H  H4  . YBJ F 4 . ? 1.19424   -8.51031  6.60144   1.000 12.86888 ? 102 YBJ A H4  1 
HETATM 401 H  H6  . YBJ F 4 . ? 2.37544   -7.43521  5.93842   1.000 12.86888 ? 102 YBJ A H6  1 
HETATM 402 H  H5  . YBJ F 4 . ? 2.13976   -8.99888  5.23837   1.000 12.86888 ? 102 YBJ A H5  1 
HETATM 403 H  H13 . YBJ F 4 . ? 0.56898   -11.67547 3.94307   1.000 17.78731 ? 102 YBJ A H13 1 
HETATM 404 H  H12 . YBJ F 4 . ? -0.93444  -11.23081 4.67291   1.000 17.78731 ? 102 YBJ A H12 1 
HETATM 405 H  H14 . YBJ F 4 . ? 0.55726   -10.75193 5.40512   1.000 17.78731 ? 102 YBJ A H14 1 
HETATM 406 C  C   . FMT G 5 . ? 4.85320   3.62389   2.93525   1.000 11.03477 ? 103 FMT A C   1 
HETATM 407 O  O1  . FMT G 5 . ? 4.91640   4.71802   3.49409   1.000 13.48577 ? 103 FMT A O1  1 
HETATM 408 O  O2  . FMT G 5 . ? 5.08665   3.49246   1.73351   1.000 11.13582 ? 103 FMT A O2  1 
HETATM 409 H  H   . FMT G 5 . ? 4.55986   2.73228   3.49362   1.000 13.24173 ? 103 FMT A H   1 
HETATM 410 CL CL  . CL  H 6 . ? 4.27152   -3.69483  3.88253   0.657 15.03816 ? 104 CL  A CL  1 
HETATM 411 C  C1  . MAN I 3 . ? -6.29489  -0.93496  -6.96710  1.000 9.86928  ? 101 MAN B C1  1 
HETATM 412 C  C2  . MAN I 3 . ? -5.79652  -2.24207  -6.29649  1.000 10.30477 ? 101 MAN B C2  1 
HETATM 413 C  C3  . MAN I 3 . ? -5.12163  -3.13636  -7.37432  1.000 11.06840 ? 101 MAN B C3  1 
HETATM 414 C  C4  . MAN I 3 . ? -6.04917  -3.31738  -8.59966  1.000 11.34358 ? 101 MAN B C4  1 
HETATM 415 C  C5  . MAN I 3 . ? -6.64060  -1.96159  -9.06081  1.000 11.50519 ? 101 MAN B C5  1 
HETATM 416 C  C6  . MAN I 3 . ? -7.76671  -2.19560  -10.10270 1.000 13.34790 ? 101 MAN B C6  1 
HETATM 417 O  O2  . MAN I 3 . ? -6.87652  -2.90435  -5.75695  1.000 11.13934 ? 101 MAN B O2  1 
HETATM 418 O  O3  . MAN I 3 . ? -4.81528  -4.37986  -6.83964  1.000 11.83468 ? 101 MAN B O3  1 
HETATM 419 O  O4  . MAN I 3 . ? -5.29037  -3.83252  -9.64083  1.000 12.00729 ? 101 MAN B O4  1 
HETATM 420 O  O5  . MAN I 3 . ? -7.17815  -1.22149  -7.99366  1.000 10.25765 ? 101 MAN B O5  1 
HETATM 421 O  O6  A MAN I 3 . ? -8.03155  -1.01531  -10.75023 0.464 13.89359 ? 101 MAN B O6  1 
HETATM 422 O  O6  B MAN I 3 . ? -8.86867  -2.72708  -9.48470  0.536 14.07853 ? 101 MAN B O6  1 
HETATM 423 H  H1  . MAN I 3 . ? -6.85050  -0.31450  -6.20340  1.000 11.84313 ? 101 MAN B H1  1 
HETATM 424 H  H2  . MAN I 3 . ? -5.03305  -1.97549  -5.51583  1.000 12.36572 ? 101 MAN B H2  1 
HETATM 425 H  H3  . MAN I 3 . ? -4.19671  -2.58878  -7.70979  1.000 13.28208 ? 101 MAN B H3  1 
HETATM 426 H  H4  . MAN I 3 . ? -6.88863  -4.01330  -8.29935  1.000 13.61230 ? 101 MAN B H4  1 
HETATM 427 H  H5  . MAN I 3 . ? -5.85447  -1.34192  -9.57647  1.000 13.80623 ? 101 MAN B H5  1 
HETATM 428 H  H61 A MAN I 3 . ? -8.67160  -2.60994  -9.58465  0.464 16.01747 ? 101 MAN B H61 1 
HETATM 429 H  H61 B MAN I 3 . ? -7.37869  -2.85912  -10.92005 0.536 16.01747 ? 101 MAN B H61 1 
HETATM 430 H  H62 A MAN I 3 . ? -7.45514  -3.00913  -10.80979 0.464 16.01747 ? 101 MAN B H62 1 
HETATM 431 H  H62 B MAN I 3 . ? -7.99712  -1.22614  -10.61840 0.536 16.01747 ? 101 MAN B H62 1 
HETATM 432 H  HO2 . MAN I 3 . ? -6.64891  -3.10265  -4.84383  1.000 13.36721 ? 101 MAN B HO2 1 
HETATM 433 H  HO3 . MAN I 3 . ? -5.57239  -4.66969  -6.33380  1.000 14.20162 ? 101 MAN B HO3 1 
HETATM 434 H  HO4 . MAN I 3 . ? -5.86610  -4.32037  -10.22835 1.000 14.40874 ? 101 MAN B HO4 1 
HETATM 435 H  HO6 A MAN I 3 . ? -7.77339  -0.30380  -10.14975 0.464 16.67231 ? 101 MAN B HO6 1 
HETATM 436 H  HO6 B MAN I 3 . ? -9.41575  -1.98226  -9.20232  0.536 16.89424 ? 101 MAN B HO6 1 
HETATM 437 C  C1  . YBJ J 4 . ? -1.74656  6.77103   -1.29953  1.000 9.50599  ? 102 YBJ B C1  1 
HETATM 438 C  C2  . YBJ J 4 . ? -0.35399  7.38311   -1.27258  1.000 10.11181 ? 102 YBJ B C2  1 
HETATM 439 C  C3  . YBJ J 4 . ? 0.14913   7.62045   -2.68570  1.000 11.38783 ? 102 YBJ B C3  1 
HETATM 440 C  C4  . YBJ J 4 . ? -0.87713  8.44859   -3.44301  1.000 12.43351 ? 102 YBJ B C4  1 
HETATM 441 C  C5  . YBJ J 4 . ? -2.25860  7.79727   -3.41007  1.000 11.41664 ? 102 YBJ B C5  1 
HETATM 442 N  N   . YBJ J 4 . ? 1.45545   8.31032   -2.68112  1.000 12.07092 ? 102 YBJ B N   1 
HETATM 443 C  C   . YBJ J 4 . ? -3.29396  8.71053   -4.05652  1.000 12.04109 ? 102 YBJ B C   1 
HETATM 444 O  O   . YBJ J 4 . ? -2.65946  7.54986   -2.06675  1.000 10.21569 ? 102 YBJ B O   1 
HETATM 445 C  C6  . YBJ J 4 . ? -0.13351  7.57718   -5.60969  1.000 16.56045 ? 102 YBJ B C6  1 
HETATM 446 O  O2  . YBJ J 4 . ? -0.44692  8.70009   -4.78863  1.000 14.98382 ? 102 YBJ B O2  1 
HETATM 447 H  H9  . YBJ J 4 . ? -2.10706  6.73553   -0.26194  1.000 11.40719 ? 102 YBJ B H9  1 
HETATM 448 H  H8  . YBJ J 4 . ? -0.38028  8.32989   -0.72909  1.000 12.13417 ? 102 YBJ B H8  1 
HETATM 449 H  H7  . YBJ J 4 . ? 0.33050   6.71359   -0.74750  1.000 12.13417 ? 102 YBJ B H7  1 
HETATM 450 H  H2  . YBJ J 4 . ? 0.29207   6.64994   -3.18114  1.000 13.66540 ? 102 YBJ B H2  1 
HETATM 451 H  H1  . YBJ J 4 . ? -0.96121  9.42114   -2.93814  1.000 14.92021 ? 102 YBJ B H1  1 
HETATM 452 H  H   . YBJ J 4 . ? -2.19726  6.84754   -3.95965  1.000 13.69997 ? 102 YBJ B H   1 
HETATM 453 H  H10 . YBJ J 4 . ? 2.18413   7.63158   -2.95299  1.000 14.48511 ? 102 YBJ B H10 1 
HETATM 454 H  H11 . YBJ J 4 . ? 1.65217   8.65432   -1.72946  1.000 14.48511 ? 102 YBJ B H11 1 
HETATM 455 H  H4  . YBJ J 4 . ? -3.03294  8.87902   -5.06892  1.000 14.44931 ? 102 YBJ B H4  1 
HETATM 456 H  H6  . YBJ J 4 . ? -4.24745  8.25214   -4.00936  1.000 14.44931 ? 102 YBJ B H6  1 
HETATM 457 H  H5  . YBJ J 4 . ? -3.32070  9.63482   -3.54031  1.000 14.44931 ? 102 YBJ B H5  1 
HETATM 458 H  H13 . YBJ J 4 . ? 0.90613   7.38207   -5.55901  1.000 19.87254 ? 102 YBJ B H13 1 
HETATM 459 H  H12 . YBJ J 4 . ? -0.66880  6.72971   -5.26801  1.000 19.87254 ? 102 YBJ B H12 1 
HETATM 460 H  H14 . YBJ J 4 . ? -0.40510  7.78585   -6.61177  1.000 19.87254 ? 102 YBJ B H14 1 
HETATM 461 C  C   . FMT K 5 . ? -7.98750  -3.83610  -0.58826  1.000 10.91644 ? 103 FMT B C   1 
HETATM 462 O  O1  . FMT K 5 . ? -8.63545  -4.35032  0.33372   1.000 10.58552 ? 103 FMT B O1  1 
HETATM 463 O  O2  . FMT K 5 . ? -6.85862  -4.21049  -0.92886  1.000 11.51339 ? 103 FMT B O2  1 
HETATM 464 H  H   . FMT K 5 . ? -8.43561  -3.02929  -1.16852  1.000 13.09973 ? 103 FMT B H   1 
HETATM 465 O  O   . HOH L 7 . ? 6.94718   9.07017   4.33054   1.000 20.35170 ? 201 HOH A O   1 
HETATM 466 O  O   . HOH L 7 . ? 11.13721  -0.52372  0.46086   1.000 18.24722 ? 202 HOH A O   1 
HETATM 467 O  O   . HOH L 7 . ? 5.52142   -3.72899  -4.99279  0.667 14.32191 ? 203 HOH A O   1 
HETATM 468 O  O   . HOH L 7 . ? -1.17285  -7.21613  0.52696   0.480 15.09895 ? 204 HOH A O   1 
HETATM 469 O  O   . HOH L 7 . ? 8.49214   5.43227   6.16165   1.000 19.13200 ? 205 HOH A O   1 
HETATM 470 O  O   . HOH L 7 . ? 11.43297  -6.05195  2.13156   1.000 29.44944 ? 206 HOH A O   1 
HETATM 471 O  O   . HOH L 7 . ? 4.53979   -1.04811  3.44955   1.000 17.05350 ? 207 HOH A O   1 
HETATM 472 O  O   . HOH L 7 . ? -3.57111  -9.68772  5.96006   1.000 21.13655 ? 208 HOH A O   1 
HETATM 473 O  O   . HOH L 7 . ? 6.19338   1.22329   0.44753   1.000 15.14682 ? 209 HOH A O   1 
HETATM 474 O  O   . HOH L 7 . ? 5.19946   5.57963   6.18976   1.000 21.43593 ? 210 HOH A O   1 
HETATM 475 O  O   . HOH L 7 . ? 4.65768   -6.70937  4.80984   0.888 23.42541 ? 211 HOH A O   1 
HETATM 476 O  O   . HOH L 7 . ? 4.17057   -10.57131 4.23895   1.000 32.44596 ? 212 HOH A O   1 
HETATM 477 O  O   . HOH L 7 . ? -1.96157  7.21704   5.46419   1.000 18.94282 ? 213 HOH A O   1 
HETATM 478 O  O   . HOH L 7 . ? 1.05227   -9.14985  0.91758   1.000 21.29141 ? 214 HOH A O   1 
HETATM 479 O  O   . HOH L 7 . ? 9.85485   -8.81672  4.53946   1.000 26.94137 ? 215 HOH A O   1 
HETATM 480 O  O   . HOH L 7 . ? 4.60742   0.27240   -1.53344  1.000 15.37251 ? 216 HOH A O   1 
HETATM 481 O  O   . HOH L 7 . ? 0.03768   6.81741   7.39100   1.000 30.20062 ? 217 HOH A O   1 
HETATM 482 O  O   . HOH L 7 . ? 2.39158   -2.72854  -5.99808  1.000 26.25606 ? 218 HOH A O   1 
HETATM 483 O  O   . HOH M 7 . ? -9.51577  2.48100   -9.25061  0.898 22.96064 ? 201 HOH B O   1 
HETATM 484 O  O   . HOH M 7 . ? -9.32345  -10.02700 2.90312   0.840 17.89352 ? 202 HOH B O   1 
HETATM 485 O  O   . HOH M 7 . ? 0.11720   1.40699   -8.99303  0.653 13.59238 ? 203 HOH B O   1 
HETATM 486 O  O   . HOH M 7 . ? -11.09739 -4.00359  1.12897   1.000 16.49109 ? 204 HOH B O   1 
HETATM 487 O  O   . HOH M 7 . ? -7.64757  6.28660   -8.21572  1.000 26.84141 ? 205 HOH B O   1 
HETATM 488 O  O   . HOH M 7 . ? 1.46621   4.59998   -4.14660  0.984 19.48273 ? 206 HOH B O   1 
HETATM 489 O  O   . HOH M 7 . ? -5.97582  -3.12288  -3.20349  1.000 14.45786 ? 207 HOH B O   1 
HETATM 490 O  O   . HOH M 7 . ? -1.06831  7.64299   -9.35433  1.000 39.06131 ? 208 HOH B O   1 
HETATM 491 O  O   . HOH M 7 . ? -3.68056  8.79112   -7.85119  1.000 25.63354 ? 209 HOH B O   1 
HETATM 492 O  O   . HOH M 7 . ? -3.36667  0.58059   -10.29554 0.916 14.56127 ? 210 HOH B O   1 
HETATM 493 O  O   . HOH M 7 . ? -4.42913  -8.20086  -5.94604  0.698 15.85867 ? 211 HOH B O   1 
HETATM 494 O  O   . HOH M 7 . ? 3.14947   8.59879   -4.84629  1.000 22.51917 ? 212 HOH B O   1 
HETATM 495 O  O   . HOH M 7 . ? -3.15883  -2.23564  -10.46968 1.000 13.36183 ? 213 HOH B O   1 
HETATM 496 O  O   . HOH M 7 . ? 1.22698   10.85182  -1.43820  1.000 24.47333 ? 214 HOH B O   1 
HETATM 497 O  O   . HOH M 7 . ? -6.07622  7.04619   -5.71392  1.000 30.86929 ? 215 HOH B O   1 
HETATM 498 O  O   . HOH M 7 . ? -9.82654  -4.75342  -11.28489 1.000 26.59447 ? 216 HOH B O   1 
HETATM 499 O  O   . HOH M 7 . ? 0.69114   -0.78666  -8.79513  1.000 18.15748 ? 217 HOH B O   1 
HETATM 500 O  O   . HOH M 7 . ? 2.18727   1.13764   -3.10156  0.819 14.35436 ? 218 HOH B O   1 
HETATM 501 O  O   . HOH M 7 . ? 0.59352   2.37477   -7.04284  0.777 18.31560 ? 219 HOH B O   1 
HETATM 502 O  O   . HOH M 7 . ? -1.23807  -2.80921  -8.23782  1.000 24.43926 ? 220 HOH B O   1 
HETATM 503 O  O   . HOH M 7 . ? 0.83715   4.70368   -8.38509  1.000 34.40661 ? 221 HOH B O   1 
HETATM 504 O  O   . HOH M 7 . ? -11.60301 -0.48427  -11.57094 1.000 41.62984 ? 222 HOH B O   1 
HETATM 505 O  O   . HOH M 7 . ? -0.79236  0.85111   -11.55446 1.000 14.12808 ? 223 HOH B O   1 
HETATM 506 O  O   . HOH M 7 . ? -1.51731  12.26911  -3.52429  1.000 31.57489 ? 224 HOH B O   1 
HETATM 507 O  O   . HOH M 7 . ? -6.89947  7.61037   -10.19932 1.000 37.07994 ? 225 HOH B O   1 
HETATM 508 O  O   . HOH M 7 . ? 2.68759   4.73096   -6.44043  1.000 17.87721 ? 226 HOH B O   1 
HETATM 509 O  O   . HOH M 7 . ? 2.37102   0.75111   -7.80158  0.771 16.97550 ? 227 HOH B O   1 
HETATM 510 O  O   . HOH M 7 . ? -0.38493  7.36335   -12.08877 1.000 22.37992 ? 228 HOH B O   1 
HETATM 511 O  O   . HOH M 7 . ? -7.97109  -5.20102  7.43803   1.000 22.57904 ? 229 HOH B O   1 
HETATM 512 O  O   . HOH M 7 . ? 1.08307   8.90496   -9.25690  1.000 32.43291 ? 230 HOH B O   1 
HETATM 513 O  O   . HOH M 7 . ? 2.24879   1.67064   -9.96092  1.000 23.65083 ? 231 HOH B O   1 
HETATM 514 O  O   . HOH M 7 . ? -10.67753 -2.08513  5.19294   1.000 32.25829 ? 232 HOH B O   1 
HETATM 515 O  O   . HOH M 7 . ? 2.46187   0.06770   -5.37255  1.000 28.97118 ? 233 HOH B O   1 
HETATM 516 O  O   . HOH M 7 . ? -7.46669  3.60297   9.22334   0.763 18.32906 ? 234 HOH B O   1 
HETATM 517 O  O   . HOH M 7 . ? -4.48019  1.76704   10.51823  1.000 22.11976 ? 235 HOH B O   1 
HETATM 518 O  O   . HOH M 7 . ? -10.56432 -0.71987  8.99927   1.000 36.03637 ? 236 HOH B O   1 
# 
loop_
_atom_site_anisotrop.id 
_atom_site_anisotrop.type_symbol 
_atom_site_anisotrop.pdbx_label_atom_id 
_atom_site_anisotrop.pdbx_label_alt_id 
_atom_site_anisotrop.pdbx_label_comp_id 
_atom_site_anisotrop.pdbx_label_asym_id 
_atom_site_anisotrop.pdbx_label_seq_id 
_atom_site_anisotrop.pdbx_PDB_ins_code 
_atom_site_anisotrop.U[1][1] 
_atom_site_anisotrop.U[2][2] 
_atom_site_anisotrop.U[3][3] 
_atom_site_anisotrop.U[1][2] 
_atom_site_anisotrop.U[1][3] 
_atom_site_anisotrop.U[2][3] 
_atom_site_anisotrop.pdbx_auth_seq_id 
_atom_site_anisotrop.pdbx_auth_comp_id 
_atom_site_anisotrop.pdbx_auth_asym_id 
_atom_site_anisotrop.pdbx_auth_atom_id 
1   N  N   A 0UZ A 1 ? 0.15463 0.14926 0.12884 -0.00353 -0.02081 0.01243  1   0UZ A N   
2   N  N   B 0UZ A 1 ? 0.14732 0.14426 0.15082 -0.01778 -0.03269 0.03014  1   0UZ A N   
3   C  CA  A 0UZ A 1 ? 0.14458 0.13213 0.12536 -0.00919 -0.01618 0.02088  1   0UZ A CA  
4   C  CA  B 0UZ A 1 ? 0.15021 0.14122 0.14825 -0.01446 -0.02725 0.02921  1   0UZ A CA  
5   C  C   A 0UZ A 1 ? 0.14460 0.12429 0.14223 -0.01899 -0.02285 0.02814  1   0UZ A C   
6   C  C   B 0UZ A 1 ? 0.14841 0.12059 0.15009 -0.01978 -0.02639 0.02912  1   0UZ A C   
7   O  O   A 0UZ A 1 ? 0.14830 0.14264 0.15262 -0.02879 -0.02512 0.03691  1   0UZ A O   
8   O  O   B 0UZ A 1 ? 0.15286 0.12568 0.15634 -0.02749 -0.02739 0.03401  1   0UZ A O   
9   C  C1  A 0UZ A 1 ? 0.13272 0.12691 0.10642 -0.01251 -0.00802 0.02542  1   0UZ A C1  
10  C  C1  B 0UZ A 1 ? 0.15361 0.14464 0.14133 -0.01559 -0.02421 0.02325  1   0UZ A C1  
11  C  C2  A 0UZ A 1 ? 0.13302 0.12053 0.10187 -0.00855 -0.00988 0.02366  1   0UZ A C2  
12  C  C2  B 0UZ A 1 ? 0.15313 0.14127 0.13630 -0.01539 -0.02386 0.01952  1   0UZ A C2  
13  C  C3  A 0UZ A 1 ? 0.14257 0.12583 0.10527 -0.01554 -0.01642 0.01714  1   0UZ A C3  
14  C  C3  B 0UZ A 1 ? 0.15538 0.14353 0.13324 -0.01206 -0.02116 0.01705  1   0UZ A C3  
15  CL CL3 A 0UZ A 1 ? 0.16627 0.13826 0.10938 -0.01082 -0.01586 0.01490  1   0UZ A CL3 
16  CL CL3 B 0UZ A 1 ? 0.15158 0.14570 0.12676 -0.01224 -0.02519 0.02151  1   0UZ A CL3 
17  C  C4  A 0UZ A 1 ? 0.14140 0.13271 0.10018 -0.01175 -0.01403 0.01182  1   0UZ A C4  
18  C  C4  B 0UZ A 1 ? 0.16201 0.15006 0.13707 -0.01014 -0.01924 0.01662  1   0UZ A C4  
19  O  O4  A 0UZ A 1 ? 0.14774 0.15133 0.09799 -0.02715 -0.01076 0.00624  1   0UZ A O4  
20  O  O4  B 0UZ A 1 ? 0.16612 0.15439 0.13861 -0.00418 -0.01597 0.01601  1   0UZ A O4  
21  C  C5  A 0UZ A 1 ? 0.13770 0.13799 0.09746 -0.02218 -0.00984 0.01016  1   0UZ A C5  
22  C  C5  B 0UZ A 1 ? 0.16227 0.15547 0.13875 -0.01025 -0.02024 0.02051  1   0UZ A C5  
23  C  C6  A 0UZ A 1 ? 0.13395 0.12929 0.09862 -0.02046 -0.00410 0.02328  1   0UZ A C6  
24  C  C6  B 0UZ A 1 ? 0.15913 0.15346 0.14006 -0.01310 -0.02121 0.02433  1   0UZ A C6  
39  C  C   . HTY A 2 ? 0.13739 0.09462 0.13332 -0.00617 -0.00768 0.01908  2   HTY A C   
40  N  N   . HTY A 2 ? 0.14359 0.10467 0.14408 -0.01218 -0.02174 0.02135  2   HTY A N   
41  O  O   . HTY A 2 ? 0.15810 0.10181 0.13555 -0.00223 -0.01959 0.01883  2   HTY A O   
42  C  CA  . HTY A 2 ? 0.13925 0.09500 0.14476 -0.00628 -0.01549 0.02067  2   HTY A CA  
43  C  CB  . HTY A 2 ? 0.15364 0.08291 0.15636 -0.01191 -0.02745 0.01510  2   HTY A CB  
44  O  OB  . HTY A 2 ? 0.17170 0.08250 0.17103 -0.02543 -0.03564 0.00886  2   HTY A OB  
45  C  CG  . HTY A 2 ? 0.15359 0.07538 0.14681 -0.00535 -0.01938 -0.00118 2   HTY A CG  
46  O  OH  . HTY A 2 ? 0.15742 0.07833 0.11904 -0.00518 0.00462  -0.01907 2   HTY A OH  
47  C  CZ  . HTY A 2 ? 0.15150 0.08068 0.12962 -0.00386 -0.00731 -0.02076 2   HTY A CZ  
48  C  CD1 . HTY A 2 ? 0.15561 0.08728 0.14165 -0.00453 -0.02258 -0.00820 2   HTY A CD1 
49  C  CD2 . HTY A 2 ? 0.15055 0.08984 0.14090 -0.00337 -0.01777 -0.00218 2   HTY A CD2 
50  C  CE1 . HTY A 2 ? 0.16193 0.08451 0.13466 -0.00177 -0.01417 -0.01733 2   HTY A CE1 
51  C  CE2 . HTY A 2 ? 0.14529 0.09622 0.13538 -0.01512 -0.01065 -0.01381 2   HTY A CE2 
60  N  N   . PHE A 3 ? 0.13003 0.08246 0.12900 -0.00660 -0.00239 0.01839  3   PHE A N   
61  C  CA  . PHE A 3 ? 0.13408 0.09477 0.12001 -0.00888 -0.00053 0.02023  3   PHE A CA  
62  C  C   . PHE A 3 ? 0.12653 0.08849 0.11365 0.00129  -0.00892 0.01550  3   PHE A C   
63  O  O   . PHE A 3 ? 0.13445 0.11724 0.12479 -0.01490 -0.02434 0.04351  3   PHE A O   
64  C  CB  . PHE A 3 ? 0.13836 0.10748 0.12116 -0.01540 0.00424  0.01539  3   PHE A CB  
65  C  CG  . PHE A 3 ? 0.14521 0.11965 0.11317 -0.01837 0.00586  0.00948  3   PHE A CG  
66  C  CD1 . PHE A 3 ? 0.16330 0.14823 0.11340 -0.02757 0.00065  0.01488  3   PHE A CD1 
67  C  CD2 . PHE A 3 ? 0.14072 0.13734 0.11658 -0.01041 0.00421  0.00774  3   PHE A CD2 
68  C  CE1 . PHE A 3 ? 0.17072 0.15765 0.11064 -0.03304 0.00684  0.01845  3   PHE A CE1 
69  C  CE2 . PHE A 3 ? 0.14630 0.15775 0.11672 -0.01232 0.00428  -0.00376 3   PHE A CE2 
70  C  CZ  . PHE A 3 ? 0.15627 0.14456 0.10838 -0.02567 0.01386  0.00227  3   PHE A CZ  
80  N  N   . GHP A 4 ? 0.11623 0.08570 0.09487 -0.00391 -0.00260 0.00863  4   GHP A N   
81  C  CA  . GHP A 4 ? 0.11681 0.07265 0.09186 -0.00146 -0.00405 0.00470  4   GHP A CA  
82  C  C   . GHP A 4 ? 0.11675 0.07941 0.08473 0.00102  -0.00640 0.00194  4   GHP A C   
83  O  O   . GHP A 4 ? 0.11901 0.08845 0.09196 -0.00124 -0.01587 0.00573  4   GHP A O   
84  C  C1  . GHP A 4 ? 0.11490 0.08008 0.09124 0.00053  -0.00164 0.00280  4   GHP A C1  
85  C  C2  . GHP A 4 ? 0.13054 0.07474 0.10150 -0.00805 -0.00104 -0.00307 4   GHP A C2  
86  C  C3  . GHP A 4 ? 0.13562 0.07326 0.10876 -0.00338 0.00051  -0.01821 4   GHP A C3  
87  C  C4  . GHP A 4 ? 0.13375 0.08379 0.09762 0.00107  -0.00044 -0.01351 4   GHP A C4  
88  O  O4  . GHP A 4 ? 0.14344 0.08980 0.10080 -0.00042 0.00229  -0.02323 4   GHP A O4  
89  C  C5  . GHP A 4 ? 0.12855 0.08323 0.08326 -0.00469 0.00136  -0.00359 4   GHP A C5  
90  C  C6  . GHP A 4 ? 0.11723 0.07777 0.08393 -0.00391 -0.00820 -0.00032 4   GHP A C6  
95  N  N   . GHP A 5 ? 0.11867 0.07542 0.08077 0.00522  -0.00657 -0.00091 5   GHP A N   
96  C  CA  . GHP A 5 ? 0.11800 0.07338 0.08046 0.00668  -0.00795 -0.00540 5   GHP A CA  
97  C  C   . GHP A 5 ? 0.11689 0.07353 0.08382 0.00414  -0.00919 0.00247  5   GHP A C   
98  O  O   . GHP A 5 ? 0.12648 0.08927 0.09073 -0.00169 -0.01206 0.00660  5   GHP A O   
99  C  C1  . GHP A 5 ? 0.12760 0.07808 0.07690 0.00795  -0.00666 -0.00468 5   GHP A C1  
100 C  C2  . GHP A 5 ? 0.12340 0.07488 0.08289 0.00740  -0.00042 0.00555  5   GHP A C2  
101 C  C3  . GHP A 5 ? 0.13854 0.08134 0.09532 0.01722  0.00761  0.00270  5   GHP A C3  
102 C  C4  . GHP A 5 ? 0.16766 0.09951 0.09730 0.03265  0.00923  -0.00329 5   GHP A C4  
103 O  O4  . GHP A 5 ? 0.18414 0.13446 0.10251 0.03738  0.01539  -0.00996 5   GHP A O4  
104 C  C5  . GHP A 5 ? 0.16436 0.11784 0.08829 0.02932  0.00005  -0.00252 5   GHP A C5  
105 C  C6  . GHP A 5 ? 0.14769 0.10538 0.08041 0.01903  -0.00755 0.00069  5   GHP A C6  
112 N  N   . OMY A 6 ? 0.11045 0.07886 0.08559 -0.00068 -0.00716 -0.00305 6   OMY A N   
113 C  CA  . OMY A 6 ? 0.12051 0.07787 0.08876 0.00321  -0.00395 0.00266  6   OMY A CA  
114 O  OCZ . OMY A 6 ? 0.13979 0.07910 0.08118 0.00333  0.00465  -0.00351 6   OMY A OCZ 
115 C  CE2 . OMY A 6 ? 0.12356 0.08627 0.08841 0.00500  0.00046  0.00437  6   OMY A CE2 
116 C  CE1 . OMY A 6 ? 0.13870 0.08844 0.08552 -0.00795 -0.00883 -0.00092 6   OMY A CE1 
117 C  CZ  . OMY A 6 ? 0.13314 0.08005 0.08316 0.00202  0.00078  -0.00001 6   OMY A CZ  
118 C  CG  . OMY A 6 ? 0.12629 0.08113 0.08543 0.00312  -0.00310 0.00197  6   OMY A CG  
119 C  CD2 . OMY A 6 ? 0.12512 0.08317 0.08956 0.00172  -0.00103 0.00140  6   OMY A CD2 
120 C  CD1 . OMY A 6 ? 0.12613 0.08711 0.08440 0.00132  -0.00775 -0.00143 6   OMY A CD1 
121 C  CB  . OMY A 6 ? 0.12336 0.07868 0.08711 0.00404  -0.00642 0.00279  6   OMY A CB  
122 CL CL  . OMY A 6 ? 0.17727 0.11815 0.09315 -0.00555 -0.02446 -0.00677 6   OMY A CL  
123 O  O   . OMY A 6 ? 0.14096 0.10409 0.12125 0.00162  -0.00624 -0.02269 6   OMY A O   
124 C  C   . OMY A 6 ? 0.13284 0.08703 0.10195 0.00128  -0.00102 -0.00481 6   OMY A C   
125 O  ODE . OMY A 6 ? 0.13124 0.07559 0.08659 -0.00147 -0.00546 0.01127  6   OMY A ODE 
132 N  N   . 3FG A 7 ? 0.13318 0.08631 0.10349 0.01176  0.00406  0.00624  7   3FG A N   
133 O  OD1 . 3FG A 7 ? 0.15807 0.11714 0.16064 -0.00883 0.01532  0.03348  7   3FG A OD1 
134 C  CD1 . 3FG A 7 ? 0.13966 0.10234 0.13897 0.00805  0.00585  0.01371  7   3FG A CD1 
135 C  CG1 . 3FG A 7 ? 0.13406 0.09326 0.11272 0.01334  0.00797  0.00337  7   3FG A CG1 
136 C  CZ  . 3FG A 7 ? 0.14117 0.12270 0.13515 0.02123  -0.00127 0.00226  7   3FG A CZ  
137 C  CD2 . 3FG A 7 ? 0.14162 0.12966 0.13235 0.02721  -0.00417 0.00252  7   3FG A CD2 
138 O  OD2 . 3FG A 7 ? 0.14621 0.15619 0.14305 0.03391  -0.01065 0.01028  7   3FG A OD2 
139 C  CG2 . 3FG A 7 ? 0.14486 0.10718 0.12406 0.02643  0.00336  0.00481  7   3FG A CG2 
140 C  CB  . 3FG A 7 ? 0.13886 0.09125 0.11625 0.01745  0.01004  0.00341  7   3FG A CB  
141 C  CA  . 3FG A 7 ? 0.13981 0.09335 0.11797 0.01747  0.01133  0.00186  7   3FG A CA  
142 C  C   . 3FG A 7 ? 0.16245 0.09984 0.14264 0.01659  0.02099  0.00940  7   3FG A C   
143 O  O   . 3FG A 7 ? 0.18417 0.10736 0.15325 0.03106  0.02601  0.02111  7   3FG A O   
144 O  OXT . 3FG A 7 ? 0.16987 0.09714 0.15225 0.00880  0.02393  -0.00338 7   3FG A OXT 
150 N  N   . 0UZ B 1 ? 0.16804 0.12187 0.22564 -0.02106 -0.04466 -0.01689 1   0UZ B N   
151 C  CA  . 0UZ B 1 ? 0.16112 0.12036 0.22907 -0.02714 -0.04217 -0.01573 1   0UZ B CA  
152 C  C   . 0UZ B 1 ? 0.17723 0.11337 0.21534 -0.03655 -0.04139 0.00087  1   0UZ B C   
153 O  O   . 0UZ B 1 ? 0.20691 0.12661 0.22673 -0.04975 -0.04761 0.00376  1   0UZ B O   
154 C  C1  . 0UZ B 1 ? 0.15362 0.11280 0.25102 -0.01733 -0.03654 -0.02485 1   0UZ B C1  
155 C  C2  . 0UZ B 1 ? 0.16805 0.12127 0.26925 0.00432  -0.02714 -0.02374 1   0UZ B C2  
156 C  C3  . 0UZ B 1 ? 0.18138 0.13369 0.28222 0.00249  -0.01124 -0.03368 1   0UZ B C3  
157 CL CL3 . 0UZ B 1 ? 0.20591 0.18144 0.30125 0.02425  -0.00041 -0.03639 1   0UZ B CL3 
158 C  C4  . 0UZ B 1 ? 0.17545 0.13881 0.27330 -0.00806 0.00054  -0.03439 1   0UZ B C4  
159 O  O4  . 0UZ B 1 ? 0.18947 0.15611 0.27351 -0.01146 0.01485  -0.03351 1   0UZ B O4  
160 C  C5  . 0UZ B 1 ? 0.16459 0.13013 0.26584 0.00166  -0.00964 -0.02715 1   0UZ B C5  
161 C  C6  . 0UZ B 1 ? 0.15424 0.11372 0.25696 -0.00294 -0.02354 -0.02780 1   0UZ B C6  
169 C  C   . HTY B 2 ? 0.14808 0.10560 0.16908 -0.01052 -0.02357 0.00364  2   HTY B C   
170 N  N   . HTY B 2 ? 0.16369 0.10758 0.19019 -0.03388 -0.03316 0.00075  2   HTY B N   
171 O  O   . HTY B 2 ? 0.16428 0.12892 0.17523 0.00515  -0.02248 0.00807  2   HTY B O   
172 C  CA  . HTY B 2 ? 0.16016 0.11042 0.17187 -0.03170 -0.02880 0.00482  2   HTY B CA  
173 C  CB  . HTY B 2 ? 0.17109 0.11782 0.15236 -0.04406 -0.01460 0.01633  2   HTY B CB  
174 O  OB  . HTY B 2 ? 0.19009 0.14998 0.15347 -0.05719 -0.01218 0.01189  2   HTY B OB  
175 C  CG  . HTY B 2 ? 0.15377 0.11376 0.13430 -0.01857 -0.01121 0.01467  2   HTY B CG  
176 O  OH  . HTY B 2 ? 0.14214 0.10569 0.09380 -0.00269 0.00358  0.00551  2   HTY B OH  
177 C  CZ  . HTY B 2 ? 0.13085 0.10279 0.10546 -0.00781 -0.00251 0.01904  2   HTY B CZ  
178 C  CD1 . HTY B 2 ? 0.13807 0.14445 0.12430 -0.00568 -0.00647 0.01508  2   HTY B CD1 
179 C  CD2 . HTY B 2 ? 0.14214 0.11036 0.12407 -0.00341 -0.00547 0.02140  2   HTY B CD2 
180 C  CE1 . HTY B 2 ? 0.13733 0.12607 0.11368 0.00523  -0.00521 0.01946  2   HTY B CE1 
181 C  CE2 . HTY B 2 ? 0.13063 0.10686 0.11344 -0.00345 -0.00590 0.02085  2   HTY B CE2 
190 N  N   . PHE B 3 ? 0.13741 0.09545 0.16604 -0.00967 -0.02166 -0.00041 3   PHE B N   
191 C  CA  . PHE B 3 ? 0.14818 0.09121 0.16068 -0.00995 -0.00912 -0.01285 3   PHE B CA  
192 C  C   . PHE B 3 ? 0.13179 0.08400 0.14194 -0.00827 -0.01472 -0.00251 3   PHE B C   
193 O  O   . PHE B 3 ? 0.13230 0.09033 0.15101 -0.00254 -0.01998 0.01213  3   PHE B O   
194 C  CB  . PHE B 3 ? 0.17878 0.12862 0.17445 -0.02622 0.00743  -0.02864 3   PHE B CB  
195 C  CG  . PHE B 3 ? 0.19936 0.15896 0.18381 -0.01747 0.02158  -0.05354 3   PHE B CG  
196 C  CD1 . PHE B 3 ? 0.20395 0.18606 0.19044 -0.01098 0.02871  -0.05435 3   PHE B CD1 
197 C  CD2 . PHE B 3 ? 0.21596 0.19362 0.19185 -0.00989 0.02542  -0.04791 3   PHE B CD2 
198 C  CE1 . PHE B 3 ? 0.21428 0.21517 0.19539 -0.00882 0.03153  -0.04948 3   PHE B CE1 
199 C  CE2 . PHE B 3 ? 0.22800 0.22087 0.19607 -0.01169 0.03050  -0.04324 3   PHE B CE2 
200 C  CZ  . PHE B 3 ? 0.22543 0.22621 0.19605 -0.01091 0.03410  -0.04621 3   PHE B CZ  
210 N  N   . GHP B 4 ? 0.12358 0.08858 0.11026 -0.00441 -0.00931 -0.00420 4   GHP B N   
211 C  CA  . GHP B 4 ? 0.11347 0.08536 0.09863 -0.00422 -0.01052 -0.00050 4   GHP B CA  
212 C  C   . GHP B 4 ? 0.11864 0.08947 0.09206 0.00555  -0.01428 -0.00568 4   GHP B C   
213 O  O   . GHP B 4 ? 0.12597 0.10942 0.09473 0.00791  -0.01866 0.00270  4   GHP B O   
214 C  C1  . GHP B 4 ? 0.11176 0.09272 0.09865 0.00104  -0.00712 -0.00138 4   GHP B C1  
215 C  C2  . GHP B 4 ? 0.11676 0.09591 0.09686 -0.00250 -0.00804 0.00354  4   GHP B C2  
216 C  C3  . GHP B 4 ? 0.12284 0.10172 0.09223 0.00126  -0.00163 0.00974  4   GHP B C3  
217 C  C4  . GHP B 4 ? 0.11676 0.09454 0.09859 0.00350  0.00132  0.00561  4   GHP B C4  
218 O  O4  . GHP B 4 ? 0.12117 0.10370 0.10665 0.00745  0.00399  0.00718  4   GHP B O4  
219 C  C5  . GHP B 4 ? 0.11806 0.08261 0.10337 0.00084  -0.00163 -0.00222 4   GHP B C5  
220 C  C6  . GHP B 4 ? 0.11041 0.09792 0.10454 0.00249  -0.00481 -0.00964 4   GHP B C6  
225 N  N   . GHP B 5 ? 0.11867 0.08834 0.08624 0.00742  -0.01090 -0.00115 5   GHP B N   
226 C  CA  . GHP B 5 ? 0.12188 0.09665 0.07981 0.00518  -0.01412 -0.00348 5   GHP B CA  
227 C  C   . GHP B 5 ? 0.12575 0.09417 0.08055 0.00964  -0.01156 0.00172  5   GHP B C   
228 O  O   . GHP B 5 ? 0.13090 0.09082 0.08934 0.00286  -0.02381 0.00882  5   GHP B O   
229 C  C1  . GHP B 5 ? 0.12941 0.10862 0.07926 0.00745  -0.01708 -0.00492 5   GHP B C1  
230 C  C2  . GHP B 5 ? 0.12398 0.11230 0.07020 0.00870  -0.01845 0.00659  5   GHP B C2  
231 C  C3  . GHP B 5 ? 0.12946 0.13677 0.06588 0.00912  -0.01309 -0.00277 5   GHP B C3  
232 C  C4  . GHP B 5 ? 0.14093 0.17710 0.07067 0.01878  -0.01355 -0.01364 5   GHP B C4  
233 O  O4  . GHP B 5 ? 0.14645 0.22041 0.07093 0.02682  -0.01165 -0.01957 5   GHP B O4  
234 C  C5  . GHP B 5 ? 0.14008 0.17297 0.08020 0.02361  -0.01442 -0.01915 5   GHP B C5  
235 C  C6  . GHP B 5 ? 0.13490 0.14193 0.08116 0.02006  -0.01615 -0.01219 5   GHP B C6  
242 N  N   . OMY B 6 ? 0.12835 0.09412 0.08194 0.01230  -0.01110 0.00418  6   OMY B N   
243 C  CA  . OMY B 6 ? 0.13575 0.09596 0.08842 0.00911  -0.01843 0.01535  6   OMY B CA  
244 O  OCZ . OMY B 6 ? 0.13591 0.09319 0.09577 0.00412  0.00712  -0.00298 6   OMY B OCZ 
245 C  CE2 . OMY B 6 ? 0.12967 0.09246 0.09797 0.01371  -0.00124 0.00365  6   OMY B CE2 
246 C  CE1 . OMY B 6 ? 0.12764 0.10385 0.11867 0.01002  -0.00253 0.00254  6   OMY B CE1 
247 C  CZ  . OMY B 6 ? 0.13067 0.09186 0.09918 0.01402  0.00196  0.00187  6   OMY B CZ  
248 C  CG  . OMY B 6 ? 0.13055 0.08908 0.10325 0.01218  -0.01020 0.00570  6   OMY B CG  
249 C  CD2 . OMY B 6 ? 0.12471 0.08919 0.09952 0.00792  -0.00615 0.00748  6   OMY B CD2 
250 C  CD1 . OMY B 6 ? 0.12582 0.10245 0.10973 0.01284  -0.01071 0.00519  6   OMY B CD1 
251 C  CB  . OMY B 6 ? 0.13721 0.09272 0.09904 0.00952  -0.01593 0.01651  6   OMY B CB  
252 CL CL  . OMY B 6 ? 0.13467 0.15114 0.14912 -0.00414 -0.00373 0.01597  6   OMY B CL  
253 O  O   . OMY B 6 ? 0.14445 0.16419 0.10365 -0.00592 -0.01971 0.03355  6   OMY B O   
254 C  C   . OMY B 6 ? 0.14418 0.11434 0.09504 0.01290  -0.02073 0.01998  6   OMY B C   
255 O  ODE . OMY B 6 ? 0.14423 0.08715 0.10645 0.00662  -0.01894 0.01249  6   OMY B ODE 
262 N  N   . 3FG B 7 ? 0.15660 0.12961 0.09165 0.01408  -0.01842 0.01224  7   3FG B N   
263 O  OD1 . 3FG B 7 ? 0.13539 0.15679 0.07812 -0.00356 -0.00807 0.00527  7   3FG B OD1 
264 C  CD1 . 3FG B 7 ? 0.13439 0.15921 0.07563 0.00204  -0.00662 0.00857  7   3FG B CD1 
265 C  CG1 . 3FG B 7 ? 0.13770 0.14812 0.06864 0.00715  -0.00084 0.00363  7   3FG B CG1 
266 C  CZ  . 3FG B 7 ? 0.14173 0.18120 0.07731 0.00877  -0.00808 0.01180  7   3FG B CZ  
267 C  CD2 . 3FG B 7 ? 0.14763 0.18230 0.08025 0.02279  -0.00795 0.01194  7   3FG B CD2 
268 O  OD2 . 3FG B 7 ? 0.16111 0.20928 0.08813 0.03511  -0.01229 0.01896  7   3FG B OD2 
269 C  CG2 . 3FG B 7 ? 0.15212 0.16410 0.07568 0.01373  -0.00469 0.01278  7   3FG B CG2 
270 C  CB  . 3FG B 7 ? 0.15460 0.15304 0.07244 0.01067  -0.00211 0.01418  7   3FG B CB  
271 C  CA  . 3FG B 7 ? 0.17232 0.14498 0.08809 0.00880  -0.00776 0.02136  7   3FG B CA  
272 C  C   . 3FG B 7 ? 0.20919 0.16450 0.10091 0.00183  -0.00544 0.03187  7   3FG B C   
273 O  O   . 3FG B 7 ? 0.22301 0.15890 0.11159 0.01006  -0.01569 0.03862  7   3FG B O   
274 O  OXT . 3FG B 7 ? 0.23867 0.19976 0.10776 -0.00998 0.00444  0.02548  7   3FG B OXT 
280 C  C2  . BGC C . ? 0.15993 0.11172 0.11581 0.01094  0.00918  -0.02383 1   BGC G C2  
281 C  C3  . BGC C . ? 0.16220 0.15106 0.12286 0.01691  0.01944  -0.03024 1   BGC G C3  
282 C  C4  . BGC C . ? 0.15319 0.14266 0.13499 0.01564  0.01704  -0.03090 1   BGC G C4  
283 C  C5  . BGC C . ? 0.15248 0.11575 0.14144 0.01419  0.00637  -0.01451 1   BGC G C5  
284 C  C6  . BGC C . ? 0.17992 0.13174 0.16292 0.03431  0.00006  -0.00194 1   BGC G C6  
285 C  C1  . BGC C . ? 0.14431 0.09020 0.11284 0.00172  0.00647  -0.01747 1   BGC G C1  
286 O  O2  . BGC C . ? 0.17318 0.13033 0.10887 0.01236  -0.00214 -0.02417 1   BGC G O2  
287 O  O3  . BGC C . ? 0.18005 0.19698 0.12417 0.02144  0.02193  -0.03092 1   BGC G O3  
288 O  O4  . BGC C . ? 0.15183 0.16592 0.14843 0.01611  0.01765  -0.03123 1   BGC G O4  
289 O  O5  . BGC C . ? 0.13942 0.10171 0.12767 0.01334  0.00660  -0.01326 1   BGC G O5  
290 O  O6  . BGC C . ? 0.20198 0.13068 0.17504 0.03891  0.00558  0.00271  1   BGC G O6  
300 C  C1  . RAM C . ? 0.18534 0.15599 0.11140 0.00776  -0.01397 -0.03816 2   RAM G C1  
301 C  C2  . RAM C . ? 0.19871 0.20644 0.11895 0.01982  -0.01824 -0.02785 2   RAM G C2  
302 C  C3  . RAM C . ? 0.19076 0.20903 0.11608 0.02555  -0.01307 -0.01842 2   RAM G C3  
303 C  C4  . RAM C . ? 0.18598 0.19020 0.11671 0.01030  -0.01179 -0.02350 2   RAM G C4  
304 C  C5  . RAM C . ? 0.18601 0.16526 0.11983 -0.00409 -0.01366 -0.02491 2   RAM G C5  
305 C  C6  . RAM C . ? 0.18564 0.17410 0.12884 -0.01850 -0.01239 -0.00939 2   RAM G C6  
306 O  O2  . RAM C . ? 0.21864 0.23562 0.12633 0.02143  -0.02310 -0.03024 2   RAM G O2  
307 O  O3  . RAM C . ? 0.19623 0.23564 0.11560 0.03560  -0.00943 -0.01126 2   RAM G O3  
308 O  O4  . RAM C . ? 0.18268 0.20457 0.11680 0.01403  -0.01341 -0.02235 2   RAM G O4  
309 O  O5  . RAM C . ? 0.19045 0.14962 0.11978 -0.00412 -0.01987 -0.03638 2   RAM G O5  
320 C  C2  . BGC D . ? 0.13717 0.13878 0.10942 0.01021  0.01369  0.00916  1   BGC K C2  
321 C  C3  . BGC D . ? 0.14261 0.16329 0.11743 0.01842  0.02260  0.01004  1   BGC K C3  
322 C  C4  . BGC D . ? 0.14139 0.15579 0.13274 0.02401  0.01405  0.00902  1   BGC K C4  
323 C  C5  . BGC D . ? 0.14294 0.13208 0.13685 0.02408  0.00806  0.01483  1   BGC K C5  
324 C  C6  . BGC D . ? 0.15855 0.14799 0.15432 0.02481  0.00833  0.02375  1   BGC K C6  
325 C  C1  . BGC D . ? 0.12616 0.11440 0.11440 0.00897  0.00780  0.01539  1   BGC K C1  
326 O  O2  . BGC D . ? 0.15008 0.14516 0.10426 0.00210  0.00933  0.01240  1   BGC K O2  
327 O  O3  . BGC D . ? 0.15944 0.18717 0.11410 0.01995  0.02652  0.00963  1   BGC K O3  
328 O  O4  . BGC D . ? 0.14235 0.17863 0.13904 0.03473  0.01904  0.00286  1   BGC K O4  
329 O  O5  . BGC D . ? 0.13157 0.12261 0.12206 0.02111  0.01074  0.01024  1   BGC K O5  
330 O  O6  . BGC D . ? 0.17917 0.15100 0.16737 0.02066  0.00628  0.01871  1   BGC K O6  
340 C  C1  . RAM D . ? 0.15604 0.16777 0.10407 0.01336  0.00944  0.01582  2   RAM K C1  
341 C  C2  . RAM D . ? 0.16693 0.19148 0.11728 0.00752  0.00612  0.03230  2   RAM K C2  
342 C  C3  . RAM D . ? 0.15698 0.15866 0.12377 -0.00743 -0.00665 0.03231  2   RAM K C3  
343 C  C4  . RAM D . ? 0.14252 0.13895 0.11426 -0.00809 -0.01353 0.01507  2   RAM K C4  
344 C  C5  . RAM D . ? 0.14634 0.13239 0.10362 0.00712  -0.00371 0.00720  2   RAM K C5  
345 C  C6  . RAM D . ? 0.15505 0.14438 0.10275 0.00030  0.00054  0.00704  2   RAM K C6  
346 O  O2  . RAM D . ? 0.19133 0.23460 0.12765 0.01481  0.00602  0.03150  2   RAM K O2  
347 O  O3  . RAM D . ? 0.16603 0.16975 0.14257 -0.01964 -0.01342 0.04274  2   RAM K O3  
348 O  O4  . RAM D . ? 0.14323 0.14222 0.11823 0.00553  -0.02380 0.00797  2   RAM K O4  
349 O  O5  . RAM D . ? 0.15899 0.14738 0.10176 0.01193  0.00059  0.00353  2   RAM K O5  
360 C  C1  . MAN E . ? 0.20734 0.20197 0.17579 -0.03942 0.00310  0.05465  101 MAN A C1  
361 C  C2  . MAN E . ? 0.26114 0.21160 0.19023 -0.07130 -0.01502 0.07135  101 MAN A C2  
362 C  C3  . MAN E . ? 0.27827 0.23581 0.19657 -0.07652 -0.02505 0.07943  101 MAN A C3  
363 C  C4  . MAN E . ? 0.25862 0.28659 0.18990 -0.08735 -0.01615 0.08048  101 MAN A C4  
364 C  C5  . MAN E . ? 0.23166 0.30748 0.18518 -0.06964 -0.00312 0.06742  101 MAN A C5  
365 C  C6  . MAN E . ? 0.22716 0.35370 0.18881 -0.08058 -0.00011 0.05552  101 MAN A C6  
366 O  O2  . MAN E . ? 0.28415 0.22962 0.19628 -0.08806 -0.01856 0.07112  101 MAN A O2  
367 O  O3  . MAN E . ? 0.30770 0.22651 0.20527 -0.06432 -0.03742 0.08656  101 MAN A O3  
368 O  O4  . MAN E . ? 0.27086 0.31607 0.18986 -0.08580 -0.01888 0.08089  101 MAN A O4  
369 O  O5  . MAN E . ? 0.20972 0.27067 0.17889 -0.04602 0.00368  0.06137  101 MAN A O5  
370 O  O6  . MAN E . ? 0.22286 0.38287 0.19084 -0.08812 0.00105  0.05044  101 MAN A O6  
382 C  C1  . YBJ F . ? 0.14318 0.08633 0.09739 0.00728  -0.00334 0.00838  102 YBJ A C1  
383 C  C2  . YBJ F . ? 0.13681 0.08598 0.11912 -0.00154 -0.00774 0.01042  102 YBJ A C2  
384 C  C3  . YBJ F . ? 0.15306 0.08657 0.14546 -0.00315 -0.02361 0.00535  102 YBJ A C3  
385 C  C4  . YBJ F . ? 0.16689 0.08176 0.15380 0.00394  -0.03245 0.00386  102 YBJ A C4  
386 C  C5  . YBJ F . ? 0.15681 0.08305 0.12478 0.00452  -0.01741 0.00709  102 YBJ A C5  
387 N  N   . YBJ F . ? 0.17034 0.10503 0.15891 -0.00663 -0.03564 -0.00160 102 YBJ A N   
388 C  C   . YBJ F . ? 0.15878 0.11926 0.12943 0.00852  -0.02034 0.01100  102 YBJ A C   
389 O  O   . YBJ F . ? 0.14851 0.09488 0.09953 -0.00318 -0.00615 0.01327  102 YBJ A O   
390 C  C6  . YBJ F . ? 0.22626 0.13565 0.20128 0.03005  -0.04485 -0.01122 102 YBJ A C6  
391 O  O2  . YBJ F . ? 0.20205 0.11135 0.18601 0.03276  -0.04257 -0.01768 102 YBJ A O2  
410 CL CL  . CL  H . ? 0.22197 0.21141 0.13800 0.00495  -0.01630 -0.02323 104 CL  A CL  
411 C  C1  . MAN I . ? 0.14420 0.15914 0.07165 -0.00628 -0.00618 -0.01051 101 MAN B C1  
412 C  C2  . MAN I . ? 0.15589 0.16191 0.07373 -0.01687 -0.00289 -0.00798 101 MAN B C2  
413 C  C3  . MAN I . ? 0.16335 0.17952 0.07767 -0.01421 -0.00106 -0.00297 101 MAN B C3  
414 C  C4  . MAN I . ? 0.16390 0.19409 0.07301 -0.01201 0.00113  -0.01685 101 MAN B C4  
415 C  C5  . MAN I . ? 0.15642 0.20497 0.07574 -0.01153 -0.01006 -0.01735 101 MAN B C5  
416 C  C6  . MAN I . ? 0.17335 0.23937 0.09443 -0.00886 -0.02371 -0.01946 101 MAN B C6  
417 O  O2  . MAN I . ? 0.16660 0.17564 0.08099 -0.02726 -0.00166 -0.00702 101 MAN B O2  
418 O  O3  . MAN I . ? 0.17787 0.17975 0.09206 -0.00012 -0.00593 0.00557  101 MAN B O3  
419 O  O4  . MAN I . ? 0.18164 0.19595 0.07864 -0.00629 0.00676  -0.01758 101 MAN B O4  
420 O  O5  . MAN I . ? 0.13802 0.17976 0.07196 -0.00666 -0.00629 -0.01329 101 MAN B O5  
421 O  O6  A MAN I . ? 0.18119 0.24504 0.10166 0.00505  -0.02983 -0.02178 101 MAN B O6  
422 O  O6  B MAN I . ? 0.17919 0.25242 0.10331 -0.02170 -0.02503 -0.02075 101 MAN B O6  
437 C  C1  . YBJ J . ? 0.15910 0.08448 0.11760 0.00872  -0.02424 0.00915  102 YBJ B C1  
438 C  C2  . YBJ J . ? 0.16803 0.09405 0.12212 0.00194  -0.02841 0.02373  102 YBJ B C2  
439 C  C3  . YBJ J . ? 0.17574 0.12333 0.13362 -0.00537 -0.03184 0.03655  102 YBJ B C3  
440 C  C4  . YBJ J . ? 0.19107 0.14197 0.13938 -0.00737 -0.03088 0.05064  102 YBJ B C4  
441 C  C5  . YBJ J . ? 0.18267 0.11603 0.13508 0.00703  -0.03255 0.02867  102 YBJ B C5  
442 N  N   . YBJ J . ? 0.17062 0.14606 0.14196 -0.01669 -0.03279 0.04626  102 YBJ B N   
443 C  C   . YBJ J . ? 0.19092 0.12694 0.13965 0.01246  -0.03909 0.03041  102 YBJ B C   
444 O  O   . YBJ J . ? 0.16747 0.09395 0.12672 0.01454  -0.02667 0.01352  102 YBJ B O   
445 C  C6  . YBJ J . ? 0.22906 0.24024 0.15992 -0.00418 -0.02797 0.05310  102 YBJ B C6  
446 O  O2  . YBJ J . ? 0.21587 0.20079 0.15265 -0.00456 -0.02933 0.06502  102 YBJ B O2  
# 
